data_3IQS
# 
_entry.id   3IQS 
# 
_audit_conform.dict_name       mmcif_pdbx.dic 
_audit_conform.dict_version    5.387 
_audit_conform.dict_location   http://mmcif.pdb.org/dictionaries/ascii/mmcif_pdbx.dic 
# 
loop_
_database_2.database_id 
_database_2.database_code 
_database_2.pdbx_database_accession 
_database_2.pdbx_DOI 
PDB   3IQS         pdb_00003iqs 10.2210/pdb3iqs/pdb 
RCSB  RCSB054748   ?            ?                   
WWPDB D_1000054748 ?            ?                   
# 
loop_
_pdbx_audit_revision_history.ordinal 
_pdbx_audit_revision_history.data_content_type 
_pdbx_audit_revision_history.major_revision 
_pdbx_audit_revision_history.minor_revision 
_pdbx_audit_revision_history.revision_date 
1 'Structure model' 1 0 2009-11-10 
2 'Structure model' 1 1 2011-07-13 
3 'Structure model' 1 2 2024-02-21 
# 
_pdbx_audit_revision_details.ordinal             1 
_pdbx_audit_revision_details.revision_ordinal    1 
_pdbx_audit_revision_details.data_content_type   'Structure model' 
_pdbx_audit_revision_details.provider            repository 
_pdbx_audit_revision_details.type                'Initial release' 
_pdbx_audit_revision_details.description         ? 
_pdbx_audit_revision_details.details             ? 
# 
loop_
_pdbx_audit_revision_group.ordinal 
_pdbx_audit_revision_group.revision_ordinal 
_pdbx_audit_revision_group.data_content_type 
_pdbx_audit_revision_group.group 
1 2 'Structure model' 'Version format compliance' 
2 3 'Structure model' 'Data collection'           
3 3 'Structure model' 'Database references'       
4 3 'Structure model' 'Derived calculations'      
# 
loop_
_pdbx_audit_revision_category.ordinal 
_pdbx_audit_revision_category.revision_ordinal 
_pdbx_audit_revision_category.data_content_type 
_pdbx_audit_revision_category.category 
1 3 'Structure model' chem_comp_atom     
2 3 'Structure model' chem_comp_bond     
3 3 'Structure model' database_2         
4 3 'Structure model' struct_ref_seq_dif 
5 3 'Structure model' struct_site        
# 
loop_
_pdbx_audit_revision_item.ordinal 
_pdbx_audit_revision_item.revision_ordinal 
_pdbx_audit_revision_item.data_content_type 
_pdbx_audit_revision_item.item 
1 3 'Structure model' '_database_2.pdbx_DOI'                
2 3 'Structure model' '_database_2.pdbx_database_accession' 
3 3 'Structure model' '_struct_ref_seq_dif.details'         
4 3 'Structure model' '_struct_site.pdbx_auth_asym_id'      
5 3 'Structure model' '_struct_site.pdbx_auth_comp_id'      
6 3 'Structure model' '_struct_site.pdbx_auth_seq_id'       
# 
_pdbx_database_status.status_code                     REL 
_pdbx_database_status.entry_id                        3IQS 
_pdbx_database_status.recvd_initial_deposition_date   2009-08-20 
_pdbx_database_status.deposit_site                    RCSB 
_pdbx_database_status.process_site                    RCSB 
_pdbx_database_status.status_code_sf                  REL 
_pdbx_database_status.status_code_mr                  ? 
_pdbx_database_status.SG_entry                        ? 
_pdbx_database_status.pdb_format_compatible           Y 
_pdbx_database_status.status_code_cs                  ? 
_pdbx_database_status.status_code_nmr_data            ? 
_pdbx_database_status.methods_development_category    ? 
# 
_pdbx_database_related.db_name        PDB 
_pdbx_database_related.db_id          3E1U 
_pdbx_database_related.details        'Previous version of this entry' 
_pdbx_database_related.content_type   unspecified 
# 
loop_
_audit_author.name 
_audit_author.pdbx_ordinal 
'Holden, L.G.'     1 
'Prochnow, C.'     2 
'Chang, Y.P.'      3 
'Bransteitter, R.' 4 
'Chelico, L.'      5 
'Sen, U.'          6 
'Stevens, R.C.'    7 
'Goodman, R.F.'    8 
'Chen, X.S.'       9 
# 
_citation.id                        primary 
_citation.title                     'Crystal structure of the anti-viral APOBEC3G catalytic domain and functional implications.' 
_citation.journal_abbrev            Nature 
_citation.journal_volume            456 
_citation.page_first                121 
_citation.page_last                 124 
_citation.year                      2008 
_citation.journal_id_ASTM           NATUAS 
_citation.country                   UK 
_citation.journal_id_ISSN           0028-0836 
_citation.journal_id_CSD            0006 
_citation.book_publisher            ? 
_citation.pdbx_database_id_PubMed   18849968 
_citation.pdbx_database_id_DOI      10.1038/nature07357 
# 
loop_
_citation_author.citation_id 
_citation_author.name 
_citation_author.ordinal 
_citation_author.identifier_ORCID 
primary 'Holden, L.G.'     1 ? 
primary 'Prochnow, C.'     2 ? 
primary 'Chang, Y.P.'      3 ? 
primary 'Bransteitter, R.' 4 ? 
primary 'Chelico, L.'      5 ? 
primary 'Sen, U.'          6 ? 
primary 'Stevens, R.C.'    7 ? 
primary 'Goodman, M.F.'    8 ? 
primary 'Chen, X.S.'       9 ? 
# 
loop_
_entity.id 
_entity.type 
_entity.src_method 
_entity.pdbx_description 
_entity.formula_weight 
_entity.pdbx_number_of_molecules 
_entity.pdbx_ec 
_entity.pdbx_mutation 
_entity.pdbx_fragment 
_entity.details 
1 polymer     man 'DNA dC->dU-editing enzyme APOBEC-3G' 22087.990 1  3.5.4.- ? 'APOBEC3G Catalytic Domain (UNP residues 197-380)' 
? 
2 non-polymer syn 'ZINC ION'                            65.409    1  ?       ? ?                                                  
? 
3 water       nat water                                 18.015    28 ?       ? ?                                                  
? 
# 
_entity_name_com.entity_id   1 
_entity_name_com.name        'APOBEC-related cytidine deaminase, ARCD, APOBEC-related protein, ARP-9, CEM-15, CEM15' 
# 
_entity_poly.entity_id                      1 
_entity_poly.type                           'polypeptide(L)' 
_entity_poly.nstd_linkage                   no 
_entity_poly.nstd_monomer                   no 
_entity_poly.pdbx_seq_one_letter_code       
;GPLGSMDPPTFTFNFNNEPWVRGRHETYLCYEVERMHNDTWVLLNQRRGFLCNQAPHKHGFLEGRHAELCFLDVIPFWKL
DLDQDYRVTCFTSWSPCFSCAQEMAKFISKNKHVSLCIFTARIYDDQGRCQEGLRTLAEAGAKISIMTYSEFKHCWDTFV
DHQGCPFQPWDGLDEHSQDLSGRLRAILQ
;
_entity_poly.pdbx_seq_one_letter_code_can   
;GPLGSMDPPTFTFNFNNEPWVRGRHETYLCYEVERMHNDTWVLLNQRRGFLCNQAPHKHGFLEGRHAELCFLDVIPFWKL
DLDQDYRVTCFTSWSPCFSCAQEMAKFISKNKHVSLCIFTARIYDDQGRCQEGLRTLAEAGAKISIMTYSEFKHCWDTFV
DHQGCPFQPWDGLDEHSQDLSGRLRAILQ
;
_entity_poly.pdbx_strand_id                 A 
_entity_poly.pdbx_target_identifier         ? 
# 
loop_
_pdbx_entity_nonpoly.entity_id 
_pdbx_entity_nonpoly.name 
_pdbx_entity_nonpoly.comp_id 
2 'ZINC ION' ZN  
3 water      HOH 
# 
loop_
_entity_poly_seq.entity_id 
_entity_poly_seq.num 
_entity_poly_seq.mon_id 
_entity_poly_seq.hetero 
1 1   GLY n 
1 2   PRO n 
1 3   LEU n 
1 4   GLY n 
1 5   SER n 
1 6   MET n 
1 7   ASP n 
1 8   PRO n 
1 9   PRO n 
1 10  THR n 
1 11  PHE n 
1 12  THR n 
1 13  PHE n 
1 14  ASN n 
1 15  PHE n 
1 16  ASN n 
1 17  ASN n 
1 18  GLU n 
1 19  PRO n 
1 20  TRP n 
1 21  VAL n 
1 22  ARG n 
1 23  GLY n 
1 24  ARG n 
1 25  HIS n 
1 26  GLU n 
1 27  THR n 
1 28  TYR n 
1 29  LEU n 
1 30  CYS n 
1 31  TYR n 
1 32  GLU n 
1 33  VAL n 
1 34  GLU n 
1 35  ARG n 
1 36  MET n 
1 37  HIS n 
1 38  ASN n 
1 39  ASP n 
1 40  THR n 
1 41  TRP n 
1 42  VAL n 
1 43  LEU n 
1 44  LEU n 
1 45  ASN n 
1 46  GLN n 
1 47  ARG n 
1 48  ARG n 
1 49  GLY n 
1 50  PHE n 
1 51  LEU n 
1 52  CYS n 
1 53  ASN n 
1 54  GLN n 
1 55  ALA n 
1 56  PRO n 
1 57  HIS n 
1 58  LYS n 
1 59  HIS n 
1 60  GLY n 
1 61  PHE n 
1 62  LEU n 
1 63  GLU n 
1 64  GLY n 
1 65  ARG n 
1 66  HIS n 
1 67  ALA n 
1 68  GLU n 
1 69  LEU n 
1 70  CYS n 
1 71  PHE n 
1 72  LEU n 
1 73  ASP n 
1 74  VAL n 
1 75  ILE n 
1 76  PRO n 
1 77  PHE n 
1 78  TRP n 
1 79  LYS n 
1 80  LEU n 
1 81  ASP n 
1 82  LEU n 
1 83  ASP n 
1 84  GLN n 
1 85  ASP n 
1 86  TYR n 
1 87  ARG n 
1 88  VAL n 
1 89  THR n 
1 90  CYS n 
1 91  PHE n 
1 92  THR n 
1 93  SER n 
1 94  TRP n 
1 95  SER n 
1 96  PRO n 
1 97  CYS n 
1 98  PHE n 
1 99  SER n 
1 100 CYS n 
1 101 ALA n 
1 102 GLN n 
1 103 GLU n 
1 104 MET n 
1 105 ALA n 
1 106 LYS n 
1 107 PHE n 
1 108 ILE n 
1 109 SER n 
1 110 LYS n 
1 111 ASN n 
1 112 LYS n 
1 113 HIS n 
1 114 VAL n 
1 115 SER n 
1 116 LEU n 
1 117 CYS n 
1 118 ILE n 
1 119 PHE n 
1 120 THR n 
1 121 ALA n 
1 122 ARG n 
1 123 ILE n 
1 124 TYR n 
1 125 ASP n 
1 126 ASP n 
1 127 GLN n 
1 128 GLY n 
1 129 ARG n 
1 130 CYS n 
1 131 GLN n 
1 132 GLU n 
1 133 GLY n 
1 134 LEU n 
1 135 ARG n 
1 136 THR n 
1 137 LEU n 
1 138 ALA n 
1 139 GLU n 
1 140 ALA n 
1 141 GLY n 
1 142 ALA n 
1 143 LYS n 
1 144 ILE n 
1 145 SER n 
1 146 ILE n 
1 147 MET n 
1 148 THR n 
1 149 TYR n 
1 150 SER n 
1 151 GLU n 
1 152 PHE n 
1 153 LYS n 
1 154 HIS n 
1 155 CYS n 
1 156 TRP n 
1 157 ASP n 
1 158 THR n 
1 159 PHE n 
1 160 VAL n 
1 161 ASP n 
1 162 HIS n 
1 163 GLN n 
1 164 GLY n 
1 165 CYS n 
1 166 PRO n 
1 167 PHE n 
1 168 GLN n 
1 169 PRO n 
1 170 TRP n 
1 171 ASP n 
1 172 GLY n 
1 173 LEU n 
1 174 ASP n 
1 175 GLU n 
1 176 HIS n 
1 177 SER n 
1 178 GLN n 
1 179 ASP n 
1 180 LEU n 
1 181 SER n 
1 182 GLY n 
1 183 ARG n 
1 184 LEU n 
1 185 ARG n 
1 186 ALA n 
1 187 ILE n 
1 188 LEU n 
1 189 GLN n 
# 
_entity_src_gen.entity_id                          1 
_entity_src_gen.pdbx_src_id                        1 
_entity_src_gen.pdbx_alt_source_flag               sample 
_entity_src_gen.pdbx_seq_type                      ? 
_entity_src_gen.pdbx_beg_seq_num                   ? 
_entity_src_gen.pdbx_end_seq_num                   ? 
_entity_src_gen.gene_src_common_name               human 
_entity_src_gen.gene_src_genus                     ? 
_entity_src_gen.pdbx_gene_src_gene                 'APOBEC3G, MDS019' 
_entity_src_gen.gene_src_species                   ? 
_entity_src_gen.gene_src_strain                    ? 
_entity_src_gen.gene_src_tissue                    ? 
_entity_src_gen.gene_src_tissue_fraction           ? 
_entity_src_gen.gene_src_details                   ? 
_entity_src_gen.pdbx_gene_src_fragment             ? 
_entity_src_gen.pdbx_gene_src_scientific_name      'Homo sapiens' 
_entity_src_gen.pdbx_gene_src_ncbi_taxonomy_id     9606 
_entity_src_gen.pdbx_gene_src_variant              ? 
_entity_src_gen.pdbx_gene_src_cell_line            ? 
_entity_src_gen.pdbx_gene_src_atcc                 ? 
_entity_src_gen.pdbx_gene_src_organ                ? 
_entity_src_gen.pdbx_gene_src_organelle            ? 
_entity_src_gen.pdbx_gene_src_cell                 ? 
_entity_src_gen.pdbx_gene_src_cellular_location    ? 
_entity_src_gen.host_org_common_name               ? 
_entity_src_gen.pdbx_host_org_scientific_name      'Escherichia coli' 
_entity_src_gen.pdbx_host_org_ncbi_taxonomy_id     562 
_entity_src_gen.host_org_genus                     ? 
_entity_src_gen.pdbx_host_org_gene                 ? 
_entity_src_gen.pdbx_host_org_organ                ? 
_entity_src_gen.host_org_species                   ? 
_entity_src_gen.pdbx_host_org_tissue               ? 
_entity_src_gen.pdbx_host_org_tissue_fraction      ? 
_entity_src_gen.pdbx_host_org_strain               XA-90 
_entity_src_gen.pdbx_host_org_variant              ? 
_entity_src_gen.pdbx_host_org_cell_line            ? 
_entity_src_gen.pdbx_host_org_atcc                 ? 
_entity_src_gen.pdbx_host_org_culture_collection   ? 
_entity_src_gen.pdbx_host_org_cell                 ? 
_entity_src_gen.pdbx_host_org_organelle            ? 
_entity_src_gen.pdbx_host_org_cellular_location    ? 
_entity_src_gen.pdbx_host_org_vector_type          Plasmid 
_entity_src_gen.pdbx_host_org_vector               ? 
_entity_src_gen.host_org_details                   ? 
_entity_src_gen.expression_system_id               ? 
_entity_src_gen.plasmid_name                       pGEX6P-1 
_entity_src_gen.plasmid_details                    ? 
_entity_src_gen.pdbx_description                   ? 
# 
loop_
_chem_comp.id 
_chem_comp.type 
_chem_comp.mon_nstd_flag 
_chem_comp.name 
_chem_comp.pdbx_synonyms 
_chem_comp.formula 
_chem_comp.formula_weight 
ALA 'L-peptide linking' y ALANINE         ? 'C3 H7 N O2'     89.093  
ARG 'L-peptide linking' y ARGININE        ? 'C6 H15 N4 O2 1' 175.209 
ASN 'L-peptide linking' y ASPARAGINE      ? 'C4 H8 N2 O3'    132.118 
ASP 'L-peptide linking' y 'ASPARTIC ACID' ? 'C4 H7 N O4'     133.103 
CYS 'L-peptide linking' y CYSTEINE        ? 'C3 H7 N O2 S'   121.158 
GLN 'L-peptide linking' y GLUTAMINE       ? 'C5 H10 N2 O3'   146.144 
GLU 'L-peptide linking' y 'GLUTAMIC ACID' ? 'C5 H9 N O4'     147.129 
GLY 'peptide linking'   y GLYCINE         ? 'C2 H5 N O2'     75.067  
HIS 'L-peptide linking' y HISTIDINE       ? 'C6 H10 N3 O2 1' 156.162 
HOH non-polymer         . WATER           ? 'H2 O'           18.015  
ILE 'L-peptide linking' y ISOLEUCINE      ? 'C6 H13 N O2'    131.173 
LEU 'L-peptide linking' y LEUCINE         ? 'C6 H13 N O2'    131.173 
LYS 'L-peptide linking' y LYSINE          ? 'C6 H15 N2 O2 1' 147.195 
MET 'L-peptide linking' y METHIONINE      ? 'C5 H11 N O2 S'  149.211 
PHE 'L-peptide linking' y PHENYLALANINE   ? 'C9 H11 N O2'    165.189 
PRO 'L-peptide linking' y PROLINE         ? 'C5 H9 N O2'     115.130 
SER 'L-peptide linking' y SERINE          ? 'C3 H7 N O3'     105.093 
THR 'L-peptide linking' y THREONINE       ? 'C4 H9 N O3'     119.119 
TRP 'L-peptide linking' y TRYPTOPHAN      ? 'C11 H12 N2 O2'  204.225 
TYR 'L-peptide linking' y TYROSINE        ? 'C9 H11 N O3'    181.189 
VAL 'L-peptide linking' y VALINE          ? 'C5 H11 N O2'    117.146 
ZN  non-polymer         . 'ZINC ION'      ? 'Zn 2'           65.409  
# 
loop_
_pdbx_poly_seq_scheme.asym_id 
_pdbx_poly_seq_scheme.entity_id 
_pdbx_poly_seq_scheme.seq_id 
_pdbx_poly_seq_scheme.mon_id 
_pdbx_poly_seq_scheme.ndb_seq_num 
_pdbx_poly_seq_scheme.pdb_seq_num 
_pdbx_poly_seq_scheme.auth_seq_num 
_pdbx_poly_seq_scheme.pdb_mon_id 
_pdbx_poly_seq_scheme.auth_mon_id 
_pdbx_poly_seq_scheme.pdb_strand_id 
_pdbx_poly_seq_scheme.pdb_ins_code 
_pdbx_poly_seq_scheme.hetero 
A 1 1   GLY 1   192 ?   ?   ?   A . n 
A 1 2   PRO 2   193 ?   ?   ?   A . n 
A 1 3   LEU 3   194 ?   ?   ?   A . n 
A 1 4   GLY 4   195 ?   ?   ?   A . n 
A 1 5   SER 5   196 ?   ?   ?   A . n 
A 1 6   MET 6   197 197 MET MET A . n 
A 1 7   ASP 7   198 198 ASP ASP A . n 
A 1 8   PRO 8   199 199 PRO PRO A . n 
A 1 9   PRO 9   200 200 PRO PRO A . n 
A 1 10  THR 10  201 201 THR THR A . n 
A 1 11  PHE 11  202 202 PHE PHE A . n 
A 1 12  THR 12  203 203 THR THR A . n 
A 1 13  PHE 13  204 204 PHE PHE A . n 
A 1 14  ASN 14  205 205 ASN ASN A . n 
A 1 15  PHE 15  206 206 PHE PHE A . n 
A 1 16  ASN 16  207 207 ASN ASN A . n 
A 1 17  ASN 17  208 208 ASN ASN A . n 
A 1 18  GLU 18  209 209 GLU GLU A . n 
A 1 19  PRO 19  210 210 PRO PRO A . n 
A 1 20  TRP 20  211 211 TRP TRP A . n 
A 1 21  VAL 21  212 212 VAL VAL A . n 
A 1 22  ARG 22  213 213 ARG ARG A . n 
A 1 23  GLY 23  214 214 GLY GLY A . n 
A 1 24  ARG 24  215 215 ARG ARG A . n 
A 1 25  HIS 25  216 216 HIS HIS A . n 
A 1 26  GLU 26  217 217 GLU GLU A . n 
A 1 27  THR 27  218 218 THR THR A . n 
A 1 28  TYR 28  219 219 TYR TYR A . n 
A 1 29  LEU 29  220 220 LEU LEU A . n 
A 1 30  CYS 30  221 221 CYS CYS A . n 
A 1 31  TYR 31  222 222 TYR TYR A . n 
A 1 32  GLU 32  223 223 GLU GLU A . n 
A 1 33  VAL 33  224 224 VAL VAL A . n 
A 1 34  GLU 34  225 225 GLU GLU A . n 
A 1 35  ARG 35  226 226 ARG ARG A . n 
A 1 36  MET 36  227 227 MET MET A . n 
A 1 37  HIS 37  228 228 HIS HIS A . n 
A 1 38  ASN 38  229 229 ASN ASN A . n 
A 1 39  ASP 39  230 230 ASP ASP A . n 
A 1 40  THR 40  231 231 THR THR A . n 
A 1 41  TRP 41  232 232 TRP TRP A . n 
A 1 42  VAL 42  233 233 VAL VAL A . n 
A 1 43  LEU 43  234 234 LEU LEU A . n 
A 1 44  LEU 44  235 235 LEU LEU A . n 
A 1 45  ASN 45  236 236 ASN ASN A . n 
A 1 46  GLN 46  237 237 GLN GLN A . n 
A 1 47  ARG 47  238 238 ARG ARG A . n 
A 1 48  ARG 48  239 239 ARG ARG A . n 
A 1 49  GLY 49  240 240 GLY GLY A . n 
A 1 50  PHE 50  241 241 PHE PHE A . n 
A 1 51  LEU 51  242 242 LEU LEU A . n 
A 1 52  CYS 52  243 243 CYS CYS A . n 
A 1 53  ASN 53  244 244 ASN ASN A . n 
A 1 54  GLN 54  245 245 GLN GLN A . n 
A 1 55  ALA 55  246 246 ALA ALA A . n 
A 1 56  PRO 56  247 247 PRO PRO A . n 
A 1 57  HIS 57  248 248 HIS HIS A . n 
A 1 58  LYS 58  249 249 LYS LYS A . n 
A 1 59  HIS 59  250 250 HIS HIS A . n 
A 1 60  GLY 60  251 251 GLY GLY A . n 
A 1 61  PHE 61  252 252 PHE PHE A . n 
A 1 62  LEU 62  253 253 LEU LEU A . n 
A 1 63  GLU 63  254 254 GLU GLU A . n 
A 1 64  GLY 64  255 255 GLY GLY A . n 
A 1 65  ARG 65  256 256 ARG ARG A . n 
A 1 66  HIS 66  257 257 HIS HIS A . n 
A 1 67  ALA 67  258 258 ALA ALA A . n 
A 1 68  GLU 68  259 259 GLU GLU A . n 
A 1 69  LEU 69  260 260 LEU LEU A . n 
A 1 70  CYS 70  261 261 CYS CYS A . n 
A 1 71  PHE 71  262 262 PHE PHE A . n 
A 1 72  LEU 72  263 263 LEU LEU A . n 
A 1 73  ASP 73  264 264 ASP ASP A . n 
A 1 74  VAL 74  265 265 VAL VAL A . n 
A 1 75  ILE 75  266 266 ILE ILE A . n 
A 1 76  PRO 76  267 267 PRO PRO A . n 
A 1 77  PHE 77  268 268 PHE PHE A . n 
A 1 78  TRP 78  269 269 TRP TRP A . n 
A 1 79  LYS 79  270 270 LYS LYS A . n 
A 1 80  LEU 80  271 271 LEU LEU A . n 
A 1 81  ASP 81  272 272 ASP ASP A . n 
A 1 82  LEU 82  273 273 LEU LEU A . n 
A 1 83  ASP 83  274 274 ASP ASP A . n 
A 1 84  GLN 84  275 275 GLN GLN A . n 
A 1 85  ASP 85  276 276 ASP ASP A . n 
A 1 86  TYR 86  277 277 TYR TYR A . n 
A 1 87  ARG 87  278 278 ARG ARG A . n 
A 1 88  VAL 88  279 279 VAL VAL A . n 
A 1 89  THR 89  280 280 THR THR A . n 
A 1 90  CYS 90  281 281 CYS CYS A . n 
A 1 91  PHE 91  282 282 PHE PHE A . n 
A 1 92  THR 92  283 283 THR THR A . n 
A 1 93  SER 93  284 284 SER SER A . n 
A 1 94  TRP 94  285 285 TRP TRP A . n 
A 1 95  SER 95  286 286 SER SER A . n 
A 1 96  PRO 96  287 287 PRO PRO A . n 
A 1 97  CYS 97  288 288 CYS CYS A . n 
A 1 98  PHE 98  289 289 PHE PHE A . n 
A 1 99  SER 99  290 290 SER SER A . n 
A 1 100 CYS 100 291 291 CYS CYS A . n 
A 1 101 ALA 101 292 292 ALA ALA A . n 
A 1 102 GLN 102 293 293 GLN GLN A . n 
A 1 103 GLU 103 294 294 GLU GLU A . n 
A 1 104 MET 104 295 295 MET MET A . n 
A 1 105 ALA 105 296 296 ALA ALA A . n 
A 1 106 LYS 106 297 297 LYS LYS A . n 
A 1 107 PHE 107 298 298 PHE PHE A . n 
A 1 108 ILE 108 299 299 ILE ILE A . n 
A 1 109 SER 109 300 300 SER SER A . n 
A 1 110 LYS 110 301 301 LYS LYS A . n 
A 1 111 ASN 111 302 302 ASN ASN A . n 
A 1 112 LYS 112 303 303 LYS LYS A . n 
A 1 113 HIS 113 304 304 HIS HIS A . n 
A 1 114 VAL 114 305 305 VAL VAL A . n 
A 1 115 SER 115 306 306 SER SER A . n 
A 1 116 LEU 116 307 307 LEU LEU A . n 
A 1 117 CYS 117 308 308 CYS CYS A . n 
A 1 118 ILE 118 309 309 ILE ILE A . n 
A 1 119 PHE 119 310 310 PHE PHE A . n 
A 1 120 THR 120 311 311 THR THR A . n 
A 1 121 ALA 121 312 312 ALA ALA A . n 
A 1 122 ARG 122 313 313 ARG ARG A . n 
A 1 123 ILE 123 314 314 ILE ILE A . n 
A 1 124 TYR 124 315 315 TYR TYR A . n 
A 1 125 ASP 125 316 316 ASP ASP A . n 
A 1 126 ASP 126 317 317 ASP ASP A . n 
A 1 127 GLN 127 318 318 GLN GLN A . n 
A 1 128 GLY 128 319 319 GLY GLY A . n 
A 1 129 ARG 129 320 320 ARG ARG A . n 
A 1 130 CYS 130 321 321 CYS CYS A . n 
A 1 131 GLN 131 322 322 GLN GLN A . n 
A 1 132 GLU 132 323 323 GLU GLU A . n 
A 1 133 GLY 133 324 324 GLY GLY A . n 
A 1 134 LEU 134 325 325 LEU LEU A . n 
A 1 135 ARG 135 326 326 ARG ARG A . n 
A 1 136 THR 136 327 327 THR THR A . n 
A 1 137 LEU 137 328 328 LEU LEU A . n 
A 1 138 ALA 138 329 329 ALA ALA A . n 
A 1 139 GLU 139 330 330 GLU GLU A . n 
A 1 140 ALA 140 331 331 ALA ALA A . n 
A 1 141 GLY 141 332 332 GLY GLY A . n 
A 1 142 ALA 142 333 333 ALA ALA A . n 
A 1 143 LYS 143 334 334 LYS LYS A . n 
A 1 144 ILE 144 335 335 ILE ILE A . n 
A 1 145 SER 145 336 336 SER SER A . n 
A 1 146 ILE 146 337 337 ILE ILE A . n 
A 1 147 MET 147 338 338 MET MET A . n 
A 1 148 THR 148 339 339 THR THR A . n 
A 1 149 TYR 149 340 340 TYR TYR A . n 
A 1 150 SER 150 341 341 SER SER A . n 
A 1 151 GLU 151 342 342 GLU GLU A . n 
A 1 152 PHE 152 343 343 PHE PHE A . n 
A 1 153 LYS 153 344 344 LYS LYS A . n 
A 1 154 HIS 154 345 345 HIS HIS A . n 
A 1 155 CYS 155 346 346 CYS CYS A . n 
A 1 156 TRP 156 347 347 TRP TRP A . n 
A 1 157 ASP 157 348 348 ASP ASP A . n 
A 1 158 THR 158 349 349 THR THR A . n 
A 1 159 PHE 159 350 350 PHE PHE A . n 
A 1 160 VAL 160 351 351 VAL VAL A . n 
A 1 161 ASP 161 352 352 ASP ASP A . n 
A 1 162 HIS 162 353 353 HIS HIS A . n 
A 1 163 GLN 163 354 354 GLN GLN A . n 
A 1 164 GLY 164 355 355 GLY GLY A . n 
A 1 165 CYS 165 356 356 CYS CYS A . n 
A 1 166 PRO 166 357 357 PRO PRO A . n 
A 1 167 PHE 167 358 358 PHE PHE A . n 
A 1 168 GLN 168 359 359 GLN GLN A . n 
A 1 169 PRO 169 360 360 PRO PRO A . n 
A 1 170 TRP 170 361 361 TRP TRP A . n 
A 1 171 ASP 171 362 362 ASP ASP A . n 
A 1 172 GLY 172 363 363 GLY GLY A . n 
A 1 173 LEU 173 364 364 LEU LEU A . n 
A 1 174 ASP 174 365 365 ASP ASP A . n 
A 1 175 GLU 175 366 366 GLU GLU A . n 
A 1 176 HIS 176 367 367 HIS HIS A . n 
A 1 177 SER 177 368 368 SER SER A . n 
A 1 178 GLN 178 369 369 GLN GLN A . n 
A 1 179 ASP 179 370 370 ASP ASP A . n 
A 1 180 LEU 180 371 371 LEU LEU A . n 
A 1 181 SER 181 372 372 SER SER A . n 
A 1 182 GLY 182 373 373 GLY GLY A . n 
A 1 183 ARG 183 374 374 ARG ARG A . n 
A 1 184 LEU 184 375 375 LEU LEU A . n 
A 1 185 ARG 185 376 376 ARG ARG A . n 
A 1 186 ALA 186 377 377 ALA ALA A . n 
A 1 187 ILE 187 378 378 ILE ILE A . n 
A 1 188 LEU 188 379 379 LEU LEU A . n 
A 1 189 GLN 189 380 380 GLN GLN A . n 
# 
loop_
_pdbx_nonpoly_scheme.asym_id 
_pdbx_nonpoly_scheme.entity_id 
_pdbx_nonpoly_scheme.mon_id 
_pdbx_nonpoly_scheme.ndb_seq_num 
_pdbx_nonpoly_scheme.pdb_seq_num 
_pdbx_nonpoly_scheme.auth_seq_num 
_pdbx_nonpoly_scheme.pdb_mon_id 
_pdbx_nonpoly_scheme.auth_mon_id 
_pdbx_nonpoly_scheme.pdb_strand_id 
_pdbx_nonpoly_scheme.pdb_ins_code 
B 2 ZN  1  400 1001 ZN  ZN  A . 
C 3 HOH 1  401 1    HOH HOH A . 
C 3 HOH 2  402 2    HOH HOH A . 
C 3 HOH 3  403 3    HOH HOH A . 
C 3 HOH 4  405 5    HOH HOH A . 
C 3 HOH 5  406 6    HOH HOH A . 
C 3 HOH 6  407 7    HOH HOH A . 
C 3 HOH 7  408 8    HOH HOH A . 
C 3 HOH 8  409 9    HOH HOH A . 
C 3 HOH 9  410 10   HOH HOH A . 
C 3 HOH 10 411 11   HOH HOH A . 
C 3 HOH 11 412 12   HOH HOH A . 
C 3 HOH 12 414 14   HOH HOH A . 
C 3 HOH 13 415 15   HOH HOH A . 
C 3 HOH 14 417 17   HOH HOH A . 
C 3 HOH 15 418 18   HOH HOH A . 
C 3 HOH 16 419 19   HOH HOH A . 
C 3 HOH 17 421 21   HOH HOH A . 
C 3 HOH 18 422 22   HOH HOH A . 
C 3 HOH 19 423 23   HOH HOH A . 
C 3 HOH 20 426 26   HOH HOH A . 
C 3 HOH 21 427 27   HOH HOH A . 
C 3 HOH 22 428 28   HOH HOH A . 
C 3 HOH 23 429 29   HOH HOH A . 
C 3 HOH 24 430 30   HOH HOH A . 
C 3 HOH 25 434 34   HOH HOH A . 
C 3 HOH 26 436 36   HOH HOH A . 
C 3 HOH 27 437 37   HOH HOH A . 
C 3 HOH 28 438 38   HOH HOH A . 
# 
loop_
_software.name 
_software.classification 
_software.version 
_software.citation_id 
_software.pdbx_ordinal 
HKL-2000 'data collection' . ? 1 
SHARP    phasing           . ? 2 
CNS      refinement        . ? 3 
HKL-2000 'data reduction'  . ? 4 
HKL-2000 'data scaling'    . ? 5 
# 
_cell.entry_id           3IQS 
_cell.length_a           83.464 
_cell.length_b           57.329 
_cell.length_c           40.578 
_cell.angle_alpha        90.00 
_cell.angle_beta         96.46 
_cell.angle_gamma        90.00 
_cell.Z_PDB              4 
_cell.pdbx_unique_axis   ? 
_cell.length_a_esd       ? 
_cell.length_b_esd       ? 
_cell.length_c_esd       ? 
_cell.angle_alpha_esd    ? 
_cell.angle_beta_esd     ? 
_cell.angle_gamma_esd    ? 
# 
_symmetry.entry_id                         3IQS 
_symmetry.space_group_name_H-M             'C 1 2 1' 
_symmetry.pdbx_full_space_group_name_H-M   ? 
_symmetry.cell_setting                     ? 
_symmetry.Int_Tables_number                5 
_symmetry.space_group_name_Hall            ? 
# 
_exptl.entry_id          3IQS 
_exptl.method            'X-RAY DIFFRACTION' 
_exptl.crystals_number   ? 
# 
_exptl_crystal.id                    1 
_exptl_crystal.density_meas          ? 
_exptl_crystal.density_Matthews      2.18 
_exptl_crystal.density_percent_sol   43.67 
_exptl_crystal.description           ? 
_exptl_crystal.F_000                 ? 
_exptl_crystal.preparation           ? 
# 
_exptl_crystal_grow.crystal_id      1 
_exptl_crystal_grow.method          'VAPOR DIFFUSION, HANGING DROP' 
_exptl_crystal_grow.temp            291 
_exptl_crystal_grow.temp_details    ? 
_exptl_crystal_grow.pH              6.5 
_exptl_crystal_grow.pdbx_details    '100mM MES pH 6.5, 40% PEG 200, VAPOR DIFFUSION, HANGING DROP, temperature 291K' 
_exptl_crystal_grow.pdbx_pH_range   ? 
# 
_diffrn.id                     1 
_diffrn.ambient_temp           100 
_diffrn.ambient_temp_details   ? 
_diffrn.crystal_id             1 
# 
_diffrn_detector.diffrn_id              1 
_diffrn_detector.detector               CCD 
_diffrn_detector.type                   'ADSC QUANTUM 315' 
_diffrn_detector.pdbx_collection_date   2007-12-13 
_diffrn_detector.details                ? 
# 
_diffrn_radiation.diffrn_id                        1 
_diffrn_radiation.wavelength_id                    1 
_diffrn_radiation.pdbx_monochromatic_or_laue_m_l   M 
_diffrn_radiation.monochromator                    ? 
_diffrn_radiation.pdbx_diffrn_protocol             MAD 
_diffrn_radiation.pdbx_scattering_type             x-ray 
# 
loop_
_diffrn_radiation_wavelength.id 
_diffrn_radiation_wavelength.wavelength 
_diffrn_radiation_wavelength.wt 
1 0.9792060 1.0 
2 0.9790670 1.0 
# 
_diffrn_source.diffrn_id                   1 
_diffrn_source.source                      SYNCHROTRON 
_diffrn_source.type                        'APS BEAMLINE 19-ID' 
_diffrn_source.pdbx_synchrotron_site       APS 
_diffrn_source.pdbx_synchrotron_beamline   19-ID 
_diffrn_source.pdbx_wavelength             ? 
_diffrn_source.pdbx_wavelength_list        '0.9792060, 0.9790670' 
# 
_reflns.entry_id                     3IQS 
_reflns.observed_criterion_sigma_I   -3.0 
_reflns.observed_criterion_sigma_F   ? 
_reflns.d_resolution_low             50.0 
_reflns.d_resolution_high            2.20 
_reflns.number_obs                   17604 
_reflns.number_all                   18902 
_reflns.percent_possible_obs         93.1 
_reflns.pdbx_Rmerge_I_obs            ? 
_reflns.pdbx_Rsym_value              ? 
_reflns.pdbx_netI_over_sigmaI        ? 
_reflns.B_iso_Wilson_estimate        ? 
_reflns.pdbx_redundancy              ? 
_reflns.R_free_details               ? 
_reflns.limit_h_max                  ? 
_reflns.limit_h_min                  ? 
_reflns.limit_k_max                  ? 
_reflns.limit_k_min                  ? 
_reflns.limit_l_max                  ? 
_reflns.limit_l_min                  ? 
_reflns.observed_criterion_F_max     ? 
_reflns.observed_criterion_F_min     ? 
_reflns.pdbx_chi_squared             ? 
_reflns.pdbx_scaling_rejects         ? 
_reflns.pdbx_diffrn_id               1 
_reflns.pdbx_ordinal                 1 
# 
_reflns_shell.d_res_high             2.20 
_reflns_shell.d_res_low              2.28 
_reflns_shell.percent_possible_all   ? 
_reflns_shell.Rmerge_I_obs           ? 
_reflns_shell.pdbx_Rsym_value        ? 
_reflns_shell.meanI_over_sigI_obs    ? 
_reflns_shell.pdbx_redundancy        ? 
_reflns_shell.percent_possible_obs   ? 
_reflns_shell.number_unique_all      ? 
_reflns_shell.number_measured_all    ? 
_reflns_shell.number_measured_obs    ? 
_reflns_shell.number_unique_obs      ? 
_reflns_shell.pdbx_chi_squared       ? 
_reflns_shell.pdbx_diffrn_id         ? 
_reflns_shell.pdbx_ordinal           1 
# 
_refine.entry_id                                 3IQS 
_refine.ls_number_reflns_obs                     15669 
_refine.ls_number_reflns_all                     16598 
_refine.pdbx_ls_sigma_I                          ? 
_refine.pdbx_ls_sigma_F                          1.7 
_refine.pdbx_data_cutoff_high_absF               ? 
_refine.pdbx_data_cutoff_low_absF                ? 
_refine.pdbx_data_cutoff_high_rms_absF           ? 
_refine.ls_d_res_low                             30.0 
_refine.ls_d_res_high                            2.30 
_refine.ls_percent_reflns_obs                    ? 
_refine.ls_R_factor_obs                          0.251 
_refine.ls_R_factor_all                          ? 
_refine.ls_R_factor_R_work                       0.251 
_refine.ls_R_factor_R_free                       0.263 
_refine.ls_R_factor_R_free_error                 ? 
_refine.ls_R_factor_R_free_error_details         ? 
_refine.ls_percent_reflns_R_free                 ? 
_refine.ls_number_reflns_R_free                  1511 
_refine.ls_number_parameters                     ? 
_refine.ls_number_restraints                     ? 
_refine.occupancy_min                            ? 
_refine.occupancy_max                            ? 
_refine.correlation_coeff_Fo_to_Fc               ? 
_refine.correlation_coeff_Fo_to_Fc_free          ? 
_refine.B_iso_mean                               ? 
_refine.aniso_B[1][1]                            ? 
_refine.aniso_B[2][2]                            ? 
_refine.aniso_B[3][3]                            ? 
_refine.aniso_B[1][2]                            ? 
_refine.aniso_B[1][3]                            ? 
_refine.aniso_B[2][3]                            ? 
_refine.solvent_model_details                    ? 
_refine.solvent_model_param_ksol                 ? 
_refine.solvent_model_param_bsol                 ? 
_refine.pdbx_solvent_vdw_probe_radii             ? 
_refine.pdbx_solvent_ion_probe_radii             ? 
_refine.pdbx_solvent_shrinkage_radii             ? 
_refine.pdbx_ls_cross_valid_method               ? 
_refine.details                                  
;1. The Friedel pairs were used in phasing. 2. Authors state that the main difference between the old (3E1U, see remark 900) and this entry is that the conformation of four residues (residues 268-271) of a loop on the surface is readjusted.
;
_refine.pdbx_starting_model                      ? 
_refine.pdbx_method_to_determine_struct          MAD 
_refine.pdbx_isotropic_thermal_model             ? 
_refine.pdbx_stereochemistry_target_values       'Engh & Huber' 
_refine.pdbx_stereochem_target_val_spec_case     ? 
_refine.pdbx_R_Free_selection_details            random 
_refine.pdbx_overall_ESU_R                       ? 
_refine.pdbx_overall_ESU_R_Free                  ? 
_refine.overall_SU_ML                            ? 
_refine.overall_SU_B                             ? 
_refine.ls_redundancy_reflns_obs                 ? 
_refine.B_iso_min                                ? 
_refine.B_iso_max                                ? 
_refine.overall_SU_R_Cruickshank_DPI             ? 
_refine.overall_SU_R_free                        ? 
_refine.ls_wR_factor_R_free                      ? 
_refine.ls_wR_factor_R_work                      ? 
_refine.overall_FOM_free_R_set                   ? 
_refine.overall_FOM_work_R_set                   ? 
_refine.pdbx_overall_phase_error                 ? 
_refine.pdbx_refine_id                           'X-RAY DIFFRACTION' 
_refine.pdbx_diffrn_id                           1 
_refine.pdbx_TLS_residual_ADP_flag               ? 
_refine.pdbx_overall_SU_R_free_Cruickshank_DPI   ? 
_refine.pdbx_overall_SU_R_Blow_DPI               ? 
_refine.pdbx_overall_SU_R_free_Blow_DPI          ? 
# 
_refine_hist.pdbx_refine_id                   'X-RAY DIFFRACTION' 
_refine_hist.cycle_id                         LAST 
_refine_hist.pdbx_number_atoms_protein        1523 
_refine_hist.pdbx_number_atoms_nucleic_acid   0 
_refine_hist.pdbx_number_atoms_ligand         1 
_refine_hist.number_atoms_solvent             28 
_refine_hist.number_atoms_total               1552 
_refine_hist.d_res_high                       2.30 
_refine_hist.d_res_low                        30.0 
# 
_struct.entry_id                  3IQS 
_struct.title                     'Crystal structure of the anti-viral APOBEC3G catalytic domain' 
_struct.pdbx_model_details        ? 
_struct.pdbx_CASP_flag            ? 
_struct.pdbx_model_type_details   ? 
# 
_struct_keywords.entry_id        3IQS 
_struct_keywords.pdbx_keywords   HYDROLASE 
_struct_keywords.text            
;FIVE BETA-STRANDS SURROUNDED BY SIX ALPHA-HELICES, ALTERNATIVE SPLICING, ANTIVIRAL DEFENSE, CYTOPLASM, HOST-VIRUS INTERACTION, HYDROLASE, METAL-BINDING, NUCLEUS, POLYMORPHISM, UBL CONJUGATION, ZINC
;
# 
loop_
_struct_asym.id 
_struct_asym.pdbx_blank_PDB_chainid_flag 
_struct_asym.pdbx_modified 
_struct_asym.entity_id 
_struct_asym.details 
A N N 1 ? 
B N N 2 ? 
C N N 3 ? 
# 
_struct_ref.id                         1 
_struct_ref.db_name                    UNP 
_struct_ref.db_code                    ABC3G_HUMAN 
_struct_ref.pdbx_db_accession          Q9HC16 
_struct_ref.entity_id                  1 
_struct_ref.pdbx_seq_one_letter_code   
;MDPPTFTFNFNNEPWVRGRHETYLCYEVERMHNDTWVLLNQRRGFLCNQAPHKHGFLEGRHAELCFLDVIPFWKLDLDQD
YRVTCFTSWSPCFSCAQEMAKFISKNKHVSLCIFTARIYDDQGRCQEGLRTLAEAGAKISIMTYSEFKHCWDTFVDHQGC
PFQPWDGLDEHSQDLSGRLRAILQ
;
_struct_ref.pdbx_align_begin           197 
_struct_ref.pdbx_db_isoform            ? 
# 
_struct_ref_seq.align_id                      1 
_struct_ref_seq.ref_id                        1 
_struct_ref_seq.pdbx_PDB_id_code              3IQS 
_struct_ref_seq.pdbx_strand_id                A 
_struct_ref_seq.seq_align_beg                 6 
_struct_ref_seq.pdbx_seq_align_beg_ins_code   ? 
_struct_ref_seq.seq_align_end                 189 
_struct_ref_seq.pdbx_seq_align_end_ins_code   ? 
_struct_ref_seq.pdbx_db_accession             Q9HC16 
_struct_ref_seq.db_align_beg                  197 
_struct_ref_seq.pdbx_db_align_beg_ins_code    ? 
_struct_ref_seq.db_align_end                  380 
_struct_ref_seq.pdbx_db_align_end_ins_code    ? 
_struct_ref_seq.pdbx_auth_seq_align_beg       197 
_struct_ref_seq.pdbx_auth_seq_align_end       380 
# 
loop_
_struct_ref_seq_dif.align_id 
_struct_ref_seq_dif.pdbx_pdb_id_code 
_struct_ref_seq_dif.mon_id 
_struct_ref_seq_dif.pdbx_pdb_strand_id 
_struct_ref_seq_dif.seq_num 
_struct_ref_seq_dif.pdbx_pdb_ins_code 
_struct_ref_seq_dif.pdbx_seq_db_name 
_struct_ref_seq_dif.pdbx_seq_db_accession_code 
_struct_ref_seq_dif.db_mon_id 
_struct_ref_seq_dif.pdbx_seq_db_seq_num 
_struct_ref_seq_dif.details 
_struct_ref_seq_dif.pdbx_auth_seq_num 
_struct_ref_seq_dif.pdbx_ordinal 
1 3IQS GLY A 1 ? UNP Q9HC16 ? ? 'expression tag' 192 1 
1 3IQS PRO A 2 ? UNP Q9HC16 ? ? 'expression tag' 193 2 
1 3IQS LEU A 3 ? UNP Q9HC16 ? ? 'expression tag' 194 3 
1 3IQS GLY A 4 ? UNP Q9HC16 ? ? 'expression tag' 195 4 
1 3IQS SER A 5 ? UNP Q9HC16 ? ? 'expression tag' 196 5 
# 
_pdbx_struct_assembly.id                   1 
_pdbx_struct_assembly.details              author_and_software_defined_assembly 
_pdbx_struct_assembly.method_details       PISA 
_pdbx_struct_assembly.oligomeric_details   monomeric 
_pdbx_struct_assembly.oligomeric_count     1 
# 
_pdbx_struct_assembly_gen.assembly_id       1 
_pdbx_struct_assembly_gen.oper_expression   1 
_pdbx_struct_assembly_gen.asym_id_list      A,B,C 
# 
_pdbx_struct_oper_list.id                   1 
_pdbx_struct_oper_list.type                 'identity operation' 
_pdbx_struct_oper_list.name                 1_555 
_pdbx_struct_oper_list.symmetry_operation   x,y,z 
_pdbx_struct_oper_list.matrix[1][1]         1.0000000000 
_pdbx_struct_oper_list.matrix[1][2]         0.0000000000 
_pdbx_struct_oper_list.matrix[1][3]         0.0000000000 
_pdbx_struct_oper_list.vector[1]            0.0000000000 
_pdbx_struct_oper_list.matrix[2][1]         0.0000000000 
_pdbx_struct_oper_list.matrix[2][2]         1.0000000000 
_pdbx_struct_oper_list.matrix[2][3]         0.0000000000 
_pdbx_struct_oper_list.vector[2]            0.0000000000 
_pdbx_struct_oper_list.matrix[3][1]         0.0000000000 
_pdbx_struct_oper_list.matrix[3][2]         0.0000000000 
_pdbx_struct_oper_list.matrix[3][3]         1.0000000000 
_pdbx_struct_oper_list.vector[3]            0.0000000000 
# 
_struct_biol.id        1 
_struct_biol.details   ? 
# 
loop_
_struct_conf.conf_type_id 
_struct_conf.id 
_struct_conf.pdbx_PDB_helix_id 
_struct_conf.beg_label_comp_id 
_struct_conf.beg_label_asym_id 
_struct_conf.beg_label_seq_id 
_struct_conf.pdbx_beg_PDB_ins_code 
_struct_conf.end_label_comp_id 
_struct_conf.end_label_asym_id 
_struct_conf.end_label_seq_id 
_struct_conf.pdbx_end_PDB_ins_code 
_struct_conf.beg_auth_comp_id 
_struct_conf.beg_auth_asym_id 
_struct_conf.beg_auth_seq_id 
_struct_conf.end_auth_comp_id 
_struct_conf.end_auth_asym_id 
_struct_conf.end_auth_seq_id 
_struct_conf.pdbx_PDB_helix_class 
_struct_conf.details 
_struct_conf.pdbx_PDB_helix_length 
HELX_P HELX_P1 1 ASP A 7   ? ASN A 16  ? ASP A 198 ASN A 207 1 ? 10 
HELX_P HELX_P2 2 HIS A 66  ? ILE A 75  ? HIS A 257 ILE A 266 1 ? 10 
HELX_P HELX_P3 3 PRO A 76  ? LYS A 79  ? PRO A 267 LYS A 270 5 ? 4  
HELX_P HELX_P4 4 CYS A 97  ? LYS A 112 ? CYS A 288 LYS A 303 1 ? 16 
HELX_P HELX_P5 5 ARG A 129 ? ALA A 140 ? ARG A 320 ALA A 331 1 ? 12 
HELX_P HELX_P6 6 THR A 148 ? VAL A 160 ? THR A 339 VAL A 351 1 ? 13 
HELX_P HELX_P7 7 GLY A 172 ? GLN A 189 ? GLY A 363 GLN A 380 1 ? 18 
# 
_struct_conf_type.id          HELX_P 
_struct_conf_type.criteria    ? 
_struct_conf_type.reference   ? 
# 
loop_
_struct_conn.id 
_struct_conn.conn_type_id 
_struct_conn.pdbx_leaving_atom_flag 
_struct_conn.pdbx_PDB_id 
_struct_conn.ptnr1_label_asym_id 
_struct_conn.ptnr1_label_comp_id 
_struct_conn.ptnr1_label_seq_id 
_struct_conn.ptnr1_label_atom_id 
_struct_conn.pdbx_ptnr1_label_alt_id 
_struct_conn.pdbx_ptnr1_PDB_ins_code 
_struct_conn.pdbx_ptnr1_standard_comp_id 
_struct_conn.ptnr1_symmetry 
_struct_conn.ptnr2_label_asym_id 
_struct_conn.ptnr2_label_comp_id 
_struct_conn.ptnr2_label_seq_id 
_struct_conn.ptnr2_label_atom_id 
_struct_conn.pdbx_ptnr2_label_alt_id 
_struct_conn.pdbx_ptnr2_PDB_ins_code 
_struct_conn.ptnr1_auth_asym_id 
_struct_conn.ptnr1_auth_comp_id 
_struct_conn.ptnr1_auth_seq_id 
_struct_conn.ptnr2_auth_asym_id 
_struct_conn.ptnr2_auth_comp_id 
_struct_conn.ptnr2_auth_seq_id 
_struct_conn.ptnr2_symmetry 
_struct_conn.pdbx_ptnr3_label_atom_id 
_struct_conn.pdbx_ptnr3_label_seq_id 
_struct_conn.pdbx_ptnr3_label_comp_id 
_struct_conn.pdbx_ptnr3_label_asym_id 
_struct_conn.pdbx_ptnr3_label_alt_id 
_struct_conn.pdbx_ptnr3_PDB_ins_code 
_struct_conn.details 
_struct_conn.pdbx_dist_value 
_struct_conn.pdbx_value_order 
_struct_conn.pdbx_role 
metalc1 metalc ? ? A HIS 66  ND1 ? ? ? 1_555 B ZN . ZN ? ? A HIS 257 A ZN 400 1_555 ? ? ? ? ? ? ? 2.248 ? ? 
metalc2 metalc ? ? A CYS 97  SG  ? ? ? 1_555 B ZN . ZN ? ? A CYS 288 A ZN 400 1_555 ? ? ? ? ? ? ? 2.364 ? ? 
metalc3 metalc ? ? A CYS 100 SG  ? ? ? 1_555 B ZN . ZN ? ? A CYS 291 A ZN 400 1_555 ? ? ? ? ? ? ? 2.297 ? ? 
# 
_struct_conn_type.id          metalc 
_struct_conn_type.criteria    ? 
_struct_conn_type.reference   ? 
# 
loop_
_pdbx_struct_conn_angle.id 
_pdbx_struct_conn_angle.ptnr1_label_atom_id 
_pdbx_struct_conn_angle.ptnr1_label_alt_id 
_pdbx_struct_conn_angle.ptnr1_label_asym_id 
_pdbx_struct_conn_angle.ptnr1_label_comp_id 
_pdbx_struct_conn_angle.ptnr1_label_seq_id 
_pdbx_struct_conn_angle.ptnr1_auth_atom_id 
_pdbx_struct_conn_angle.ptnr1_auth_asym_id 
_pdbx_struct_conn_angle.ptnr1_auth_comp_id 
_pdbx_struct_conn_angle.ptnr1_auth_seq_id 
_pdbx_struct_conn_angle.ptnr1_PDB_ins_code 
_pdbx_struct_conn_angle.ptnr1_symmetry 
_pdbx_struct_conn_angle.ptnr2_label_atom_id 
_pdbx_struct_conn_angle.ptnr2_label_alt_id 
_pdbx_struct_conn_angle.ptnr2_label_asym_id 
_pdbx_struct_conn_angle.ptnr2_label_comp_id 
_pdbx_struct_conn_angle.ptnr2_label_seq_id 
_pdbx_struct_conn_angle.ptnr2_auth_atom_id 
_pdbx_struct_conn_angle.ptnr2_auth_asym_id 
_pdbx_struct_conn_angle.ptnr2_auth_comp_id 
_pdbx_struct_conn_angle.ptnr2_auth_seq_id 
_pdbx_struct_conn_angle.ptnr2_PDB_ins_code 
_pdbx_struct_conn_angle.ptnr2_symmetry 
_pdbx_struct_conn_angle.ptnr3_label_atom_id 
_pdbx_struct_conn_angle.ptnr3_label_alt_id 
_pdbx_struct_conn_angle.ptnr3_label_asym_id 
_pdbx_struct_conn_angle.ptnr3_label_comp_id 
_pdbx_struct_conn_angle.ptnr3_label_seq_id 
_pdbx_struct_conn_angle.ptnr3_auth_atom_id 
_pdbx_struct_conn_angle.ptnr3_auth_asym_id 
_pdbx_struct_conn_angle.ptnr3_auth_comp_id 
_pdbx_struct_conn_angle.ptnr3_auth_seq_id 
_pdbx_struct_conn_angle.ptnr3_PDB_ins_code 
_pdbx_struct_conn_angle.ptnr3_symmetry 
_pdbx_struct_conn_angle.value 
_pdbx_struct_conn_angle.value_esd 
1 ND1 ? A HIS 66 ? A HIS 257 ? 1_555 ZN ? B ZN . ? A ZN 400 ? 1_555 SG ? A CYS 97  ? A CYS 288 ? 1_555 115.7 ? 
2 ND1 ? A HIS 66 ? A HIS 257 ? 1_555 ZN ? B ZN . ? A ZN 400 ? 1_555 SG ? A CYS 100 ? A CYS 291 ? 1_555 111.0 ? 
3 SG  ? A CYS 97 ? A CYS 288 ? 1_555 ZN ? B ZN . ? A ZN 400 ? 1_555 SG ? A CYS 100 ? A CYS 291 ? 1_555 115.9 ? 
# 
_struct_sheet.id               A 
_struct_sheet.type             ? 
_struct_sheet.number_strands   5 
_struct_sheet.details          ? 
# 
loop_
_struct_sheet_order.sheet_id 
_struct_sheet_order.range_id_1 
_struct_sheet_order.range_id_2 
_struct_sheet_order.offset 
_struct_sheet_order.sense 
A 1 2 ? anti-parallel 
A 2 3 ? anti-parallel 
A 3 4 ? parallel      
A 4 5 ? parallel      
# 
loop_
_struct_sheet_range.sheet_id 
_struct_sheet_range.id 
_struct_sheet_range.beg_label_comp_id 
_struct_sheet_range.beg_label_asym_id 
_struct_sheet_range.beg_label_seq_id 
_struct_sheet_range.pdbx_beg_PDB_ins_code 
_struct_sheet_range.end_label_comp_id 
_struct_sheet_range.end_label_asym_id 
_struct_sheet_range.end_label_seq_id 
_struct_sheet_range.pdbx_end_PDB_ins_code 
_struct_sheet_range.beg_auth_comp_id 
_struct_sheet_range.beg_auth_asym_id 
_struct_sheet_range.beg_auth_seq_id 
_struct_sheet_range.end_auth_comp_id 
_struct_sheet_range.end_auth_asym_id 
_struct_sheet_range.end_auth_seq_id 
A 1 LEU A 44  ? CYS A 52  ? LEU A 235 CYS A 243 
A 2 TYR A 28  ? ARG A 35  ? TYR A 219 ARG A 226 
A 3 TYR A 86  ? THR A 92  ? TYR A 277 THR A 283 
A 4 VAL A 114 ? THR A 120 ? VAL A 305 THR A 311 
A 5 LYS A 143 ? ILE A 146 ? LYS A 334 ILE A 337 
# 
loop_
_pdbx_struct_sheet_hbond.sheet_id 
_pdbx_struct_sheet_hbond.range_id_1 
_pdbx_struct_sheet_hbond.range_id_2 
_pdbx_struct_sheet_hbond.range_1_label_atom_id 
_pdbx_struct_sheet_hbond.range_1_label_comp_id 
_pdbx_struct_sheet_hbond.range_1_label_asym_id 
_pdbx_struct_sheet_hbond.range_1_label_seq_id 
_pdbx_struct_sheet_hbond.range_1_PDB_ins_code 
_pdbx_struct_sheet_hbond.range_1_auth_atom_id 
_pdbx_struct_sheet_hbond.range_1_auth_comp_id 
_pdbx_struct_sheet_hbond.range_1_auth_asym_id 
_pdbx_struct_sheet_hbond.range_1_auth_seq_id 
_pdbx_struct_sheet_hbond.range_2_label_atom_id 
_pdbx_struct_sheet_hbond.range_2_label_comp_id 
_pdbx_struct_sheet_hbond.range_2_label_asym_id 
_pdbx_struct_sheet_hbond.range_2_label_seq_id 
_pdbx_struct_sheet_hbond.range_2_PDB_ins_code 
_pdbx_struct_sheet_hbond.range_2_auth_atom_id 
_pdbx_struct_sheet_hbond.range_2_auth_comp_id 
_pdbx_struct_sheet_hbond.range_2_auth_asym_id 
_pdbx_struct_sheet_hbond.range_2_auth_seq_id 
A 1 2 O GLY A 49  ? O GLY A 240 N TYR A 31  ? N TYR A 222 
A 2 3 N GLU A 34  ? N GLU A 225 O ARG A 87  ? O ARG A 278 
A 3 4 N CYS A 90  ? N CYS A 281 O PHE A 119 ? O PHE A 310 
A 4 5 N ILE A 118 ? N ILE A 309 O LYS A 143 ? O LYS A 334 
# 
_struct_site.id                   AC1 
_struct_site.pdbx_evidence_code   Software 
_struct_site.pdbx_auth_asym_id    A 
_struct_site.pdbx_auth_comp_id    ZN 
_struct_site.pdbx_auth_seq_id     400 
_struct_site.pdbx_auth_ins_code   ? 
_struct_site.pdbx_num_residues    4 
_struct_site.details              'BINDING SITE FOR RESIDUE ZN A 400' 
# 
loop_
_struct_site_gen.id 
_struct_site_gen.site_id 
_struct_site_gen.pdbx_num_res 
_struct_site_gen.label_comp_id 
_struct_site_gen.label_asym_id 
_struct_site_gen.label_seq_id 
_struct_site_gen.pdbx_auth_ins_code 
_struct_site_gen.auth_comp_id 
_struct_site_gen.auth_asym_id 
_struct_site_gen.auth_seq_id 
_struct_site_gen.label_atom_id 
_struct_site_gen.label_alt_id 
_struct_site_gen.symmetry 
_struct_site_gen.details 
1 AC1 4 HIS A 66  ? HIS A 257 . ? 1_555 ? 
2 AC1 4 CYS A 97  ? CYS A 288 . ? 1_555 ? 
3 AC1 4 CYS A 100 ? CYS A 291 . ? 1_555 ? 
4 AC1 4 HOH C .   ? HOH A 426 . ? 1_555 ? 
# 
loop_
_pdbx_validate_rmsd_angle.id 
_pdbx_validate_rmsd_angle.PDB_model_num 
_pdbx_validate_rmsd_angle.auth_atom_id_1 
_pdbx_validate_rmsd_angle.auth_asym_id_1 
_pdbx_validate_rmsd_angle.auth_comp_id_1 
_pdbx_validate_rmsd_angle.auth_seq_id_1 
_pdbx_validate_rmsd_angle.PDB_ins_code_1 
_pdbx_validate_rmsd_angle.label_alt_id_1 
_pdbx_validate_rmsd_angle.auth_atom_id_2 
_pdbx_validate_rmsd_angle.auth_asym_id_2 
_pdbx_validate_rmsd_angle.auth_comp_id_2 
_pdbx_validate_rmsd_angle.auth_seq_id_2 
_pdbx_validate_rmsd_angle.PDB_ins_code_2 
_pdbx_validate_rmsd_angle.label_alt_id_2 
_pdbx_validate_rmsd_angle.auth_atom_id_3 
_pdbx_validate_rmsd_angle.auth_asym_id_3 
_pdbx_validate_rmsd_angle.auth_comp_id_3 
_pdbx_validate_rmsd_angle.auth_seq_id_3 
_pdbx_validate_rmsd_angle.PDB_ins_code_3 
_pdbx_validate_rmsd_angle.label_alt_id_3 
_pdbx_validate_rmsd_angle.angle_value 
_pdbx_validate_rmsd_angle.angle_target_value 
_pdbx_validate_rmsd_angle.angle_deviation 
_pdbx_validate_rmsd_angle.angle_standard_deviation 
_pdbx_validate_rmsd_angle.linker_flag 
1 1 N  A ARG 313 ? ? CA A ARG 313 ? ? C  A ARG 313 ? ? 89.97 111.00 -21.03 2.70 N 
2 1 N  A ILE 314 ? ? CA A ILE 314 ? ? CB A ILE 314 ? ? 92.43 110.80 -18.37 2.30 N 
3 1 CB A TYR 315 ? ? CA A TYR 315 ? ? C  A TYR 315 ? ? 91.32 110.40 -19.08 2.00 N 
4 1 N  A TYR 315 ? ? CA A TYR 315 ? ? C  A TYR 315 ? ? 91.95 111.00 -19.05 2.70 N 
5 1 N  A ASP 316 ? ? CA A ASP 316 ? ? CB A ASP 316 ? ? 99.20 110.60 -11.40 1.80 N 
6 1 N  A ASP 316 ? ? CA A ASP 316 ? ? C  A ASP 316 ? ? 92.20 111.00 -18.80 2.70 N 
# 
loop_
_pdbx_validate_torsion.id 
_pdbx_validate_torsion.PDB_model_num 
_pdbx_validate_torsion.auth_comp_id 
_pdbx_validate_torsion.auth_asym_id 
_pdbx_validate_torsion.auth_seq_id 
_pdbx_validate_torsion.PDB_ins_code 
_pdbx_validate_torsion.label_alt_id 
_pdbx_validate_torsion.phi 
_pdbx_validate_torsion.psi 
1 1 TRP A 211 ? ? -30.00 123.62 
2 1 HIS A 228 ? ? 67.78  110.33 
3 1 LYS A 303 ? ? 65.96  -35.74 
4 1 GLN A 318 ? ? 69.50  -4.67  
# 
loop_
_pdbx_unobs_or_zero_occ_residues.id 
_pdbx_unobs_or_zero_occ_residues.PDB_model_num 
_pdbx_unobs_or_zero_occ_residues.polymer_flag 
_pdbx_unobs_or_zero_occ_residues.occupancy_flag 
_pdbx_unobs_or_zero_occ_residues.auth_asym_id 
_pdbx_unobs_or_zero_occ_residues.auth_comp_id 
_pdbx_unobs_or_zero_occ_residues.auth_seq_id 
_pdbx_unobs_or_zero_occ_residues.PDB_ins_code 
_pdbx_unobs_or_zero_occ_residues.label_asym_id 
_pdbx_unobs_or_zero_occ_residues.label_comp_id 
_pdbx_unobs_or_zero_occ_residues.label_seq_id 
1 1 Y 1 A GLY 192 ? A GLY 1 
2 1 Y 1 A PRO 193 ? A PRO 2 
3 1 Y 1 A LEU 194 ? A LEU 3 
4 1 Y 1 A GLY 195 ? A GLY 4 
5 1 Y 1 A SER 196 ? A SER 5 
# 
loop_
_chem_comp_atom.comp_id 
_chem_comp_atom.atom_id 
_chem_comp_atom.type_symbol 
_chem_comp_atom.pdbx_aromatic_flag 
_chem_comp_atom.pdbx_stereo_config 
_chem_comp_atom.pdbx_ordinal 
ALA N    N  N N 1   
ALA CA   C  N S 2   
ALA C    C  N N 3   
ALA O    O  N N 4   
ALA CB   C  N N 5   
ALA OXT  O  N N 6   
ALA H    H  N N 7   
ALA H2   H  N N 8   
ALA HA   H  N N 9   
ALA HB1  H  N N 10  
ALA HB2  H  N N 11  
ALA HB3  H  N N 12  
ALA HXT  H  N N 13  
ARG N    N  N N 14  
ARG CA   C  N S 15  
ARG C    C  N N 16  
ARG O    O  N N 17  
ARG CB   C  N N 18  
ARG CG   C  N N 19  
ARG CD   C  N N 20  
ARG NE   N  N N 21  
ARG CZ   C  N N 22  
ARG NH1  N  N N 23  
ARG NH2  N  N N 24  
ARG OXT  O  N N 25  
ARG H    H  N N 26  
ARG H2   H  N N 27  
ARG HA   H  N N 28  
ARG HB2  H  N N 29  
ARG HB3  H  N N 30  
ARG HG2  H  N N 31  
ARG HG3  H  N N 32  
ARG HD2  H  N N 33  
ARG HD3  H  N N 34  
ARG HE   H  N N 35  
ARG HH11 H  N N 36  
ARG HH12 H  N N 37  
ARG HH21 H  N N 38  
ARG HH22 H  N N 39  
ARG HXT  H  N N 40  
ASN N    N  N N 41  
ASN CA   C  N S 42  
ASN C    C  N N 43  
ASN O    O  N N 44  
ASN CB   C  N N 45  
ASN CG   C  N N 46  
ASN OD1  O  N N 47  
ASN ND2  N  N N 48  
ASN OXT  O  N N 49  
ASN H    H  N N 50  
ASN H2   H  N N 51  
ASN HA   H  N N 52  
ASN HB2  H  N N 53  
ASN HB3  H  N N 54  
ASN HD21 H  N N 55  
ASN HD22 H  N N 56  
ASN HXT  H  N N 57  
ASP N    N  N N 58  
ASP CA   C  N S 59  
ASP C    C  N N 60  
ASP O    O  N N 61  
ASP CB   C  N N 62  
ASP CG   C  N N 63  
ASP OD1  O  N N 64  
ASP OD2  O  N N 65  
ASP OXT  O  N N 66  
ASP H    H  N N 67  
ASP H2   H  N N 68  
ASP HA   H  N N 69  
ASP HB2  H  N N 70  
ASP HB3  H  N N 71  
ASP HD2  H  N N 72  
ASP HXT  H  N N 73  
CYS N    N  N N 74  
CYS CA   C  N R 75  
CYS C    C  N N 76  
CYS O    O  N N 77  
CYS CB   C  N N 78  
CYS SG   S  N N 79  
CYS OXT  O  N N 80  
CYS H    H  N N 81  
CYS H2   H  N N 82  
CYS HA   H  N N 83  
CYS HB2  H  N N 84  
CYS HB3  H  N N 85  
CYS HG   H  N N 86  
CYS HXT  H  N N 87  
GLN N    N  N N 88  
GLN CA   C  N S 89  
GLN C    C  N N 90  
GLN O    O  N N 91  
GLN CB   C  N N 92  
GLN CG   C  N N 93  
GLN CD   C  N N 94  
GLN OE1  O  N N 95  
GLN NE2  N  N N 96  
GLN OXT  O  N N 97  
GLN H    H  N N 98  
GLN H2   H  N N 99  
GLN HA   H  N N 100 
GLN HB2  H  N N 101 
GLN HB3  H  N N 102 
GLN HG2  H  N N 103 
GLN HG3  H  N N 104 
GLN HE21 H  N N 105 
GLN HE22 H  N N 106 
GLN HXT  H  N N 107 
GLU N    N  N N 108 
GLU CA   C  N S 109 
GLU C    C  N N 110 
GLU O    O  N N 111 
GLU CB   C  N N 112 
GLU CG   C  N N 113 
GLU CD   C  N N 114 
GLU OE1  O  N N 115 
GLU OE2  O  N N 116 
GLU OXT  O  N N 117 
GLU H    H  N N 118 
GLU H2   H  N N 119 
GLU HA   H  N N 120 
GLU HB2  H  N N 121 
GLU HB3  H  N N 122 
GLU HG2  H  N N 123 
GLU HG3  H  N N 124 
GLU HE2  H  N N 125 
GLU HXT  H  N N 126 
GLY N    N  N N 127 
GLY CA   C  N N 128 
GLY C    C  N N 129 
GLY O    O  N N 130 
GLY OXT  O  N N 131 
GLY H    H  N N 132 
GLY H2   H  N N 133 
GLY HA2  H  N N 134 
GLY HA3  H  N N 135 
GLY HXT  H  N N 136 
HIS N    N  N N 137 
HIS CA   C  N S 138 
HIS C    C  N N 139 
HIS O    O  N N 140 
HIS CB   C  N N 141 
HIS CG   C  Y N 142 
HIS ND1  N  Y N 143 
HIS CD2  C  Y N 144 
HIS CE1  C  Y N 145 
HIS NE2  N  Y N 146 
HIS OXT  O  N N 147 
HIS H    H  N N 148 
HIS H2   H  N N 149 
HIS HA   H  N N 150 
HIS HB2  H  N N 151 
HIS HB3  H  N N 152 
HIS HD1  H  N N 153 
HIS HD2  H  N N 154 
HIS HE1  H  N N 155 
HIS HE2  H  N N 156 
HIS HXT  H  N N 157 
HOH O    O  N N 158 
HOH H1   H  N N 159 
HOH H2   H  N N 160 
ILE N    N  N N 161 
ILE CA   C  N S 162 
ILE C    C  N N 163 
ILE O    O  N N 164 
ILE CB   C  N S 165 
ILE CG1  C  N N 166 
ILE CG2  C  N N 167 
ILE CD1  C  N N 168 
ILE OXT  O  N N 169 
ILE H    H  N N 170 
ILE H2   H  N N 171 
ILE HA   H  N N 172 
ILE HB   H  N N 173 
ILE HG12 H  N N 174 
ILE HG13 H  N N 175 
ILE HG21 H  N N 176 
ILE HG22 H  N N 177 
ILE HG23 H  N N 178 
ILE HD11 H  N N 179 
ILE HD12 H  N N 180 
ILE HD13 H  N N 181 
ILE HXT  H  N N 182 
LEU N    N  N N 183 
LEU CA   C  N S 184 
LEU C    C  N N 185 
LEU O    O  N N 186 
LEU CB   C  N N 187 
LEU CG   C  N N 188 
LEU CD1  C  N N 189 
LEU CD2  C  N N 190 
LEU OXT  O  N N 191 
LEU H    H  N N 192 
LEU H2   H  N N 193 
LEU HA   H  N N 194 
LEU HB2  H  N N 195 
LEU HB3  H  N N 196 
LEU HG   H  N N 197 
LEU HD11 H  N N 198 
LEU HD12 H  N N 199 
LEU HD13 H  N N 200 
LEU HD21 H  N N 201 
LEU HD22 H  N N 202 
LEU HD23 H  N N 203 
LEU HXT  H  N N 204 
LYS N    N  N N 205 
LYS CA   C  N S 206 
LYS C    C  N N 207 
LYS O    O  N N 208 
LYS CB   C  N N 209 
LYS CG   C  N N 210 
LYS CD   C  N N 211 
LYS CE   C  N N 212 
LYS NZ   N  N N 213 
LYS OXT  O  N N 214 
LYS H    H  N N 215 
LYS H2   H  N N 216 
LYS HA   H  N N 217 
LYS HB2  H  N N 218 
LYS HB3  H  N N 219 
LYS HG2  H  N N 220 
LYS HG3  H  N N 221 
LYS HD2  H  N N 222 
LYS HD3  H  N N 223 
LYS HE2  H  N N 224 
LYS HE3  H  N N 225 
LYS HZ1  H  N N 226 
LYS HZ2  H  N N 227 
LYS HZ3  H  N N 228 
LYS HXT  H  N N 229 
MET N    N  N N 230 
MET CA   C  N S 231 
MET C    C  N N 232 
MET O    O  N N 233 
MET CB   C  N N 234 
MET CG   C  N N 235 
MET SD   S  N N 236 
MET CE   C  N N 237 
MET OXT  O  N N 238 
MET H    H  N N 239 
MET H2   H  N N 240 
MET HA   H  N N 241 
MET HB2  H  N N 242 
MET HB3  H  N N 243 
MET HG2  H  N N 244 
MET HG3  H  N N 245 
MET HE1  H  N N 246 
MET HE2  H  N N 247 
MET HE3  H  N N 248 
MET HXT  H  N N 249 
PHE N    N  N N 250 
PHE CA   C  N S 251 
PHE C    C  N N 252 
PHE O    O  N N 253 
PHE CB   C  N N 254 
PHE CG   C  Y N 255 
PHE CD1  C  Y N 256 
PHE CD2  C  Y N 257 
PHE CE1  C  Y N 258 
PHE CE2  C  Y N 259 
PHE CZ   C  Y N 260 
PHE OXT  O  N N 261 
PHE H    H  N N 262 
PHE H2   H  N N 263 
PHE HA   H  N N 264 
PHE HB2  H  N N 265 
PHE HB3  H  N N 266 
PHE HD1  H  N N 267 
PHE HD2  H  N N 268 
PHE HE1  H  N N 269 
PHE HE2  H  N N 270 
PHE HZ   H  N N 271 
PHE HXT  H  N N 272 
PRO N    N  N N 273 
PRO CA   C  N S 274 
PRO C    C  N N 275 
PRO O    O  N N 276 
PRO CB   C  N N 277 
PRO CG   C  N N 278 
PRO CD   C  N N 279 
PRO OXT  O  N N 280 
PRO H    H  N N 281 
PRO HA   H  N N 282 
PRO HB2  H  N N 283 
PRO HB3  H  N N 284 
PRO HG2  H  N N 285 
PRO HG3  H  N N 286 
PRO HD2  H  N N 287 
PRO HD3  H  N N 288 
PRO HXT  H  N N 289 
SER N    N  N N 290 
SER CA   C  N S 291 
SER C    C  N N 292 
SER O    O  N N 293 
SER CB   C  N N 294 
SER OG   O  N N 295 
SER OXT  O  N N 296 
SER H    H  N N 297 
SER H2   H  N N 298 
SER HA   H  N N 299 
SER HB2  H  N N 300 
SER HB3  H  N N 301 
SER HG   H  N N 302 
SER HXT  H  N N 303 
THR N    N  N N 304 
THR CA   C  N S 305 
THR C    C  N N 306 
THR O    O  N N 307 
THR CB   C  N R 308 
THR OG1  O  N N 309 
THR CG2  C  N N 310 
THR OXT  O  N N 311 
THR H    H  N N 312 
THR H2   H  N N 313 
THR HA   H  N N 314 
THR HB   H  N N 315 
THR HG1  H  N N 316 
THR HG21 H  N N 317 
THR HG22 H  N N 318 
THR HG23 H  N N 319 
THR HXT  H  N N 320 
TRP N    N  N N 321 
TRP CA   C  N S 322 
TRP C    C  N N 323 
TRP O    O  N N 324 
TRP CB   C  N N 325 
TRP CG   C  Y N 326 
TRP CD1  C  Y N 327 
TRP CD2  C  Y N 328 
TRP NE1  N  Y N 329 
TRP CE2  C  Y N 330 
TRP CE3  C  Y N 331 
TRP CZ2  C  Y N 332 
TRP CZ3  C  Y N 333 
TRP CH2  C  Y N 334 
TRP OXT  O  N N 335 
TRP H    H  N N 336 
TRP H2   H  N N 337 
TRP HA   H  N N 338 
TRP HB2  H  N N 339 
TRP HB3  H  N N 340 
TRP HD1  H  N N 341 
TRP HE1  H  N N 342 
TRP HE3  H  N N 343 
TRP HZ2  H  N N 344 
TRP HZ3  H  N N 345 
TRP HH2  H  N N 346 
TRP HXT  H  N N 347 
TYR N    N  N N 348 
TYR CA   C  N S 349 
TYR C    C  N N 350 
TYR O    O  N N 351 
TYR CB   C  N N 352 
TYR CG   C  Y N 353 
TYR CD1  C  Y N 354 
TYR CD2  C  Y N 355 
TYR CE1  C  Y N 356 
TYR CE2  C  Y N 357 
TYR CZ   C  Y N 358 
TYR OH   O  N N 359 
TYR OXT  O  N N 360 
TYR H    H  N N 361 
TYR H2   H  N N 362 
TYR HA   H  N N 363 
TYR HB2  H  N N 364 
TYR HB3  H  N N 365 
TYR HD1  H  N N 366 
TYR HD2  H  N N 367 
TYR HE1  H  N N 368 
TYR HE2  H  N N 369 
TYR HH   H  N N 370 
TYR HXT  H  N N 371 
VAL N    N  N N 372 
VAL CA   C  N S 373 
VAL C    C  N N 374 
VAL O    O  N N 375 
VAL CB   C  N N 376 
VAL CG1  C  N N 377 
VAL CG2  C  N N 378 
VAL OXT  O  N N 379 
VAL H    H  N N 380 
VAL H2   H  N N 381 
VAL HA   H  N N 382 
VAL HB   H  N N 383 
VAL HG11 H  N N 384 
VAL HG12 H  N N 385 
VAL HG13 H  N N 386 
VAL HG21 H  N N 387 
VAL HG22 H  N N 388 
VAL HG23 H  N N 389 
VAL HXT  H  N N 390 
ZN  ZN   ZN N N 391 
# 
loop_
_chem_comp_bond.comp_id 
_chem_comp_bond.atom_id_1 
_chem_comp_bond.atom_id_2 
_chem_comp_bond.value_order 
_chem_comp_bond.pdbx_aromatic_flag 
_chem_comp_bond.pdbx_stereo_config 
_chem_comp_bond.pdbx_ordinal 
ALA N   CA   sing N N 1   
ALA N   H    sing N N 2   
ALA N   H2   sing N N 3   
ALA CA  C    sing N N 4   
ALA CA  CB   sing N N 5   
ALA CA  HA   sing N N 6   
ALA C   O    doub N N 7   
ALA C   OXT  sing N N 8   
ALA CB  HB1  sing N N 9   
ALA CB  HB2  sing N N 10  
ALA CB  HB3  sing N N 11  
ALA OXT HXT  sing N N 12  
ARG N   CA   sing N N 13  
ARG N   H    sing N N 14  
ARG N   H2   sing N N 15  
ARG CA  C    sing N N 16  
ARG CA  CB   sing N N 17  
ARG CA  HA   sing N N 18  
ARG C   O    doub N N 19  
ARG C   OXT  sing N N 20  
ARG CB  CG   sing N N 21  
ARG CB  HB2  sing N N 22  
ARG CB  HB3  sing N N 23  
ARG CG  CD   sing N N 24  
ARG CG  HG2  sing N N 25  
ARG CG  HG3  sing N N 26  
ARG CD  NE   sing N N 27  
ARG CD  HD2  sing N N 28  
ARG CD  HD3  sing N N 29  
ARG NE  CZ   sing N N 30  
ARG NE  HE   sing N N 31  
ARG CZ  NH1  sing N N 32  
ARG CZ  NH2  doub N N 33  
ARG NH1 HH11 sing N N 34  
ARG NH1 HH12 sing N N 35  
ARG NH2 HH21 sing N N 36  
ARG NH2 HH22 sing N N 37  
ARG OXT HXT  sing N N 38  
ASN N   CA   sing N N 39  
ASN N   H    sing N N 40  
ASN N   H2   sing N N 41  
ASN CA  C    sing N N 42  
ASN CA  CB   sing N N 43  
ASN CA  HA   sing N N 44  
ASN C   O    doub N N 45  
ASN C   OXT  sing N N 46  
ASN CB  CG   sing N N 47  
ASN CB  HB2  sing N N 48  
ASN CB  HB3  sing N N 49  
ASN CG  OD1  doub N N 50  
ASN CG  ND2  sing N N 51  
ASN ND2 HD21 sing N N 52  
ASN ND2 HD22 sing N N 53  
ASN OXT HXT  sing N N 54  
ASP N   CA   sing N N 55  
ASP N   H    sing N N 56  
ASP N   H2   sing N N 57  
ASP CA  C    sing N N 58  
ASP CA  CB   sing N N 59  
ASP CA  HA   sing N N 60  
ASP C   O    doub N N 61  
ASP C   OXT  sing N N 62  
ASP CB  CG   sing N N 63  
ASP CB  HB2  sing N N 64  
ASP CB  HB3  sing N N 65  
ASP CG  OD1  doub N N 66  
ASP CG  OD2  sing N N 67  
ASP OD2 HD2  sing N N 68  
ASP OXT HXT  sing N N 69  
CYS N   CA   sing N N 70  
CYS N   H    sing N N 71  
CYS N   H2   sing N N 72  
CYS CA  C    sing N N 73  
CYS CA  CB   sing N N 74  
CYS CA  HA   sing N N 75  
CYS C   O    doub N N 76  
CYS C   OXT  sing N N 77  
CYS CB  SG   sing N N 78  
CYS CB  HB2  sing N N 79  
CYS CB  HB3  sing N N 80  
CYS SG  HG   sing N N 81  
CYS OXT HXT  sing N N 82  
GLN N   CA   sing N N 83  
GLN N   H    sing N N 84  
GLN N   H2   sing N N 85  
GLN CA  C    sing N N 86  
GLN CA  CB   sing N N 87  
GLN CA  HA   sing N N 88  
GLN C   O    doub N N 89  
GLN C   OXT  sing N N 90  
GLN CB  CG   sing N N 91  
GLN CB  HB2  sing N N 92  
GLN CB  HB3  sing N N 93  
GLN CG  CD   sing N N 94  
GLN CG  HG2  sing N N 95  
GLN CG  HG3  sing N N 96  
GLN CD  OE1  doub N N 97  
GLN CD  NE2  sing N N 98  
GLN NE2 HE21 sing N N 99  
GLN NE2 HE22 sing N N 100 
GLN OXT HXT  sing N N 101 
GLU N   CA   sing N N 102 
GLU N   H    sing N N 103 
GLU N   H2   sing N N 104 
GLU CA  C    sing N N 105 
GLU CA  CB   sing N N 106 
GLU CA  HA   sing N N 107 
GLU C   O    doub N N 108 
GLU C   OXT  sing N N 109 
GLU CB  CG   sing N N 110 
GLU CB  HB2  sing N N 111 
GLU CB  HB3  sing N N 112 
GLU CG  CD   sing N N 113 
GLU CG  HG2  sing N N 114 
GLU CG  HG3  sing N N 115 
GLU CD  OE1  doub N N 116 
GLU CD  OE2  sing N N 117 
GLU OE2 HE2  sing N N 118 
GLU OXT HXT  sing N N 119 
GLY N   CA   sing N N 120 
GLY N   H    sing N N 121 
GLY N   H2   sing N N 122 
GLY CA  C    sing N N 123 
GLY CA  HA2  sing N N 124 
GLY CA  HA3  sing N N 125 
GLY C   O    doub N N 126 
GLY C   OXT  sing N N 127 
GLY OXT HXT  sing N N 128 
HIS N   CA   sing N N 129 
HIS N   H    sing N N 130 
HIS N   H2   sing N N 131 
HIS CA  C    sing N N 132 
HIS CA  CB   sing N N 133 
HIS CA  HA   sing N N 134 
HIS C   O    doub N N 135 
HIS C   OXT  sing N N 136 
HIS CB  CG   sing N N 137 
HIS CB  HB2  sing N N 138 
HIS CB  HB3  sing N N 139 
HIS CG  ND1  sing Y N 140 
HIS CG  CD2  doub Y N 141 
HIS ND1 CE1  doub Y N 142 
HIS ND1 HD1  sing N N 143 
HIS CD2 NE2  sing Y N 144 
HIS CD2 HD2  sing N N 145 
HIS CE1 NE2  sing Y N 146 
HIS CE1 HE1  sing N N 147 
HIS NE2 HE2  sing N N 148 
HIS OXT HXT  sing N N 149 
HOH O   H1   sing N N 150 
HOH O   H2   sing N N 151 
ILE N   CA   sing N N 152 
ILE N   H    sing N N 153 
ILE N   H2   sing N N 154 
ILE CA  C    sing N N 155 
ILE CA  CB   sing N N 156 
ILE CA  HA   sing N N 157 
ILE C   O    doub N N 158 
ILE C   OXT  sing N N 159 
ILE CB  CG1  sing N N 160 
ILE CB  CG2  sing N N 161 
ILE CB  HB   sing N N 162 
ILE CG1 CD1  sing N N 163 
ILE CG1 HG12 sing N N 164 
ILE CG1 HG13 sing N N 165 
ILE CG2 HG21 sing N N 166 
ILE CG2 HG22 sing N N 167 
ILE CG2 HG23 sing N N 168 
ILE CD1 HD11 sing N N 169 
ILE CD1 HD12 sing N N 170 
ILE CD1 HD13 sing N N 171 
ILE OXT HXT  sing N N 172 
LEU N   CA   sing N N 173 
LEU N   H    sing N N 174 
LEU N   H2   sing N N 175 
LEU CA  C    sing N N 176 
LEU CA  CB   sing N N 177 
LEU CA  HA   sing N N 178 
LEU C   O    doub N N 179 
LEU C   OXT  sing N N 180 
LEU CB  CG   sing N N 181 
LEU CB  HB2  sing N N 182 
LEU CB  HB3  sing N N 183 
LEU CG  CD1  sing N N 184 
LEU CG  CD2  sing N N 185 
LEU CG  HG   sing N N 186 
LEU CD1 HD11 sing N N 187 
LEU CD1 HD12 sing N N 188 
LEU CD1 HD13 sing N N 189 
LEU CD2 HD21 sing N N 190 
LEU CD2 HD22 sing N N 191 
LEU CD2 HD23 sing N N 192 
LEU OXT HXT  sing N N 193 
LYS N   CA   sing N N 194 
LYS N   H    sing N N 195 
LYS N   H2   sing N N 196 
LYS CA  C    sing N N 197 
LYS CA  CB   sing N N 198 
LYS CA  HA   sing N N 199 
LYS C   O    doub N N 200 
LYS C   OXT  sing N N 201 
LYS CB  CG   sing N N 202 
LYS CB  HB2  sing N N 203 
LYS CB  HB3  sing N N 204 
LYS CG  CD   sing N N 205 
LYS CG  HG2  sing N N 206 
LYS CG  HG3  sing N N 207 
LYS CD  CE   sing N N 208 
LYS CD  HD2  sing N N 209 
LYS CD  HD3  sing N N 210 
LYS CE  NZ   sing N N 211 
LYS CE  HE2  sing N N 212 
LYS CE  HE3  sing N N 213 
LYS NZ  HZ1  sing N N 214 
LYS NZ  HZ2  sing N N 215 
LYS NZ  HZ3  sing N N 216 
LYS OXT HXT  sing N N 217 
MET N   CA   sing N N 218 
MET N   H    sing N N 219 
MET N   H2   sing N N 220 
MET CA  C    sing N N 221 
MET CA  CB   sing N N 222 
MET CA  HA   sing N N 223 
MET C   O    doub N N 224 
MET C   OXT  sing N N 225 
MET CB  CG   sing N N 226 
MET CB  HB2  sing N N 227 
MET CB  HB3  sing N N 228 
MET CG  SD   sing N N 229 
MET CG  HG2  sing N N 230 
MET CG  HG3  sing N N 231 
MET SD  CE   sing N N 232 
MET CE  HE1  sing N N 233 
MET CE  HE2  sing N N 234 
MET CE  HE3  sing N N 235 
MET OXT HXT  sing N N 236 
PHE N   CA   sing N N 237 
PHE N   H    sing N N 238 
PHE N   H2   sing N N 239 
PHE CA  C    sing N N 240 
PHE CA  CB   sing N N 241 
PHE CA  HA   sing N N 242 
PHE C   O    doub N N 243 
PHE C   OXT  sing N N 244 
PHE CB  CG   sing N N 245 
PHE CB  HB2  sing N N 246 
PHE CB  HB3  sing N N 247 
PHE CG  CD1  doub Y N 248 
PHE CG  CD2  sing Y N 249 
PHE CD1 CE1  sing Y N 250 
PHE CD1 HD1  sing N N 251 
PHE CD2 CE2  doub Y N 252 
PHE CD2 HD2  sing N N 253 
PHE CE1 CZ   doub Y N 254 
PHE CE1 HE1  sing N N 255 
PHE CE2 CZ   sing Y N 256 
PHE CE2 HE2  sing N N 257 
PHE CZ  HZ   sing N N 258 
PHE OXT HXT  sing N N 259 
PRO N   CA   sing N N 260 
PRO N   CD   sing N N 261 
PRO N   H    sing N N 262 
PRO CA  C    sing N N 263 
PRO CA  CB   sing N N 264 
PRO CA  HA   sing N N 265 
PRO C   O    doub N N 266 
PRO C   OXT  sing N N 267 
PRO CB  CG   sing N N 268 
PRO CB  HB2  sing N N 269 
PRO CB  HB3  sing N N 270 
PRO CG  CD   sing N N 271 
PRO CG  HG2  sing N N 272 
PRO CG  HG3  sing N N 273 
PRO CD  HD2  sing N N 274 
PRO CD  HD3  sing N N 275 
PRO OXT HXT  sing N N 276 
SER N   CA   sing N N 277 
SER N   H    sing N N 278 
SER N   H2   sing N N 279 
SER CA  C    sing N N 280 
SER CA  CB   sing N N 281 
SER CA  HA   sing N N 282 
SER C   O    doub N N 283 
SER C   OXT  sing N N 284 
SER CB  OG   sing N N 285 
SER CB  HB2  sing N N 286 
SER CB  HB3  sing N N 287 
SER OG  HG   sing N N 288 
SER OXT HXT  sing N N 289 
THR N   CA   sing N N 290 
THR N   H    sing N N 291 
THR N   H2   sing N N 292 
THR CA  C    sing N N 293 
THR CA  CB   sing N N 294 
THR CA  HA   sing N N 295 
THR C   O    doub N N 296 
THR C   OXT  sing N N 297 
THR CB  OG1  sing N N 298 
THR CB  CG2  sing N N 299 
THR CB  HB   sing N N 300 
THR OG1 HG1  sing N N 301 
THR CG2 HG21 sing N N 302 
THR CG2 HG22 sing N N 303 
THR CG2 HG23 sing N N 304 
THR OXT HXT  sing N N 305 
TRP N   CA   sing N N 306 
TRP N   H    sing N N 307 
TRP N   H2   sing N N 308 
TRP CA  C    sing N N 309 
TRP CA  CB   sing N N 310 
TRP CA  HA   sing N N 311 
TRP C   O    doub N N 312 
TRP C   OXT  sing N N 313 
TRP CB  CG   sing N N 314 
TRP CB  HB2  sing N N 315 
TRP CB  HB3  sing N N 316 
TRP CG  CD1  doub Y N 317 
TRP CG  CD2  sing Y N 318 
TRP CD1 NE1  sing Y N 319 
TRP CD1 HD1  sing N N 320 
TRP CD2 CE2  doub Y N 321 
TRP CD2 CE3  sing Y N 322 
TRP NE1 CE2  sing Y N 323 
TRP NE1 HE1  sing N N 324 
TRP CE2 CZ2  sing Y N 325 
TRP CE3 CZ3  doub Y N 326 
TRP CE3 HE3  sing N N 327 
TRP CZ2 CH2  doub Y N 328 
TRP CZ2 HZ2  sing N N 329 
TRP CZ3 CH2  sing Y N 330 
TRP CZ3 HZ3  sing N N 331 
TRP CH2 HH2  sing N N 332 
TRP OXT HXT  sing N N 333 
TYR N   CA   sing N N 334 
TYR N   H    sing N N 335 
TYR N   H2   sing N N 336 
TYR CA  C    sing N N 337 
TYR CA  CB   sing N N 338 
TYR CA  HA   sing N N 339 
TYR C   O    doub N N 340 
TYR C   OXT  sing N N 341 
TYR CB  CG   sing N N 342 
TYR CB  HB2  sing N N 343 
TYR CB  HB3  sing N N 344 
TYR CG  CD1  doub Y N 345 
TYR CG  CD2  sing Y N 346 
TYR CD1 CE1  sing Y N 347 
TYR CD1 HD1  sing N N 348 
TYR CD2 CE2  doub Y N 349 
TYR CD2 HD2  sing N N 350 
TYR CE1 CZ   doub Y N 351 
TYR CE1 HE1  sing N N 352 
TYR CE2 CZ   sing Y N 353 
TYR CE2 HE2  sing N N 354 
TYR CZ  OH   sing N N 355 
TYR OH  HH   sing N N 356 
TYR OXT HXT  sing N N 357 
VAL N   CA   sing N N 358 
VAL N   H    sing N N 359 
VAL N   H2   sing N N 360 
VAL CA  C    sing N N 361 
VAL CA  CB   sing N N 362 
VAL CA  HA   sing N N 363 
VAL C   O    doub N N 364 
VAL C   OXT  sing N N 365 
VAL CB  CG1  sing N N 366 
VAL CB  CG2  sing N N 367 
VAL CB  HB   sing N N 368 
VAL CG1 HG11 sing N N 369 
VAL CG1 HG12 sing N N 370 
VAL CG1 HG13 sing N N 371 
VAL CG2 HG21 sing N N 372 
VAL CG2 HG22 sing N N 373 
VAL CG2 HG23 sing N N 374 
VAL OXT HXT  sing N N 375 
# 
_atom_sites.entry_id                    3IQS 
_atom_sites.fract_transf_matrix[1][1]   0.01166160 
_atom_sites.fract_transf_matrix[1][2]   -0.00071199 
_atom_sites.fract_transf_matrix[1][3]   -0.00298092 
_atom_sites.fract_transf_matrix[2][1]   -0.00443231 
_atom_sites.fract_transf_matrix[2][2]   -0.00433028 
_atom_sites.fract_transf_matrix[2][3]   -0.01630526 
_atom_sites.fract_transf_matrix[3][1]   0.00254730 
_atom_sites.fract_transf_matrix[3][2]   0.02366277 
_atom_sites.fract_transf_matrix[3][3]   -0.00697670 
_atom_sites.fract_transf_vector[1]      0.214787 
_atom_sites.fract_transf_vector[2]      0.526813 
_atom_sites.fract_transf_vector[3]      0.201106 
# 
loop_
_atom_type.symbol 
C  
N  
O  
S  
ZN 
# 
loop_
_atom_site.group_PDB 
_atom_site.id 
_atom_site.type_symbol 
_atom_site.label_atom_id 
_atom_site.label_alt_id 
_atom_site.label_comp_id 
_atom_site.label_asym_id 
_atom_site.label_entity_id 
_atom_site.label_seq_id 
_atom_site.pdbx_PDB_ins_code 
_atom_site.Cartn_x 
_atom_site.Cartn_y 
_atom_site.Cartn_z 
_atom_site.occupancy 
_atom_site.B_iso_or_equiv 
_atom_site.pdbx_formal_charge 
_atom_site.auth_seq_id 
_atom_site.auth_comp_id 
_atom_site.auth_asym_id 
_atom_site.auth_atom_id 
_atom_site.pdbx_PDB_model_num 
ATOM   1    N  N   . MET A 1 6   ? -1.908  0.846   -15.288 1.00 27.80 ? 197 MET A N   1 
ATOM   2    C  CA  . MET A 1 6   ? -3.208  1.340   -14.720 1.00 27.90 ? 197 MET A CA  1 
ATOM   3    C  C   . MET A 1 6   ? -3.697  2.550   -15.525 1.00 28.69 ? 197 MET A C   1 
ATOM   4    O  O   . MET A 1 6   ? -2.948  3.496   -15.745 1.00 29.04 ? 197 MET A O   1 
ATOM   5    C  CB  . MET A 1 6   ? -3.043  1.720   -13.249 1.00 27.14 ? 197 MET A CB  1 
ATOM   6    C  CG  . MET A 1 6   ? -4.355  1.922   -12.476 1.00 25.06 ? 197 MET A CG  1 
ATOM   7    S  SD  . MET A 1 6   ? -4.148  2.431   -10.744 1.00 18.73 ? 197 MET A SD  1 
ATOM   8    C  CE  . MET A 1 6   ? -2.732  1.464   -10.245 1.00 15.45 ? 197 MET A CE  1 
ATOM   9    N  N   . ASP A 1 7   ? -4.953  2.517   -15.963 1.00 29.43 ? 198 ASP A N   1 
ATOM   10   C  CA  . ASP A 1 7   ? -5.504  3.644   -16.713 1.00 30.46 ? 198 ASP A CA  1 
ATOM   11   C  C   . ASP A 1 7   ? -5.743  4.845   -15.784 1.00 29.55 ? 198 ASP A C   1 
ATOM   12   O  O   . ASP A 1 7   ? -6.126  4.668   -14.623 1.00 29.78 ? 198 ASP A O   1 
ATOM   13   C  CB  . ASP A 1 7   ? -6.788  3.241   -17.453 1.00 31.26 ? 198 ASP A CB  1 
ATOM   14   C  CG  . ASP A 1 7   ? -7.903  2.855   -16.512 1.00 34.45 ? 198 ASP A CG  1 
ATOM   15   O  OD1 . ASP A 1 7   ? -7.727  1.857   -15.755 1.00 37.29 ? 198 ASP A OD1 1 
ATOM   16   O  OD2 . ASP A 1 7   ? -8.950  3.550   -16.525 1.00 36.23 ? 198 ASP A OD2 1 
ATOM   17   N  N   . PRO A 1 8   ? -5.500  6.069   -16.291 1.00 28.68 ? 199 PRO A N   1 
ATOM   18   C  CA  . PRO A 1 8   ? -5.671  7.325   -15.538 1.00 27.79 ? 199 PRO A CA  1 
ATOM   19   C  C   . PRO A 1 8   ? -7.009  7.525   -14.761 1.00 27.08 ? 199 PRO A C   1 
ATOM   20   O  O   . PRO A 1 8   ? -6.964  7.922   -13.579 1.00 26.14 ? 199 PRO A O   1 
ATOM   21   C  CB  . PRO A 1 8   ? -5.454  8.403   -16.610 1.00 27.81 ? 199 PRO A CB  1 
ATOM   22   C  CG  . PRO A 1 8   ? -4.512  7.742   -17.568 1.00 28.33 ? 199 PRO A CG  1 
ATOM   23   C  CD  . PRO A 1 8   ? -4.999  6.327   -17.655 1.00 28.70 ? 199 PRO A CD  1 
ATOM   24   N  N   . PRO A 1 9   ? -8.178  7.259   -15.396 1.00 26.33 ? 200 PRO A N   1 
ATOM   25   C  CA  . PRO A 1 9   ? -9.434  7.380   -14.629 1.00 26.07 ? 200 PRO A CA  1 
ATOM   26   C  C   . PRO A 1 9   ? -9.469  6.507   -13.376 1.00 25.77 ? 200 PRO A C   1 
ATOM   27   O  O   . PRO A 1 9   ? -9.901  6.964   -12.321 1.00 26.50 ? 200 PRO A O   1 
ATOM   28   C  CB  . PRO A 1 9   ? -10.510 6.911   -15.626 1.00 26.06 ? 200 PRO A CB  1 
ATOM   29   C  CG  . PRO A 1 9   ? -9.909  7.140   -16.983 1.00 25.27 ? 200 PRO A CG  1 
ATOM   30   C  CD  . PRO A 1 9   ? -8.435  6.850   -16.794 1.00 26.58 ? 200 PRO A CD  1 
ATOM   31   N  N   . THR A 1 10  ? -9.016  5.267   -13.491 1.00 25.41 ? 201 THR A N   1 
ATOM   32   C  CA  . THR A 1 10  ? -8.959  4.336   -12.361 1.00 25.21 ? 201 THR A CA  1 
ATOM   33   C  C   . THR A 1 10  ? -8.048  4.844   -11.238 1.00 25.45 ? 201 THR A C   1 
ATOM   34   O  O   . THR A 1 10  ? -8.446  4.852   -10.078 1.00 25.16 ? 201 THR A O   1 
ATOM   35   C  CB  . THR A 1 10  ? -8.509  2.941   -12.834 1.00 25.03 ? 201 THR A CB  1 
ATOM   36   O  OG1 . THR A 1 10  ? -9.375  2.519   -13.900 1.00 25.06 ? 201 THR A OG1 1 
ATOM   37   C  CG2 . THR A 1 10  ? -8.550  1.921   -11.691 1.00 23.90 ? 201 THR A CG2 1 
ATOM   38   N  N   . PHE A 1 11  ? -6.835  5.278   -11.588 1.00 25.56 ? 202 PHE A N   1 
ATOM   39   C  CA  . PHE A 1 11  ? -5.914  5.839   -10.608 1.00 25.20 ? 202 PHE A CA  1 
ATOM   40   C  C   . PHE A 1 11  ? -6.578  6.999   -9.882  1.00 25.76 ? 202 PHE A C   1 
ATOM   41   O  O   . PHE A 1 11  ? -6.741  6.964   -8.658  1.00 25.74 ? 202 PHE A O   1 
ATOM   42   C  CB  . PHE A 1 11  ? -4.602  6.304   -11.261 1.00 24.62 ? 202 PHE A CB  1 
ATOM   43   C  CG  . PHE A 1 11  ? -3.703  7.087   -10.322 1.00 23.44 ? 202 PHE A CG  1 
ATOM   44   C  CD1 . PHE A 1 11  ? -2.970  6.431   -9.330  1.00 23.54 ? 202 PHE A CD1 1 
ATOM   45   C  CD2 . PHE A 1 11  ? -3.610  8.467   -10.413 1.00 22.33 ? 202 PHE A CD2 1 
ATOM   46   C  CE1 . PHE A 1 11  ? -2.154  7.144   -8.441  1.00 21.63 ? 202 PHE A CE1 1 
ATOM   47   C  CE2 . PHE A 1 11  ? -2.813  9.191   -9.525  1.00 22.68 ? 202 PHE A CE2 1 
ATOM   48   C  CZ  . PHE A 1 11  ? -2.074  8.516   -8.539  1.00 21.62 ? 202 PHE A CZ  1 
ATOM   49   N  N   . THR A 1 12  ? -6.962  8.019   -10.652 1.00 26.42 ? 203 THR A N   1 
ATOM   50   C  CA  . THR A 1 12  ? -7.566  9.243   -10.113 1.00 26.68 ? 203 THR A CA  1 
ATOM   51   C  C   . THR A 1 12  ? -8.807  8.944   -9.287  1.00 25.86 ? 203 THR A C   1 
ATOM   52   O  O   . THR A 1 12  ? -9.000  9.549   -8.240  1.00 25.94 ? 203 THR A O   1 
ATOM   53   C  CB  . THR A 1 12  ? -7.944  10.262  -11.219 1.00 27.04 ? 203 THR A CB  1 
ATOM   54   O  OG1 . THR A 1 12  ? -6.900  10.340  -12.188 1.00 28.87 ? 203 THR A OG1 1 
ATOM   55   C  CG2 . THR A 1 12  ? -8.150  11.650  -10.623 1.00 28.34 ? 203 THR A CG2 1 
ATOM   56   N  N   . PHE A 1 13  ? -9.651  8.029   -9.758  1.00 25.23 ? 204 PHE A N   1 
ATOM   57   C  CA  . PHE A 1 13  ? -10.833 7.648   -8.981  1.00 24.45 ? 204 PHE A CA  1 
ATOM   58   C  C   . PHE A 1 13  ? -10.490 6.898   -7.679  1.00 23.98 ? 204 PHE A C   1 
ATOM   59   O  O   . PHE A 1 13  ? -11.094 7.141   -6.623  1.00 24.06 ? 204 PHE A O   1 
ATOM   60   C  CB  . PHE A 1 13  ? -11.828 6.841   -9.812  1.00 24.52 ? 204 PHE A CB  1 
ATOM   61   C  CG  . PHE A 1 13  ? -13.003 6.332   -9.014  1.00 25.48 ? 204 PHE A CG  1 
ATOM   62   C  CD1 . PHE A 1 13  ? -14.003 7.211   -8.584  1.00 25.06 ? 204 PHE A CD1 1 
ATOM   63   C  CD2 . PHE A 1 13  ? -13.099 4.975   -8.672  1.00 25.19 ? 204 PHE A CD2 1 
ATOM   64   C  CE1 . PHE A 1 13  ? -15.092 6.749   -7.836  1.00 26.32 ? 204 PHE A CE1 1 
ATOM   65   C  CE2 . PHE A 1 13  ? -14.192 4.500   -7.922  1.00 26.64 ? 204 PHE A CE2 1 
ATOM   66   C  CZ  . PHE A 1 13  ? -15.188 5.390   -7.495  1.00 25.47 ? 204 PHE A CZ  1 
ATOM   67   N  N   . ASN A 1 14  ? -9.518  5.994   -7.746  1.00 23.32 ? 205 ASN A N   1 
ATOM   68   C  CA  . ASN A 1 14  ? -9.188  5.176   -6.581  1.00 22.97 ? 205 ASN A CA  1 
ATOM   69   C  C   . ASN A 1 14  ? -8.260  5.813   -5.549  1.00 23.29 ? 205 ASN A C   1 
ATOM   70   O  O   . ASN A 1 14  ? -8.398  5.541   -4.355  1.00 22.88 ? 205 ASN A O   1 
ATOM   71   C  CB  . ASN A 1 14  ? -8.663  3.820   -7.024  1.00 22.90 ? 205 ASN A CB  1 
ATOM   72   C  CG  . ASN A 1 14  ? -9.780  2.914   -7.549  1.00 22.69 ? 205 ASN A CG  1 
ATOM   73   O  OD1 . ASN A 1 14  ? -10.070 2.885   -8.751  1.00 22.09 ? 205 ASN A OD1 1 
ATOM   74   N  ND2 . ASN A 1 14  ? -10.412 2.192   -6.648  1.00 20.13 ? 205 ASN A ND2 1 
ATOM   75   N  N   . PHE A 1 15  ? -7.321  6.647   -6.005  1.00 23.57 ? 206 PHE A N   1 
ATOM   76   C  CA  . PHE A 1 15  ? -6.319  7.256   -5.116  1.00 23.83 ? 206 PHE A CA  1 
ATOM   77   C  C   . PHE A 1 15  ? -6.659  8.684   -4.679  1.00 24.80 ? 206 PHE A C   1 
ATOM   78   O  O   . PHE A 1 15  ? -5.900  9.306   -3.924  1.00 23.74 ? 206 PHE A O   1 
ATOM   79   C  CB  . PHE A 1 15  ? -4.921  7.195   -5.748  1.00 23.59 ? 206 PHE A CB  1 
ATOM   80   C  CG  . PHE A 1 15  ? -4.305  5.810   -5.722  1.00 22.11 ? 206 PHE A CG  1 
ATOM   81   C  CD1 . PHE A 1 15  ? -4.629  4.862   -6.704  1.00 19.25 ? 206 PHE A CD1 1 
ATOM   82   C  CD2 . PHE A 1 15  ? -3.419  5.451   -4.710  1.00 20.76 ? 206 PHE A CD2 1 
ATOM   83   C  CE1 . PHE A 1 15  ? -4.081  3.604   -6.692  1.00 17.12 ? 206 PHE A CE1 1 
ATOM   84   C  CE2 . PHE A 1 15  ? -2.856  4.170   -4.685  1.00 19.20 ? 206 PHE A CE2 1 
ATOM   85   C  CZ  . PHE A 1 15  ? -3.192  3.248   -5.687  1.00 19.89 ? 206 PHE A CZ  1 
ATOM   86   N  N   . ASN A 1 16  ? -7.799  9.198   -5.145  1.00 26.42 ? 207 ASN A N   1 
ATOM   87   C  CA  . ASN A 1 16  ? -8.283  10.506  -4.694  1.00 27.96 ? 207 ASN A CA  1 
ATOM   88   C  C   . ASN A 1 16  ? -8.442  10.454  -3.182  1.00 28.73 ? 207 ASN A C   1 
ATOM   89   O  O   . ASN A 1 16  ? -9.034  9.511   -2.654  1.00 29.41 ? 207 ASN A O   1 
ATOM   90   C  CB  . ASN A 1 16  ? -9.584  10.871  -5.408  1.00 27.82 ? 207 ASN A CB  1 
ATOM   91   C  CG  . ASN A 1 16  ? -10.227 12.136  -4.859  1.00 29.43 ? 207 ASN A CG  1 
ATOM   92   O  OD1 . ASN A 1 16  ? -10.707 12.159  -3.730  1.00 30.03 ? 207 ASN A OD1 1 
ATOM   93   N  ND2 . ASN A 1 16  ? -10.251 13.192  -5.666  1.00 32.16 ? 207 ASN A ND2 1 
ATOM   94   N  N   . ASN A 1 17  ? -7.893  11.433  -2.471  1.00 30.33 ? 208 ASN A N   1 
ATOM   95   C  CA  . ASN A 1 17  ? -7.904  11.365  -0.998  1.00 31.82 ? 208 ASN A CA  1 
ATOM   96   C  C   . ASN A 1 17  ? -9.021  12.156  -0.315  1.00 34.69 ? 208 ASN A C   1 
ATOM   97   O  O   . ASN A 1 17  ? -8.899  12.520  0.861   1.00 34.74 ? 208 ASN A O   1 
ATOM   98   C  CB  . ASN A 1 17  ? -6.520  11.674  -0.399  1.00 30.84 ? 208 ASN A CB  1 
ATOM   99   C  CG  . ASN A 1 17  ? -6.004  13.083  -0.733  1.00 27.82 ? 208 ASN A CG  1 
ATOM   100  O  OD1 . ASN A 1 17  ? -6.681  13.891  -1.368  1.00 25.07 ? 208 ASN A OD1 1 
ATOM   101  N  ND2 . ASN A 1 17  ? -4.797  13.375  -0.276  1.00 22.67 ? 208 ASN A ND2 1 
ATOM   102  N  N   . GLU A 1 18  ? -10.109 12.390  -1.054  1.00 38.09 ? 209 GLU A N   1 
ATOM   103  C  CA  . GLU A 1 18  ? -11.303 13.055  -0.516  1.00 41.50 ? 209 GLU A CA  1 
ATOM   104  C  C   . GLU A 1 18  ? -12.092 12.071  0.339   1.00 43.64 ? 209 GLU A C   1 
ATOM   105  O  O   . GLU A 1 18  ? -12.689 11.127  -0.208  1.00 44.14 ? 209 GLU A O   1 
ATOM   106  C  CB  . GLU A 1 18  ? -12.186 13.595  -1.644  1.00 41.66 ? 209 GLU A CB  1 
ATOM   107  C  CG  . GLU A 1 18  ? -11.535 14.696  -2.477  1.00 43.65 ? 209 GLU A CG  1 
ATOM   108  C  CD  . GLU A 1 18  ? -12.436 15.227  -3.584  1.00 46.16 ? 209 GLU A CD  1 
ATOM   109  O  OE1 . GLU A 1 18  ? -13.175 14.424  -4.211  1.00 47.30 ? 209 GLU A OE1 1 
ATOM   110  O  OE2 . GLU A 1 18  ? -12.390 16.456  -3.837  1.00 46.75 ? 209 GLU A OE2 1 
ATOM   111  N  N   . PRO A 1 19  ? -12.111 12.302  1.680   1.00 45.58 ? 210 PRO A N   1 
ATOM   112  C  CA  . PRO A 1 19  ? -12.571 11.389  2.757   1.00 48.83 ? 210 PRO A CA  1 
ATOM   113  C  C   . PRO A 1 19  ? -13.693 10.427  2.344   1.00 52.88 ? 210 PRO A C   1 
ATOM   114  O  O   . PRO A 1 19  ? -13.624 9.222   2.690   1.00 52.58 ? 210 PRO A O   1 
ATOM   115  C  CB  . PRO A 1 19  ? -13.063 12.359  3.856   1.00 48.87 ? 210 PRO A CB  1 
ATOM   116  C  CG  . PRO A 1 19  ? -12.081 13.504  3.719   1.00 48.11 ? 210 PRO A CG  1 
ATOM   117  C  CD  . PRO A 1 19  ? -11.674 13.594  2.256   1.00 46.06 ? 210 PRO A CD  1 
ATOM   118  N  N   . TRP A 1 20  ? -14.699 10.966  1.617   1.00 57.34 ? 211 TRP A N   1 
ATOM   119  C  CA  . TRP A 1 20  ? -15.849 10.191  1.131   1.00 61.63 ? 211 TRP A CA  1 
ATOM   120  C  C   . TRP A 1 20  ? -15.550 8.716   0.847   1.00 61.36 ? 211 TRP A C   1 
ATOM   121  O  O   . TRP A 1 20  ? -14.649 8.386   0.059   1.00 61.35 ? 211 TRP A O   1 
ATOM   122  C  CB  . TRP A 1 20  ? -16.448 10.821  -0.141  1.00 67.75 ? 211 TRP A CB  1 
ATOM   123  C  CG  . TRP A 1 20  ? -17.569 11.851  0.025   1.00 74.19 ? 211 TRP A CG  1 
ATOM   124  C  CD1 . TRP A 1 20  ? -18.216 12.512  -0.991  1.00 75.93 ? 211 TRP A CD1 1 
ATOM   125  C  CD2 . TRP A 1 20  ? -18.159 12.340  1.249   1.00 77.51 ? 211 TRP A CD2 1 
ATOM   126  N  NE1 . TRP A 1 20  ? -19.167 13.365  -0.484  1.00 78.02 ? 211 TRP A NE1 1 
ATOM   127  C  CE2 . TRP A 1 20  ? -19.155 13.285  0.886   1.00 78.82 ? 211 TRP A CE2 1 
ATOM   128  C  CE3 . TRP A 1 20  ? -17.947 12.073  2.615   1.00 79.20 ? 211 TRP A CE3 1 
ATOM   129  C  CZ2 . TRP A 1 20  ? -19.935 13.962  1.837   1.00 80.14 ? 211 TRP A CZ2 1 
ATOM   130  C  CZ3 . TRP A 1 20  ? -18.727 12.749  3.560   1.00 80.40 ? 211 TRP A CZ3 1 
ATOM   131  C  CH2 . TRP A 1 20  ? -19.708 13.682  3.163   1.00 80.70 ? 211 TRP A CH2 1 
ATOM   132  N  N   . VAL A 1 21  ? -16.314 7.833   1.499   1.00 60.36 ? 212 VAL A N   1 
ATOM   133  C  CA  . VAL A 1 21  ? -16.302 6.414   1.147   1.00 59.52 ? 212 VAL A CA  1 
ATOM   134  C  C   . VAL A 1 21  ? -17.476 6.221   0.183   1.00 58.42 ? 212 VAL A C   1 
ATOM   135  O  O   . VAL A 1 21  ? -18.490 5.601   0.534   1.00 58.89 ? 212 VAL A O   1 
ATOM   136  C  CB  . VAL A 1 21  ? -16.441 5.496   2.390   1.00 60.15 ? 212 VAL A CB  1 
ATOM   137  C  CG1 . VAL A 1 21  ? -16.086 4.051   2.026   1.00 60.41 ? 212 VAL A CG1 1 
ATOM   138  C  CG2 . VAL A 1 21  ? -15.554 5.992   3.549   1.00 60.73 ? 212 VAL A CG2 1 
ATOM   139  N  N   . ARG A 1 22  ? -17.345 6.777   -1.029  1.00 55.80 ? 213 ARG A N   1 
ATOM   140  C  CA  . ARG A 1 22  ? -18.463 6.794   -1.976  1.00 52.41 ? 213 ARG A CA  1 
ATOM   141  C  C   . ARG A 1 22  ? -18.073 6.273   -3.362  1.00 50.40 ? 213 ARG A C   1 
ATOM   142  O  O   . ARG A 1 22  ? -17.652 7.037   -4.241  1.00 50.62 ? 213 ARG A O   1 
ATOM   143  C  CB  . ARG A 1 22  ? -19.093 8.195   -2.046  1.00 54.04 ? 213 ARG A CB  1 
ATOM   144  C  CG  . ARG A 1 22  ? -20.571 8.201   -2.494  1.00 55.31 ? 213 ARG A CG  1 
ATOM   145  C  CD  . ARG A 1 22  ? -20.712 8.435   -4.001  1.00 56.31 ? 213 ARG A CD  1 
ATOM   146  N  NE  . ARG A 1 22  ? -20.237 9.764   -4.379  1.00 58.28 ? 213 ARG A NE  1 
ATOM   147  C  CZ  . ARG A 1 22  ? -20.005 10.152  -5.634  1.00 59.64 ? 213 ARG A CZ  1 
ATOM   148  N  NH1 . ARG A 1 22  ? -20.200 9.313   -6.653  1.00 60.11 ? 213 ARG A NH1 1 
ATOM   149  N  NH2 . ARG A 1 22  ? -19.574 11.382  -5.871  1.00 60.35 ? 213 ARG A NH2 1 
ATOM   150  N  N   . GLY A 1 23  ? -18.226 4.959   -3.543  1.00 48.94 ? 214 GLY A N   1 
ATOM   151  C  CA  . GLY A 1 23  ? -17.926 4.309   -4.815  1.00 47.09 ? 214 GLY A CA  1 
ATOM   152  C  C   . GLY A 1 23  ? -16.654 3.489   -4.769  1.00 45.66 ? 214 GLY A C   1 
ATOM   153  O  O   . GLY A 1 23  ? -16.536 2.483   -5.467  1.00 45.41 ? 214 GLY A O   1 
ATOM   154  N  N   . ARG A 1 24  ? -15.700 3.925   -3.945  1.00 44.32 ? 215 ARG A N   1 
ATOM   155  C  CA  . ARG A 1 24  ? -14.400 3.258   -3.857  1.00 42.79 ? 215 ARG A CA  1 
ATOM   156  C  C   . ARG A 1 24  ? -14.512 2.006   -3.000  1.00 41.59 ? 215 ARG A C   1 
ATOM   157  O  O   . ARG A 1 24  ? -14.147 2.020   -1.823  1.00 41.03 ? 215 ARG A O   1 
ATOM   158  C  CB  . ARG A 1 24  ? -13.326 4.204   -3.295  1.00 42.83 ? 215 ARG A CB  1 
ATOM   159  C  CG  . ARG A 1 24  ? -12.739 5.177   -4.309  1.00 42.84 ? 215 ARG A CG  1 
ATOM   160  C  CD  . ARG A 1 24  ? -13.527 6.494   -4.392  1.00 42.92 ? 215 ARG A CD  1 
ATOM   161  N  NE  . ARG A 1 24  ? -13.428 7.296   -3.172  1.00 43.88 ? 215 ARG A NE  1 
ATOM   162  C  CZ  . ARG A 1 24  ? -12.448 8.155   -2.893  1.00 43.77 ? 215 ARG A CZ  1 
ATOM   163  N  NH1 . ARG A 1 24  ? -11.438 8.342   -3.738  1.00 43.76 ? 215 ARG A NH1 1 
ATOM   164  N  NH2 . ARG A 1 24  ? -12.476 8.829   -1.754  1.00 43.07 ? 215 ARG A NH2 1 
ATOM   165  N  N   . HIS A 1 25  ? -15.034 0.935   -3.603  1.00 40.21 ? 216 HIS A N   1 
ATOM   166  C  CA  . HIS A 1 25  ? -15.253 -0.337  -2.906  1.00 38.98 ? 216 HIS A CA  1 
ATOM   167  C  C   . HIS A 1 25  ? -14.085 -1.291  -3.105  1.00 37.34 ? 216 HIS A C   1 
ATOM   168  O  O   . HIS A 1 25  ? -14.041 -2.363  -2.511  1.00 37.51 ? 216 HIS A O   1 
ATOM   169  C  CB  . HIS A 1 25  ? -16.542 -1.008  -3.385  1.00 39.69 ? 216 HIS A CB  1 
ATOM   170  C  CG  . HIS A 1 25  ? -17.757 -0.154  -3.228  1.00 40.91 ? 216 HIS A CG  1 
ATOM   171  N  ND1 . HIS A 1 25  ? -18.217 0.673   -4.231  1.00 42.59 ? 216 HIS A ND1 1 
ATOM   172  C  CD2 . HIS A 1 25  ? -18.604 0.010   -2.185  1.00 42.75 ? 216 HIS A CD2 1 
ATOM   173  C  CE1 . HIS A 1 25  ? -19.294 1.311   -3.812  1.00 43.81 ? 216 HIS A CE1 1 
ATOM   174  N  NE2 . HIS A 1 25  ? -19.551 0.927   -2.574  1.00 43.91 ? 216 HIS A NE2 1 
ATOM   175  N  N   . GLU A 1 26  ? -13.145 -0.888  -3.947  1.00 35.04 ? 217 GLU A N   1 
ATOM   176  C  CA  . GLU A 1 26  ? -11.944 -1.656  -4.188  1.00 33.00 ? 217 GLU A CA  1 
ATOM   177  C  C   . GLU A 1 26  ? -10.732 -1.044  -3.493  1.00 30.90 ? 217 GLU A C   1 
ATOM   178  O  O   . GLU A 1 26  ? -10.810 0.058   -2.943  1.00 29.78 ? 217 GLU A O   1 
ATOM   179  C  CB  . GLU A 1 26  ? -11.720 -1.777  -5.687  1.00 33.71 ? 217 GLU A CB  1 
ATOM   180  C  CG  . GLU A 1 26  ? -12.839 -2.601  -6.336  1.00 36.73 ? 217 GLU A CG  1 
ATOM   181  C  CD  . GLU A 1 26  ? -12.775 -2.498  -7.827  1.00 41.48 ? 217 GLU A CD  1 
ATOM   182  O  OE1 . GLU A 1 26  ? -11.940 -3.218  -8.434  1.00 43.40 ? 217 GLU A OE1 1 
ATOM   183  O  OE2 . GLU A 1 26  ? -13.559 -1.694  -8.391  1.00 43.61 ? 217 GLU A OE2 1 
ATOM   184  N  N   . THR A 1 27  ? -9.627  -1.790  -3.496  1.00 28.78 ? 218 THR A N   1 
ATOM   185  C  CA  . THR A 1 27  ? -8.354  -1.349  -2.922  1.00 26.07 ? 218 THR A CA  1 
ATOM   186  C  C   . THR A 1 27  ? -7.274  -1.652  -3.948  1.00 25.22 ? 218 THR A C   1 
ATOM   187  O  O   . THR A 1 27  ? -7.006  -2.810  -4.225  1.00 25.45 ? 218 THR A O   1 
ATOM   188  C  CB  . THR A 1 27  ? -8.017  -2.116  -1.613  1.00 25.91 ? 218 THR A CB  1 
ATOM   189  O  OG1 . THR A 1 27  ? -8.956  -1.774  -0.587  1.00 23.04 ? 218 THR A OG1 1 
ATOM   190  C  CG2 . THR A 1 27  ? -6.597  -1.789  -1.126  1.00 25.11 ? 218 THR A CG2 1 
ATOM   191  N  N   . TYR A 1 28  ? -6.668  -0.619  -4.524  1.00 23.90 ? 219 TYR A N   1 
ATOM   192  C  CA  . TYR A 1 28  ? -5.544  -0.825  -5.433  1.00 22.68 ? 219 TYR A CA  1 
ATOM   193  C  C   . TYR A 1 28  ? -4.245  -0.722  -4.662  1.00 22.24 ? 219 TYR A C   1 
ATOM   194  O  O   . TYR A 1 28  ? -4.137  0.054   -3.713  1.00 21.94 ? 219 TYR A O   1 
ATOM   195  C  CB  . TYR A 1 28  ? -5.578  0.159   -6.606  1.00 22.95 ? 219 TYR A CB  1 
ATOM   196  C  CG  . TYR A 1 28  ? -6.575  -0.244  -7.657  1.00 22.32 ? 219 TYR A CG  1 
ATOM   197  C  CD1 . TYR A 1 28  ? -7.944  -0.097  -7.439  1.00 22.13 ? 219 TYR A CD1 1 
ATOM   198  C  CD2 . TYR A 1 28  ? -6.155  -0.814  -8.856  1.00 24.22 ? 219 TYR A CD2 1 
ATOM   199  C  CE1 . TYR A 1 28  ? -8.872  -0.496  -8.398  1.00 22.94 ? 219 TYR A CE1 1 
ATOM   200  C  CE2 . TYR A 1 28  ? -7.079  -1.202  -9.830  1.00 24.21 ? 219 TYR A CE2 1 
ATOM   201  C  CZ  . TYR A 1 28  ? -8.433  -1.037  -9.587  1.00 24.35 ? 219 TYR A CZ  1 
ATOM   202  O  OH  . TYR A 1 28  ? -9.356  -1.418  -10.542 1.00 28.26 ? 219 TYR A OH  1 
ATOM   203  N  N   . LEU A 1 29  ? -3.273  -1.532  -5.061  1.00 21.79 ? 220 LEU A N   1 
ATOM   204  C  CA  . LEU A 1 29  ? -2.010  -1.625  -4.356  1.00 21.43 ? 220 LEU A CA  1 
ATOM   205  C  C   . LEU A 1 29  ? -0.897  -1.709  -5.377  1.00 21.46 ? 220 LEU A C   1 
ATOM   206  O  O   . LEU A 1 29  ? -0.847  -2.647  -6.154  1.00 20.52 ? 220 LEU A O   1 
ATOM   207  C  CB  . LEU A 1 29  ? -2.006  -2.875  -3.444  1.00 21.25 ? 220 LEU A CB  1 
ATOM   208  C  CG  . LEU A 1 29  ? -0.780  -3.156  -2.562  1.00 21.09 ? 220 LEU A CG  1 
ATOM   209  C  CD1 . LEU A 1 29  ? -1.157  -4.041  -1.352  1.00 22.30 ? 220 LEU A CD1 1 
ATOM   210  C  CD2 . LEU A 1 29  ? 0.380   -3.755  -3.369  1.00 17.83 ? 220 LEU A CD2 1 
ATOM   211  N  N   . CYS A 1 30  ? -0.006  -0.725  -5.353  1.00 23.07 ? 221 CYS A N   1 
ATOM   212  C  CA  . CYS A 1 30  ? 1.200   -0.700  -6.172  1.00 24.76 ? 221 CYS A CA  1 
ATOM   213  C  C   . CYS A 1 30  ? 2.377   -1.036  -5.272  1.00 25.25 ? 221 CYS A C   1 
ATOM   214  O  O   . CYS A 1 30  ? 2.431   -0.576  -4.135  1.00 26.62 ? 221 CYS A O   1 
ATOM   215  C  CB  . CYS A 1 30  ? 1.409   0.700   -6.751  1.00 24.88 ? 221 CYS A CB  1 
ATOM   216  S  SG  . CYS A 1 30  ? -0.052  1.418   -7.579  1.00 28.15 ? 221 CYS A SG  1 
ATOM   217  N  N   . TYR A 1 31  ? 3.324   -1.819  -5.770  1.00 25.80 ? 222 TYR A N   1 
ATOM   218  C  CA  . TYR A 1 31  ? 4.494   -2.208  -4.979  1.00 26.32 ? 222 TYR A CA  1 
ATOM   219  C  C   . TYR A 1 31  ? 5.813   -2.059  -5.752  1.00 27.03 ? 222 TYR A C   1 
ATOM   220  O  O   . TYR A 1 31  ? 5.858   -2.204  -6.983  1.00 26.79 ? 222 TYR A O   1 
ATOM   221  C  CB  . TYR A 1 31  ? 4.340   -3.647  -4.458  1.00 26.42 ? 222 TYR A CB  1 
ATOM   222  C  CG  . TYR A 1 31  ? 4.131   -4.654  -5.565  1.00 26.90 ? 222 TYR A CG  1 
ATOM   223  C  CD1 . TYR A 1 31  ? 5.226   -5.223  -6.246  1.00 28.39 ? 222 TYR A CD1 1 
ATOM   224  C  CD2 . TYR A 1 31  ? 2.848   -5.012  -5.963  1.00 26.92 ? 222 TYR A CD2 1 
ATOM   225  C  CE1 . TYR A 1 31  ? 5.033   -6.125  -7.292  1.00 27.81 ? 222 TYR A CE1 1 
ATOM   226  C  CE2 . TYR A 1 31  ? 2.642   -5.921  -7.004  1.00 28.26 ? 222 TYR A CE2 1 
ATOM   227  C  CZ  . TYR A 1 31  ? 3.737   -6.471  -7.649  1.00 29.19 ? 222 TYR A CZ  1 
ATOM   228  O  OH  . TYR A 1 31  ? 3.529   -7.359  -8.662  1.00 32.00 ? 222 TYR A OH  1 
ATOM   229  N  N   . GLU A 1 32  ? 6.881   -1.763  -5.014  1.00 27.68 ? 223 GLU A N   1 
ATOM   230  C  CA  . GLU A 1 32  ? 8.223   -1.696  -5.573  1.00 28.56 ? 223 GLU A CA  1 
ATOM   231  C  C   . GLU A 1 32  ? 9.143   -2.459  -4.646  1.00 28.76 ? 223 GLU A C   1 
ATOM   232  O  O   . GLU A 1 32  ? 8.990   -2.393  -3.437  1.00 28.35 ? 223 GLU A O   1 
ATOM   233  C  CB  . GLU A 1 32  ? 8.679   -0.240  -5.727  1.00 28.43 ? 223 GLU A CB  1 
ATOM   234  C  CG  . GLU A 1 32  ? 7.916   0.508   -6.823  1.00 31.05 ? 223 GLU A CG  1 
ATOM   235  C  CD  . GLU A 1 32  ? 8.443   1.903   -7.094  1.00 33.74 ? 223 GLU A CD  1 
ATOM   236  O  OE1 . GLU A 1 32  ? 8.419   2.748   -6.183  1.00 34.98 ? 223 GLU A OE1 1 
ATOM   237  O  OE2 . GLU A 1 32  ? 8.872   2.158   -8.235  1.00 37.90 ? 223 GLU A OE2 1 
ATOM   238  N  N   . VAL A 1 33  ? 10.085  -3.201  -5.224  1.00 30.17 ? 224 VAL A N   1 
ATOM   239  C  CA  . VAL A 1 33  ? 11.030  -4.010  -4.454  1.00 31.63 ? 224 VAL A CA  1 
ATOM   240  C  C   . VAL A 1 33  ? 12.439  -3.542  -4.762  1.00 33.43 ? 224 VAL A C   1 
ATOM   241  O  O   . VAL A 1 33  ? 12.818  -3.392  -5.929  1.00 33.34 ? 224 VAL A O   1 
ATOM   242  C  CB  . VAL A 1 33  ? 10.919  -5.543  -4.740  1.00 31.51 ? 224 VAL A CB  1 
ATOM   243  C  CG1 . VAL A 1 33  ? 11.799  -6.324  -3.751  1.00 30.30 ? 224 VAL A CG1 1 
ATOM   244  C  CG2 . VAL A 1 33  ? 9.480   -6.012  -4.596  1.00 29.96 ? 224 VAL A CG2 1 
ATOM   245  N  N   . GLU A 1 34  ? 13.200  -3.289  -3.698  1.00 35.64 ? 225 GLU A N   1 
ATOM   246  C  CA  . GLU A 1 34  ? 14.579  -2.855  -3.816  1.00 37.88 ? 225 GLU A CA  1 
ATOM   247  C  C   . GLU A 1 34  ? 15.477  -3.641  -2.867  1.00 39.15 ? 225 GLU A C   1 
ATOM   248  O  O   . GLU A 1 34  ? 15.220  -3.717  -1.663  1.00 38.72 ? 225 GLU A O   1 
ATOM   249  C  CB  . GLU A 1 34  ? 14.676  -1.352  -3.558  1.00 37.66 ? 225 GLU A CB  1 
ATOM   250  C  CG  . GLU A 1 34  ? 14.140  -0.527  -4.730  1.00 39.86 ? 225 GLU A CG  1 
ATOM   251  C  CD  . GLU A 1 34  ? 13.613  0.838   -4.299  1.00 42.30 ? 225 GLU A CD  1 
ATOM   252  O  OE1 . GLU A 1 34  ? 12.946  1.489   -5.130  1.00 43.58 ? 225 GLU A OE1 1 
ATOM   253  O  OE2 . GLU A 1 34  ? 13.858  1.265   -3.145  1.00 43.55 ? 225 GLU A OE2 1 
ATOM   254  N  N   . ARG A 1 35  ? 16.522  -4.233  -3.433  1.00 41.55 ? 226 ARG A N   1 
ATOM   255  C  CA  . ARG A 1 35  ? 17.515  -4.977  -2.671  1.00 43.90 ? 226 ARG A CA  1 
ATOM   256  C  C   . ARG A 1 35  ? 18.390  -4.017  -1.876  1.00 45.20 ? 226 ARG A C   1 
ATOM   257  O  O   . ARG A 1 35  ? 18.759  -2.947  -2.363  1.00 45.14 ? 226 ARG A O   1 
ATOM   258  C  CB  . ARG A 1 35  ? 18.374  -5.824  -3.607  1.00 44.16 ? 226 ARG A CB  1 
ATOM   259  C  CG  . ARG A 1 35  ? 19.283  -6.834  -2.913  1.00 45.57 ? 226 ARG A CG  1 
ATOM   260  C  CD  . ARG A 1 35  ? 19.889  -7.771  -3.986  1.00 47.79 ? 226 ARG A CD  1 
ATOM   261  N  NE  . ARG A 1 35  ? 21.167  -8.330  -3.550  1.00 50.22 ? 226 ARG A NE  1 
ATOM   262  C  CZ  . ARG A 1 35  ? 22.334  -7.688  -3.610  1.00 51.59 ? 226 ARG A CZ  1 
ATOM   263  N  NH1 . ARG A 1 35  ? 22.412  -6.452  -4.087  1.00 52.09 ? 226 ARG A NH1 1 
ATOM   264  N  NH2 . ARG A 1 35  ? 23.436  -8.288  -3.192  1.00 53.51 ? 226 ARG A NH2 1 
ATOM   265  N  N   . MET A 1 36  ? 18.722  -4.428  -0.655  1.00 47.47 ? 227 MET A N   1 
ATOM   266  C  CA  . MET A 1 36  ? 19.408  -3.584  0.329   1.00 49.51 ? 227 MET A CA  1 
ATOM   267  C  C   . MET A 1 36  ? 20.849  -3.218  -0.013  1.00 50.81 ? 227 MET A C   1 
ATOM   268  O  O   . MET A 1 36  ? 21.279  -2.110  0.285   1.00 51.40 ? 227 MET A O   1 
ATOM   269  C  CB  . MET A 1 36  ? 19.386  -4.258  1.705   1.00 49.55 ? 227 MET A CB  1 
ATOM   270  C  CG  . MET A 1 36  ? 19.268  -3.301  2.873   1.00 49.61 ? 227 MET A CG  1 
ATOM   271  S  SD  . MET A 1 36  ? 17.595  -2.681  3.119   1.00 49.99 ? 227 MET A SD  1 
ATOM   272  C  CE  . MET A 1 36  ? 16.931  -3.876  4.262   1.00 48.70 ? 227 MET A CE  1 
ATOM   273  N  N   . HIS A 1 37  ? 21.593  -4.146  -0.612  1.00 52.37 ? 228 HIS A N   1 
ATOM   274  C  CA  . HIS A 1 37  ? 23.031  -3.956  -0.881  1.00 53.81 ? 228 HIS A CA  1 
ATOM   275  C  C   . HIS A 1 37  ? 23.855  -3.920  0.411   1.00 54.66 ? 228 HIS A C   1 
ATOM   276  O  O   . HIS A 1 37  ? 23.793  -2.958  1.191   1.00 54.63 ? 228 HIS A O   1 
ATOM   277  C  CB  . HIS A 1 37  ? 23.306  -2.701  -1.729  1.00 53.79 ? 228 HIS A CB  1 
ATOM   278  C  CG  . HIS A 1 37  ? 24.685  -2.660  -2.316  1.00 54.16 ? 228 HIS A CG  1 
ATOM   279  N  ND1 . HIS A 1 37  ? 25.823  -2.615  -1.531  1.00 53.82 ? 228 HIS A ND1 1 
ATOM   280  C  CD2 . HIS A 1 37  ? 25.108  -2.660  -3.611  1.00 54.35 ? 228 HIS A CD2 1 
ATOM   281  C  CE1 . HIS A 1 37  ? 26.887  -2.592  -2.318  1.00 54.11 ? 228 HIS A CE1 1 
ATOM   282  N  NE2 . HIS A 1 37  ? 26.481  -2.616  -3.584  1.00 54.38 ? 228 HIS A NE2 1 
ATOM   283  N  N   . ASN A 1 38  ? 24.644  -4.975  0.601   1.00 55.75 ? 229 ASN A N   1 
ATOM   284  C  CA  . ASN A 1 38  ? 25.338  -5.239  1.865   1.00 56.80 ? 229 ASN A CA  1 
ATOM   285  C  C   . ASN A 1 38  ? 26.527  -4.314  2.155   1.00 57.68 ? 229 ASN A C   1 
ATOM   286  O  O   . ASN A 1 38  ? 26.880  -4.091  3.326   1.00 57.73 ? 229 ASN A O   1 
ATOM   287  C  CB  . ASN A 1 38  ? 25.763  -6.724  1.943   1.00 56.67 ? 229 ASN A CB  1 
ATOM   288  C  CG  . ASN A 1 38  ? 24.630  -7.677  1.528   1.00 56.54 ? 229 ASN A CG  1 
ATOM   289  O  OD1 . ASN A 1 38  ? 24.855  -8.682  0.794   1.00 57.03 ? 229 ASN A OD1 1 
ATOM   290  N  ND2 . ASN A 1 38  ? 23.408  -7.358  1.991   1.00 55.86 ? 229 ASN A ND2 1 
ATOM   291  N  N   . ASP A 1 39  ? 27.132  -3.773  1.093   1.00 58.97 ? 230 ASP A N   1 
ATOM   292  C  CA  . ASP A 1 39  ? 28.297  -2.893  1.248   1.00 60.14 ? 230 ASP A CA  1 
ATOM   293  C  C   . ASP A 1 39  ? 27.913  -1.423  1.441   1.00 60.68 ? 230 ASP A C   1 
ATOM   294  O  O   . ASP A 1 39  ? 28.134  -0.849  2.517   1.00 60.80 ? 230 ASP A O   1 
ATOM   295  C  CB  . ASP A 1 39  ? 29.261  -3.042  0.060   1.00 60.37 ? 230 ASP A CB  1 
ATOM   296  C  CG  . ASP A 1 39  ? 30.064  -4.330  0.109   1.00 60.99 ? 230 ASP A CG  1 
ATOM   297  O  OD1 . ASP A 1 39  ? 29.466  -5.411  0.365   1.00 62.22 ? 230 ASP A OD1 1 
ATOM   298  O  OD2 . ASP A 1 39  ? 31.301  -4.261  -0.123  1.00 62.05 ? 230 ASP A OD2 1 
ATOM   299  N  N   . THR A 1 40  ? 27.337  -0.824  0.391   1.00 61.36 ? 231 THR A N   1 
ATOM   300  C  CA  . THR A 1 40  ? 27.045  0.611   0.376   1.00 61.72 ? 231 THR A CA  1 
ATOM   301  C  C   . THR A 1 40  ? 25.662  0.961   0.946   1.00 61.88 ? 231 THR A C   1 
ATOM   302  O  O   . THR A 1 40  ? 24.971  0.111   1.519   1.00 61.91 ? 231 THR A O   1 
ATOM   303  C  CB  . THR A 1 40  ? 27.164  1.173   -1.049  1.00 61.75 ? 231 THR A CB  1 
ATOM   304  O  OG1 . THR A 1 40  ? 26.237  0.494   -1.901  1.00 62.36 ? 231 THR A OG1 1 
ATOM   305  C  CG2 . THR A 1 40  ? 28.576  0.985   -1.599  1.00 62.11 ? 231 THR A CG2 1 
ATOM   306  N  N   . TRP A 1 41  ? 25.273  2.221   0.773   1.00 61.97 ? 232 TRP A N   1 
ATOM   307  C  CA  . TRP A 1 41  ? 24.026  2.750   1.314   1.00 62.17 ? 232 TRP A CA  1 
ATOM   308  C  C   . TRP A 1 41  ? 22.882  2.641   0.304   1.00 61.79 ? 232 TRP A C   1 
ATOM   309  O  O   . TRP A 1 41  ? 21.745  2.998   0.613   1.00 61.87 ? 232 TRP A O   1 
ATOM   310  C  CB  . TRP A 1 41  ? 24.197  4.229   1.707   1.00 62.55 ? 232 TRP A CB  1 
ATOM   311  C  CG  . TRP A 1 41  ? 25.295  4.534   2.716   1.00 63.93 ? 232 TRP A CG  1 
ATOM   312  C  CD1 . TRP A 1 41  ? 26.545  3.967   2.784   1.00 64.89 ? 232 TRP A CD1 1 
ATOM   313  C  CD2 . TRP A 1 41  ? 25.241  5.510   3.770   1.00 65.16 ? 232 TRP A CD2 1 
ATOM   314  N  NE1 . TRP A 1 41  ? 27.256  4.514   3.826   1.00 65.41 ? 232 TRP A NE1 1 
ATOM   315  C  CE2 . TRP A 1 41  ? 26.482  5.465   4.448   1.00 65.73 ? 232 TRP A CE2 1 
ATOM   316  C  CE3 . TRP A 1 41  ? 24.261  6.415   4.216   1.00 65.88 ? 232 TRP A CE3 1 
ATOM   317  C  CZ2 . TRP A 1 41  ? 26.768  6.291   5.548   1.00 66.23 ? 232 TRP A CZ2 1 
ATOM   318  C  CZ3 . TRP A 1 41  ? 24.547  7.237   5.311   1.00 66.21 ? 232 TRP A CZ3 1 
ATOM   319  C  CH2 . TRP A 1 41  ? 25.792  7.167   5.963   1.00 66.36 ? 232 TRP A CH2 1 
ATOM   320  N  N   . VAL A 1 42  ? 23.175  2.145   -0.897  1.00 61.36 ? 233 VAL A N   1 
ATOM   321  C  CA  . VAL A 1 42  ? 22.213  2.224   -2.012  1.00 60.80 ? 233 VAL A CA  1 
ATOM   322  C  C   . VAL A 1 42  ? 21.239  1.049   -2.120  1.00 60.28 ? 233 VAL A C   1 
ATOM   323  O  O   . VAL A 1 42  ? 21.525  -0.058  -1.660  1.00 60.26 ? 233 VAL A O   1 
ATOM   324  C  CB  . VAL A 1 42  ? 22.905  2.475   -3.388  1.00 60.85 ? 233 VAL A CB  1 
ATOM   325  C  CG1 . VAL A 1 42  ? 23.576  3.841   -3.401  1.00 61.10 ? 233 VAL A CG1 1 
ATOM   326  C  CG2 . VAL A 1 42  ? 23.897  1.374   -3.723  1.00 60.76 ? 233 VAL A CG2 1 
ATOM   327  N  N   . LEU A 1 43  ? 20.084  1.321   -2.727  1.00 59.63 ? 234 LEU A N   1 
ATOM   328  C  CA  . LEU A 1 43  ? 19.080  0.298   -3.007  1.00 58.98 ? 234 LEU A CA  1 
ATOM   329  C  C   . LEU A 1 43  ? 19.105  -0.055  -4.496  1.00 58.73 ? 234 LEU A C   1 
ATOM   330  O  O   . LEU A 1 43  ? 19.366  0.814   -5.337  1.00 58.72 ? 234 LEU A O   1 
ATOM   331  C  CB  . LEU A 1 43  ? 17.692  0.802   -2.596  1.00 58.85 ? 234 LEU A CB  1 
ATOM   332  C  CG  . LEU A 1 43  ? 17.482  1.220   -1.132  1.00 58.60 ? 234 LEU A CG  1 
ATOM   333  C  CD1 . LEU A 1 43  ? 16.320  2.201   -1.035  1.00 58.20 ? 234 LEU A CD1 1 
ATOM   334  C  CD2 . LEU A 1 43  ? 17.268  0.018   -0.205  1.00 58.10 ? 234 LEU A CD2 1 
ATOM   335  N  N   . LEU A 1 44  ? 18.846  -1.330  -4.815  1.00 58.24 ? 235 LEU A N   1 
ATOM   336  C  CA  . LEU A 1 44  ? 18.834  -1.798  -6.211  1.00 57.67 ? 235 LEU A CA  1 
ATOM   337  C  C   . LEU A 1 44  ? 17.433  -2.184  -6.676  1.00 56.96 ? 235 LEU A C   1 
ATOM   338  O  O   . LEU A 1 44  ? 16.748  -2.965  -6.012  1.00 56.94 ? 235 LEU A O   1 
ATOM   339  C  CB  . LEU A 1 44  ? 19.802  -2.983  -6.410  1.00 57.92 ? 235 LEU A CB  1 
ATOM   340  C  CG  . LEU A 1 44  ? 19.838  -3.697  -7.779  1.00 58.20 ? 235 LEU A CG  1 
ATOM   341  C  CD1 . LEU A 1 44  ? 20.281  -2.767  -8.913  1.00 58.82 ? 235 LEU A CD1 1 
ATOM   342  C  CD2 . LEU A 1 44  ? 20.721  -4.946  -7.746  1.00 58.61 ? 235 LEU A CD2 1 
ATOM   343  N  N   . ASN A 1 45  ? 17.027  -1.645  -7.829  1.00 56.02 ? 236 ASN A N   1 
ATOM   344  C  CA  . ASN A 1 45  ? 15.725  -1.952  -8.429  1.00 55.00 ? 236 ASN A CA  1 
ATOM   345  C  C   . ASN A 1 45  ? 15.589  -3.446  -8.674  1.00 53.95 ? 236 ASN A C   1 
ATOM   346  O  O   . ASN A 1 45  ? 16.444  -4.057  -9.319  1.00 54.24 ? 236 ASN A O   1 
ATOM   347  C  CB  . ASN A 1 45  ? 15.537  -1.205  -9.761  1.00 55.39 ? 236 ASN A CB  1 
ATOM   348  C  CG  . ASN A 1 45  ? 15.928  0.267   -9.669  1.00 56.05 ? 236 ASN A CG  1 
ATOM   349  O  OD1 . ASN A 1 45  ? 16.352  0.878   -10.670 1.00 57.02 ? 236 ASN A OD1 1 
ATOM   350  N  ND2 . ASN A 1 45  ? 15.790  0.844   -8.474  1.00 56.89 ? 236 ASN A ND2 1 
ATOM   351  N  N   . GLN A 1 46  ? 14.525  -4.037  -8.147  1.00 52.37 ? 237 GLN A N   1 
ATOM   352  C  CA  . GLN A 1 46  ? 14.306  -5.468  -8.296  1.00 50.79 ? 237 GLN A CA  1 
ATOM   353  C  C   . GLN A 1 46  ? 13.096  -5.750  -9.182  1.00 49.33 ? 237 GLN A C   1 
ATOM   354  O  O   . GLN A 1 46  ? 13.208  -6.444  -10.193 1.00 49.34 ? 237 GLN A O   1 
ATOM   355  C  CB  . GLN A 1 46  ? 14.159  -6.140  -6.925  1.00 51.08 ? 237 GLN A CB  1 
ATOM   356  C  CG  . GLN A 1 46  ? 15.402  -6.054  -6.049  1.00 51.97 ? 237 GLN A CG  1 
ATOM   357  C  CD  . GLN A 1 46  ? 16.588  -6.814  -6.634  1.00 53.42 ? 237 GLN A CD  1 
ATOM   358  O  OE1 . GLN A 1 46  ? 16.456  -7.967  -7.062  1.00 53.34 ? 237 GLN A OE1 1 
ATOM   359  N  NE2 . GLN A 1 46  ? 17.754  -6.164  -6.658  1.00 54.13 ? 237 GLN A NE2 1 
ATOM   360  N  N   . ARG A 1 47  ? 11.946  -5.203  -8.792  1.00 47.31 ? 238 ARG A N   1 
ATOM   361  C  CA  . ARG A 1 47  ? 10.701  -5.354  -9.545  1.00 45.23 ? 238 ARG A CA  1 
ATOM   362  C  C   . ARG A 1 47  ? 9.620   -4.387  -9.057  1.00 43.02 ? 238 ARG A C   1 
ATOM   363  O  O   . ARG A 1 47  ? 9.793   -3.682  -8.058  1.00 42.35 ? 238 ARG A O   1 
ATOM   364  C  CB  . ARG A 1 47  ? 10.188  -6.804  -9.505  1.00 45.85 ? 238 ARG A CB  1 
ATOM   365  C  CG  . ARG A 1 47  ? 10.026  -7.399  -8.110  1.00 47.29 ? 238 ARG A CG  1 
ATOM   366  C  CD  . ARG A 1 47  ? 10.680  -8.780  -8.042  1.00 50.63 ? 238 ARG A CD  1 
ATOM   367  N  NE  . ARG A 1 47  ? 12.117  -8.725  -8.326  1.00 52.76 ? 238 ARG A NE  1 
ATOM   368  C  CZ  . ARG A 1 47  ? 12.922  -9.785  -8.403  1.00 53.67 ? 238 ARG A CZ  1 
ATOM   369  N  NH1 . ARG A 1 47  ? 12.449  -11.011 -8.218  1.00 54.18 ? 238 ARG A NH1 1 
ATOM   370  N  NH2 . ARG A 1 47  ? 14.211  -9.614  -8.669  1.00 53.60 ? 238 ARG A NH2 1 
ATOM   371  N  N   . ARG A 1 48  ? 8.508   -4.370  -9.784  1.00 40.39 ? 239 ARG A N   1 
ATOM   372  C  CA  . ARG A 1 48  ? 7.390   -3.493  -9.490  1.00 38.09 ? 239 ARG A CA  1 
ATOM   373  C  C   . ARG A 1 48  ? 6.139   -4.031  -10.150 1.00 35.70 ? 239 ARG A C   1 
ATOM   374  O  O   . ARG A 1 48  ? 6.208   -4.852  -11.063 1.00 35.20 ? 239 ARG A O   1 
ATOM   375  C  CB  . ARG A 1 48  ? 7.670   -2.054  -9.970  1.00 38.81 ? 239 ARG A CB  1 
ATOM   376  C  CG  . ARG A 1 48  ? 7.912   -1.914  -11.479 1.00 41.12 ? 239 ARG A CG  1 
ATOM   377  C  CD  . ARG A 1 48  ? 7.922   -0.457  -11.935 1.00 44.79 ? 239 ARG A CD  1 
ATOM   378  N  NE  . ARG A 1 48  ? 8.785   0.375   -11.082 1.00 48.54 ? 239 ARG A NE  1 
ATOM   379  C  CZ  . ARG A 1 48  ? 10.110  0.484   -11.220 1.00 50.87 ? 239 ARG A CZ  1 
ATOM   380  N  NH1 . ARG A 1 48  ? 10.754  -0.193  -12.177 1.00 50.98 ? 239 ARG A NH1 1 
ATOM   381  N  NH2 . ARG A 1 48  ? 10.798  1.273   -10.392 1.00 51.98 ? 239 ARG A NH2 1 
ATOM   382  N  N   . GLY A 1 49  ? 4.991   -3.552  -9.690  1.00 32.92 ? 240 GLY A N   1 
ATOM   383  C  CA  . GLY A 1 49  ? 3.725   -4.006  -10.215 1.00 29.90 ? 240 GLY A CA  1 
ATOM   384  C  C   . GLY A 1 49  ? 2.598   -3.465  -9.372  1.00 28.05 ? 240 GLY A C   1 
ATOM   385  O  O   . GLY A 1 49  ? 2.827   -2.773  -8.381  1.00 27.11 ? 240 GLY A O   1 
ATOM   386  N  N   . PHE A 1 50  ? 1.373   -3.796  -9.754  1.00 26.47 ? 241 PHE A N   1 
ATOM   387  C  CA  . PHE A 1 50  ? 0.230   -3.364  -8.984  1.00 25.64 ? 241 PHE A CA  1 
ATOM   388  C  C   . PHE A 1 50  ? -0.850  -4.422  -9.066  1.00 25.46 ? 241 PHE A C   1 
ATOM   389  O  O   . PHE A 1 50  ? -0.778  -5.325  -9.894  1.00 24.78 ? 241 PHE A O   1 
ATOM   390  C  CB  . PHE A 1 50  ? -0.293  -2.007  -9.499  1.00 25.14 ? 241 PHE A CB  1 
ATOM   391  C  CG  . PHE A 1 50  ? -1.176  -2.116  -10.714 1.00 24.92 ? 241 PHE A CG  1 
ATOM   392  C  CD1 . PHE A 1 50  ? -2.562  -2.117  -10.586 1.00 25.16 ? 241 PHE A CD1 1 
ATOM   393  C  CD2 . PHE A 1 50  ? -0.620  -2.229  -11.982 1.00 25.18 ? 241 PHE A CD2 1 
ATOM   394  C  CE1 . PHE A 1 50  ? -3.387  -2.227  -11.709 1.00 26.14 ? 241 PHE A CE1 1 
ATOM   395  C  CE2 . PHE A 1 50  ? -1.437  -2.332  -13.113 1.00 27.35 ? 241 PHE A CE2 1 
ATOM   396  C  CZ  . PHE A 1 50  ? -2.830  -2.332  -12.969 1.00 26.27 ? 241 PHE A CZ  1 
ATOM   397  N  N   . LEU A 1 51  ? -1.874  -4.268  -8.235  1.00 25.57 ? 242 LEU A N   1 
ATOM   398  C  CA  . LEU A 1 51  ? -2.986  -5.201  -8.192  1.00 26.33 ? 242 LEU A CA  1 
ATOM   399  C  C   . LEU A 1 51  ? -4.157  -4.608  -7.409  1.00 26.71 ? 242 LEU A C   1 
ATOM   400  O  O   . LEU A 1 51  ? -4.025  -3.572  -6.778  1.00 26.05 ? 242 LEU A O   1 
ATOM   401  C  CB  . LEU A 1 51  ? -2.530  -6.522  -7.552  1.00 26.25 ? 242 LEU A CB  1 
ATOM   402  C  CG  . LEU A 1 51  ? -2.001  -6.501  -6.115  1.00 25.62 ? 242 LEU A CG  1 
ATOM   403  C  CD1 . LEU A 1 51  ? -3.132  -6.678  -5.113  1.00 21.99 ? 242 LEU A CD1 1 
ATOM   404  C  CD2 . LEU A 1 51  ? -0.976  -7.641  -5.990  1.00 26.54 ? 242 LEU A CD2 1 
ATOM   405  N  N   . CYS A 1 52  ? -5.300  -5.272  -7.444  1.00 28.24 ? 243 CYS A N   1 
ATOM   406  C  CA  . CYS A 1 52  ? -6.432  -4.847  -6.627  1.00 30.60 ? 243 CYS A CA  1 
ATOM   407  C  C   . CYS A 1 52  ? -7.070  -6.082  -6.008  1.00 31.20 ? 243 CYS A C   1 
ATOM   408  O  O   . CYS A 1 52  ? -6.656  -7.206  -6.305  1.00 30.86 ? 243 CYS A O   1 
ATOM   409  C  CB  . CYS A 1 52  ? -7.433  -4.031  -7.454  1.00 30.62 ? 243 CYS A CB  1 
ATOM   410  S  SG  . CYS A 1 52  ? -8.424  -5.007  -8.597  1.00 36.22 ? 243 CYS A SG  1 
ATOM   411  N  N   . ASN A 1 53  ? -8.043  -5.876  -5.124  1.00 32.48 ? 244 ASN A N   1 
ATOM   412  C  CA  . ASN A 1 53  ? -8.705  -6.977  -4.452  1.00 34.41 ? 244 ASN A CA  1 
ATOM   413  C  C   . ASN A 1 53  ? -9.429  -7.880  -5.453  1.00 36.36 ? 244 ASN A C   1 
ATOM   414  O  O   . ASN A 1 53  ? -9.670  -7.481  -6.586  1.00 36.53 ? 244 ASN A O   1 
ATOM   415  C  CB  . ASN A 1 53  ? -9.701  -6.431  -3.450  1.00 34.11 ? 244 ASN A CB  1 
ATOM   416  C  CG  . ASN A 1 53  ? -10.816 -5.684  -4.119  1.00 33.52 ? 244 ASN A CG  1 
ATOM   417  O  OD1 . ASN A 1 53  ? -10.617 -4.588  -4.658  1.00 32.05 ? 244 ASN A OD1 1 
ATOM   418  N  ND2 . ASN A 1 53  ? -11.986 -6.281  -4.131  1.00 32.83 ? 244 ASN A ND2 1 
ATOM   419  N  N   . GLN A 1 54  ? -9.764  -9.097  -5.028  1.00 38.93 ? 245 GLN A N   1 
ATOM   420  C  CA  . GLN A 1 54  ? -10.520 -10.034 -5.855  1.00 41.11 ? 245 GLN A CA  1 
ATOM   421  C  C   . GLN A 1 54  ? -11.914 -10.214 -5.269  1.00 42.08 ? 245 GLN A C   1 
ATOM   422  O  O   . GLN A 1 54  ? -12.106 -11.018 -4.343  1.00 42.48 ? 245 GLN A O   1 
ATOM   423  C  CB  . GLN A 1 54  ? -9.807  -11.395 -5.946  1.00 41.47 ? 245 GLN A CB  1 
ATOM   424  C  CG  . GLN A 1 54  ? -8.472  -11.378 -6.699  1.00 43.51 ? 245 GLN A CG  1 
ATOM   425  C  CD  . GLN A 1 54  ? -8.606  -10.795 -8.105  1.00 47.01 ? 245 GLN A CD  1 
ATOM   426  O  OE1 . GLN A 1 54  ? -9.237  -11.395 -8.982  1.00 48.92 ? 245 GLN A OE1 1 
ATOM   427  N  NE2 . GLN A 1 54  ? -8.013  -9.618  -8.324  1.00 47.17 ? 245 GLN A NE2 1 
ATOM   428  N  N   . ALA A 1 55  ? -12.877 -9.459  -5.812  1.00 43.36 ? 246 ALA A N   1 
ATOM   429  C  CA  . ALA A 1 55  ? -14.280 -9.524  -5.388  1.00 44.90 ? 246 ALA A CA  1 
ATOM   430  C  C   . ALA A 1 55  ? -14.788 -10.963 -5.203  1.00 46.04 ? 246 ALA A C   1 
ATOM   431  O  O   . ALA A 1 55  ? -14.366 -11.870 -5.934  1.00 45.77 ? 246 ALA A O   1 
ATOM   432  C  CB  . ALA A 1 55  ? -15.162 -8.767  -6.375  1.00 44.89 ? 246 ALA A CB  1 
ATOM   433  N  N   . PRO A 1 56  ? -15.671 -11.184 -4.202  1.00 47.39 ? 247 PRO A N   1 
ATOM   434  C  CA  . PRO A 1 56  ? -16.251 -12.520 -4.021  1.00 48.37 ? 247 PRO A CA  1 
ATOM   435  C  C   . PRO A 1 56  ? -16.823 -13.072 -5.331  1.00 49.37 ? 247 PRO A C   1 
ATOM   436  O  O   . PRO A 1 56  ? -17.450 -12.333 -6.108  1.00 49.42 ? 247 PRO A O   1 
ATOM   437  C  CB  . PRO A 1 56  ? -17.348 -12.287 -2.978  1.00 48.40 ? 247 PRO A CB  1 
ATOM   438  C  CG  . PRO A 1 56  ? -16.832 -11.150 -2.166  1.00 47.90 ? 247 PRO A CG  1 
ATOM   439  C  CD  . PRO A 1 56  ? -16.152 -10.237 -3.171  1.00 47.49 ? 247 PRO A CD  1 
ATOM   440  N  N   . HIS A 1 57  ? -16.559 -14.357 -5.579  1.00 50.54 ? 248 HIS A N   1 
ATOM   441  C  CA  . HIS A 1 57  ? -16.901 -14.980 -6.849  1.00 51.54 ? 248 HIS A CA  1 
ATOM   442  C  C   . HIS A 1 57  ? -17.069 -16.481 -6.668  1.00 52.09 ? 248 HIS A C   1 
ATOM   443  O  O   . HIS A 1 57  ? -16.263 -17.130 -5.996  1.00 52.15 ? 248 HIS A O   1 
ATOM   444  C  CB  . HIS A 1 57  ? -15.803 -14.696 -7.877  1.00 51.64 ? 248 HIS A CB  1 
ATOM   445  C  CG  . HIS A 1 57  ? -16.259 -14.811 -9.297  1.00 52.70 ? 248 HIS A CG  1 
ATOM   446  N  ND1 . HIS A 1 57  ? -16.914 -13.781 -9.962  1.00 53.33 ? 248 HIS A ND1 1 
ATOM   447  C  CD2 . HIS A 1 57  ? -16.146 -15.829 -10.186 1.00 53.94 ? 248 HIS A CD2 1 
ATOM   448  C  CE1 . HIS A 1 57  ? -17.190 -14.163 -11.197 1.00 54.30 ? 248 HIS A CE1 1 
ATOM   449  N  NE2 . HIS A 1 57  ? -16.732 -15.401 -11.359 1.00 54.48 ? 248 HIS A NE2 1 
ATOM   450  N  N   . LYS A 1 58  ? -18.119 -17.022 -7.283  1.00 52.87 ? 249 LYS A N   1 
ATOM   451  C  CA  . LYS A 1 58  ? -18.457 -18.442 -7.171  1.00 53.54 ? 249 LYS A CA  1 
ATOM   452  C  C   . LYS A 1 58  ? -17.465 -19.332 -7.920  1.00 53.90 ? 249 LYS A C   1 
ATOM   453  O  O   . LYS A 1 58  ? -17.314 -20.513 -7.598  1.00 54.01 ? 249 LYS A O   1 
ATOM   454  C  CB  . LYS A 1 58  ? -19.891 -18.685 -7.650  1.00 53.68 ? 249 LYS A CB  1 
ATOM   455  C  CG  . LYS A 1 58  ? -20.922 -17.896 -6.855  1.00 54.05 ? 249 LYS A CG  1 
ATOM   456  C  CD  . LYS A 1 58  ? -22.331 -18.102 -7.373  1.00 54.72 ? 249 LYS A CD  1 
ATOM   457  C  CE  . LYS A 1 58  ? -23.311 -17.120 -6.718  1.00 54.74 ? 249 LYS A CE  1 
ATOM   458  N  NZ  . LYS A 1 58  ? -23.510 -17.455 -5.258  1.00 54.75 ? 249 LYS A NZ  1 
ATOM   459  N  N   . HIS A 1 59  ? -16.786 -18.747 -8.907  1.00 54.27 ? 250 HIS A N   1 
ATOM   460  C  CA  . HIS A 1 59  ? -15.773 -19.445 -9.700  1.00 54.41 ? 250 HIS A CA  1 
ATOM   461  C  C   . HIS A 1 59  ? -14.354 -19.116 -9.239  1.00 54.34 ? 250 HIS A C   1 
ATOM   462  O  O   . HIS A 1 59  ? -13.378 -19.549 -9.857  1.00 54.21 ? 250 HIS A O   1 
ATOM   463  C  CB  . HIS A 1 59  ? -15.947 -19.106 -11.179 1.00 54.47 ? 250 HIS A CB  1 
ATOM   464  C  CG  . HIS A 1 59  ? -17.258 -19.552 -11.750 1.00 55.01 ? 250 HIS A CG  1 
ATOM   465  N  ND1 . HIS A 1 59  ? -17.367 -20.624 -12.614 1.00 55.78 ? 250 HIS A ND1 1 
ATOM   466  C  CD2 . HIS A 1 59  ? -18.514 -19.070 -11.586 1.00 55.14 ? 250 HIS A CD2 1 
ATOM   467  C  CE1 . HIS A 1 59  ? -18.633 -20.787 -12.953 1.00 55.77 ? 250 HIS A CE1 1 
ATOM   468  N  NE2 . HIS A 1 59  ? -19.350 -19.856 -12.343 1.00 55.35 ? 250 HIS A NE2 1 
ATOM   469  N  N   . GLY A 1 60  ? -14.253 -18.351 -8.149  1.00 54.44 ? 251 GLY A N   1 
ATOM   470  C  CA  . GLY A 1 60  ? -12.965 -17.981 -7.557  1.00 54.43 ? 251 GLY A CA  1 
ATOM   471  C  C   . GLY A 1 60  ? -13.012 -18.051 -6.043  1.00 54.45 ? 251 GLY A C   1 
ATOM   472  O  O   . GLY A 1 60  ? -13.617 -18.978 -5.475  1.00 54.50 ? 251 GLY A O   1 
ATOM   473  N  N   . PHE A 1 61  ? -12.370 -17.067 -5.391  1.00 54.41 ? 252 PHE A N   1 
ATOM   474  C  CA  . PHE A 1 61  ? -12.443 -16.938 -3.929  1.00 54.30 ? 252 PHE A CA  1 
ATOM   475  C  C   . PHE A 1 61  ? -13.871 -16.575 -3.489  1.00 53.87 ? 252 PHE A C   1 
ATOM   476  O  O   . PHE A 1 61  ? -14.337 -15.416 -3.666  1.00 53.77 ? 252 PHE A O   1 
ATOM   477  C  CB  . PHE A 1 61  ? -11.437 -15.897 -3.414  1.00 54.57 ? 252 PHE A CB  1 
ATOM   478  C  CG  . PHE A 1 61  ? -10.015 -16.130 -3.869  1.00 56.01 ? 252 PHE A CG  1 
ATOM   479  C  CD1 . PHE A 1 61  ? -9.513  -15.419 -5.006  1.00 56.49 ? 252 PHE A CD1 1 
ATOM   480  C  CD2 . PHE A 1 61  ? -9.178  -17.047 -3.156  1.00 56.83 ? 252 PHE A CD2 1 
ATOM   481  C  CE1 . PHE A 1 61  ? -8.198  -15.625 -5.428  1.00 57.19 ? 252 PHE A CE1 1 
ATOM   482  C  CE2 . PHE A 1 61  ? -7.860  -17.260 -3.570  1.00 57.13 ? 252 PHE A CE2 1 
ATOM   483  C  CZ  . PHE A 1 61  ? -7.371  -16.548 -4.709  1.00 57.02 ? 252 PHE A CZ  1 
ATOM   484  N  N   . LEU A 1 62  ? -14.560 -17.588 -2.931  1.00 53.30 ? 253 LEU A N   1 
ATOM   485  C  CA  . LEU A 1 62  ? -15.960 -17.442 -2.512  1.00 52.67 ? 253 LEU A CA  1 
ATOM   486  C  C   . LEU A 1 62  ? -16.157 -16.300 -1.516  1.00 51.76 ? 253 LEU A C   1 
ATOM   487  O  O   . LEU A 1 62  ? -17.069 -15.476 -1.672  1.00 51.89 ? 253 LEU A O   1 
ATOM   488  C  CB  . LEU A 1 62  ? -16.478 -18.767 -1.916  1.00 54.46 ? 253 LEU A CB  1 
ATOM   489  C  CG  . LEU A 1 62  ? -17.870 -18.838 -1.275  1.00 55.45 ? 253 LEU A CG  1 
ATOM   490  C  CD1 . LEU A 1 62  ? -18.983 -18.740 -2.316  1.00 56.55 ? 253 LEU A CD1 1 
ATOM   491  C  CD2 . LEU A 1 62  ? -18.002 -20.116 -0.452  1.00 56.37 ? 253 LEU A CD2 1 
ATOM   492  N  N   . GLU A 1 63  ? -15.285 -16.262 -0.506  1.00 50.47 ? 254 GLU A N   1 
ATOM   493  C  CA  . GLU A 1 63  ? -15.351 -15.273 0.567   1.00 49.08 ? 254 GLU A CA  1 
ATOM   494  C  C   . GLU A 1 63  ? -14.535 -14.015 0.233   1.00 47.65 ? 254 GLU A C   1 
ATOM   495  O  O   . GLU A 1 63  ? -14.302 -13.161 1.096   1.00 47.91 ? 254 GLU A O   1 
ATOM   496  C  CB  . GLU A 1 63  ? -14.877 -15.909 1.889   1.00 49.41 ? 254 GLU A CB  1 
ATOM   497  C  CG  . GLU A 1 63  ? -15.422 -15.247 3.167   1.00 51.94 ? 254 GLU A CG  1 
ATOM   498  C  CD  . GLU A 1 63  ? -16.919 -15.454 3.368   1.00 53.03 ? 254 GLU A CD  1 
ATOM   499  O  OE1 . GLU A 1 63  ? -17.560 -14.608 4.071   1.00 54.68 ? 254 GLU A OE1 1 
ATOM   500  O  OE2 . GLU A 1 63  ? -17.464 -16.448 2.820   1.00 53.51 ? 254 GLU A OE2 1 
ATOM   501  N  N   . GLY A 1 64  ? -14.112 -13.900 -1.027  1.00 45.64 ? 255 GLY A N   1 
ATOM   502  C  CA  . GLY A 1 64  ? -13.371 -12.726 -1.487  1.00 42.63 ? 255 GLY A CA  1 
ATOM   503  C  C   . GLY A 1 64  ? -11.903 -12.780 -1.108  1.00 40.49 ? 255 GLY A C   1 
ATOM   504  O  O   . GLY A 1 64  ? -11.510 -13.496 -0.167  1.00 40.96 ? 255 GLY A O   1 
ATOM   505  N  N   . ARG A 1 65  ? -11.092 -12.010 -1.841  1.00 37.38 ? 256 ARG A N   1 
ATOM   506  C  CA  . ARG A 1 65  ? -9.650  -11.983 -1.627  1.00 34.15 ? 256 ARG A CA  1 
ATOM   507  C  C   . ARG A 1 65  ? -9.168  -10.539 -1.606  1.00 32.04 ? 256 ARG A C   1 
ATOM   508  O  O   . ARG A 1 65  ? -9.144  -9.862  -2.636  1.00 30.99 ? 256 ARG A O   1 
ATOM   509  C  CB  . ARG A 1 65  ? -8.940  -12.781 -2.727  1.00 34.27 ? 256 ARG A CB  1 
ATOM   510  C  CG  . ARG A 1 65  ? -7.480  -13.085 -2.462  1.00 33.73 ? 256 ARG A CG  1 
ATOM   511  C  CD  . ARG A 1 65  ? -7.352  -14.222 -1.489  1.00 32.53 ? 256 ARG A CD  1 
ATOM   512  N  NE  . ARG A 1 65  ? -5.968  -14.591 -1.179  1.00 29.39 ? 256 ARG A NE  1 
ATOM   513  C  CZ  . ARG A 1 65  ? -5.665  -15.415 -0.189  1.00 26.52 ? 256 ARG A CZ  1 
ATOM   514  N  NH1 . ARG A 1 65  ? -6.653  -15.910 0.540   1.00 26.03 ? 256 ARG A NH1 1 
ATOM   515  N  NH2 . ARG A 1 65  ? -4.402  -15.740 0.077   1.00 25.72 ? 256 ARG A NH2 1 
ATOM   516  N  N   . HIS A 1 66  ? -8.788  -10.070 -0.421  1.00 29.60 ? 257 HIS A N   1 
ATOM   517  C  CA  . HIS A 1 66  ? -8.393  -8.681  -0.251  1.00 27.68 ? 257 HIS A CA  1 
ATOM   518  C  C   . HIS A 1 66  ? -7.048  -8.420  -0.898  1.00 26.33 ? 257 HIS A C   1 
ATOM   519  O  O   . HIS A 1 66  ? -6.217  -9.328  -1.003  1.00 25.94 ? 257 HIS A O   1 
ATOM   520  C  CB  . HIS A 1 66  ? -8.399  -8.272  1.228   1.00 27.91 ? 257 HIS A CB  1 
ATOM   521  C  CG  . HIS A 1 66  ? -9.768  -8.209  1.823   1.00 28.09 ? 257 HIS A CG  1 
ATOM   522  N  ND1 . HIS A 1 66  ? -9.992  -7.924  3.153   1.00 29.18 ? 257 HIS A ND1 1 
ATOM   523  C  CD2 . HIS A 1 66  ? -10.992 -8.385  1.264   1.00 27.65 ? 257 HIS A CD2 1 
ATOM   524  C  CE1 . HIS A 1 66  ? -11.292 -7.929  3.390   1.00 28.97 ? 257 HIS A CE1 1 
ATOM   525  N  NE2 . HIS A 1 66  ? -11.921 -8.212  2.260   1.00 29.42 ? 257 HIS A NE2 1 
ATOM   526  N  N   . ALA A 1 67  ? -6.863  -7.183  -1.354  1.00 23.98 ? 258 ALA A N   1 
ATOM   527  C  CA  . ALA A 1 67  ? -5.692  -6.800  -2.100  1.00 22.95 ? 258 ALA A CA  1 
ATOM   528  C  C   . ALA A 1 67  ? -4.421  -7.137  -1.355  1.00 22.66 ? 258 ALA A C   1 
ATOM   529  O  O   . ALA A 1 67  ? -3.408  -7.515  -1.963  1.00 22.01 ? 258 ALA A O   1 
ATOM   530  C  CB  . ALA A 1 67  ? -5.734  -5.321  -2.398  1.00 22.67 ? 258 ALA A CB  1 
ATOM   531  N  N   . GLU A 1 68  ? -4.486  -6.973  -0.033  1.00 22.34 ? 259 GLU A N   1 
ATOM   532  C  CA  . GLU A 1 68  ? -3.359  -7.187  0.845   1.00 21.85 ? 259 GLU A CA  1 
ATOM   533  C  C   . GLU A 1 68  ? -2.988  -8.662  0.865   1.00 21.76 ? 259 GLU A C   1 
ATOM   534  O  O   . GLU A 1 68  ? -1.799  -9.005  0.869   1.00 20.91 ? 259 GLU A O   1 
ATOM   535  C  CB  . GLU A 1 68  ? -3.684  -6.681  2.250   1.00 22.32 ? 259 GLU A CB  1 
ATOM   536  C  CG  . GLU A 1 68  ? -3.828  -5.161  2.362   1.00 22.52 ? 259 GLU A CG  1 
ATOM   537  C  CD  . GLU A 1 68  ? -5.214  -4.655  2.002   1.00 24.04 ? 259 GLU A CD  1 
ATOM   538  O  OE1 . GLU A 1 68  ? -5.480  -3.451  2.194   1.00 24.05 ? 259 GLU A OE1 1 
ATOM   539  O  OE2 . GLU A 1 68  ? -6.039  -5.446  1.501   1.00 25.14 ? 259 GLU A OE2 1 
ATOM   540  N  N   . LEU A 1 69  ? -4.011  -9.522  0.846   1.00 21.00 ? 260 LEU A N   1 
ATOM   541  C  CA  . LEU A 1 69  ? -3.787  -10.964 0.784   1.00 21.61 ? 260 LEU A CA  1 
ATOM   542  C  C   . LEU A 1 69  ? -3.252  -11.403 -0.571  1.00 21.96 ? 260 LEU A C   1 
ATOM   543  O  O   . LEU A 1 69  ? -2.375  -12.287 -0.636  1.00 21.28 ? 260 LEU A O   1 
ATOM   544  C  CB  . LEU A 1 69  ? -5.047  -11.751 1.142   1.00 21.57 ? 260 LEU A CB  1 
ATOM   545  C  CG  . LEU A 1 69  ? -5.558  -11.674 2.586   1.00 22.54 ? 260 LEU A CG  1 
ATOM   546  C  CD1 . LEU A 1 69  ? -6.768  -12.584 2.769   1.00 22.61 ? 260 LEU A CD1 1 
ATOM   547  C  CD2 . LEU A 1 69  ? -4.461  -12.021 3.589   1.00 21.27 ? 260 LEU A CD2 1 
ATOM   548  N  N   . CYS A 1 70  ? -3.772  -10.786 -1.642  1.00 21.50 ? 261 CYS A N   1 
ATOM   549  C  CA  . CYS A 1 70  ? -3.274  -11.050 -2.994  1.00 22.56 ? 261 CYS A CA  1 
ATOM   550  C  C   . CYS A 1 70  ? -1.821  -10.625 -3.142  1.00 22.19 ? 261 CYS A C   1 
ATOM   551  O  O   . CYS A 1 70  ? -1.041  -11.294 -3.812  1.00 22.52 ? 261 CYS A O   1 
ATOM   552  C  CB  . CYS A 1 70  ? -4.104  -10.329 -4.061  1.00 22.78 ? 261 CYS A CB  1 
ATOM   553  S  SG  . CYS A 1 70  ? -5.800  -10.837 -4.165  1.00 25.62 ? 261 CYS A SG  1 
ATOM   554  N  N   . PHE A 1 71  ? -1.474  -9.488  -2.547  1.00 21.50 ? 262 PHE A N   1 
ATOM   555  C  CA  . PHE A 1 71  ? -0.089  -9.026  -2.536  1.00 21.04 ? 262 PHE A CA  1 
ATOM   556  C  C   . PHE A 1 71  ? 0.840   -10.069 -1.913  1.00 20.74 ? 262 PHE A C   1 
ATOM   557  O  O   . PHE A 1 71  ? 1.855   -10.447 -2.512  1.00 20.52 ? 262 PHE A O   1 
ATOM   558  C  CB  . PHE A 1 71  ? 0.006   -7.679  -1.800  1.00 20.68 ? 262 PHE A CB  1 
ATOM   559  C  CG  . PHE A 1 71  ? 1.408   -7.234  -1.520  1.00 21.02 ? 262 PHE A CG  1 
ATOM   560  C  CD1 . PHE A 1 71  ? 2.313   -7.019  -2.560  1.00 20.66 ? 262 PHE A CD1 1 
ATOM   561  C  CD2 . PHE A 1 71  ? 1.813   -6.986  -0.208  1.00 22.14 ? 262 PHE A CD2 1 
ATOM   562  C  CE1 . PHE A 1 71  ? 3.615   -6.591  -2.302  1.00 22.81 ? 262 PHE A CE1 1 
ATOM   563  C  CE2 . PHE A 1 71  ? 3.114   -6.549  0.067   1.00 22.70 ? 262 PHE A CE2 1 
ATOM   564  C  CZ  . PHE A 1 71  ? 4.020   -6.353  -0.990  1.00 23.99 ? 262 PHE A CZ  1 
ATOM   565  N  N   . LEU A 1 72  ? 0.500   -10.540 -0.712  1.00 21.03 ? 263 LEU A N   1 
ATOM   566  C  CA  . LEU A 1 72  ? 1.298   -11.586 -0.052  1.00 21.65 ? 263 LEU A CA  1 
ATOM   567  C  C   . LEU A 1 72  ? 1.346   -12.885 -0.886  1.00 22.02 ? 263 LEU A C   1 
ATOM   568  O  O   . LEU A 1 72  ? 2.319   -13.613 -0.836  1.00 21.89 ? 263 LEU A O   1 
ATOM   569  C  CB  . LEU A 1 72  ? 0.787   -11.856 1.367   1.00 21.46 ? 263 LEU A CB  1 
ATOM   570  C  CG  . LEU A 1 72  ? 1.004   -10.779 2.443   1.00 21.27 ? 263 LEU A CG  1 
ATOM   571  C  CD1 . LEU A 1 72  ? 0.334   -11.213 3.700   1.00 19.74 ? 263 LEU A CD1 1 
ATOM   572  C  CD2 . LEU A 1 72  ? 2.494   -10.526 2.695   1.00 21.74 ? 263 LEU A CD2 1 
ATOM   573  N  N   . ASP A 1 73  ? 0.295   -13.147 -1.662  1.00 23.03 ? 264 ASP A N   1 
ATOM   574  C  CA  . ASP A 1 73  ? 0.252   -14.294 -2.574  1.00 24.00 ? 264 ASP A CA  1 
ATOM   575  C  C   . ASP A 1 73  ? 1.315   -14.249 -3.655  1.00 24.29 ? 264 ASP A C   1 
ATOM   576  O  O   . ASP A 1 73  ? 1.806   -15.292 -4.070  1.00 24.70 ? 264 ASP A O   1 
ATOM   577  C  CB  . ASP A 1 73  ? -1.126  -14.437 -3.235  1.00 24.13 ? 264 ASP A CB  1 
ATOM   578  C  CG  . ASP A 1 73  ? -2.214  -14.794 -2.248  1.00 26.96 ? 264 ASP A CG  1 
ATOM   579  O  OD1 . ASP A 1 73  ? -1.906  -15.435 -1.215  1.00 26.84 ? 264 ASP A OD1 1 
ATOM   580  O  OD2 . ASP A 1 73  ? -3.387  -14.421 -2.497  1.00 30.75 ? 264 ASP A OD2 1 
ATOM   581  N  N   . VAL A 1 74  ? 1.680   -13.056 -4.117  1.00 24.53 ? 265 VAL A N   1 
ATOM   582  C  CA  . VAL A 1 74  ? 2.600   -12.968 -5.255  1.00 25.35 ? 265 VAL A CA  1 
ATOM   583  C  C   . VAL A 1 74  ? 4.049   -12.941 -4.838  1.00 26.43 ? 265 VAL A C   1 
ATOM   584  O  O   . VAL A 1 74  ? 4.935   -13.270 -5.635  1.00 25.54 ? 265 VAL A O   1 
ATOM   585  C  CB  . VAL A 1 74  ? 2.280   -11.805 -6.232  1.00 24.89 ? 265 VAL A CB  1 
ATOM   586  C  CG1 . VAL A 1 74  ? 0.890   -11.938 -6.778  1.00 24.46 ? 265 VAL A CG1 1 
ATOM   587  C  CG2 . VAL A 1 74  ? 2.518   -10.438 -5.575  1.00 25.17 ? 265 VAL A CG2 1 
ATOM   588  N  N   . ILE A 1 75  ? 4.435   -12.477 -3.610  1.00 29.02 ? 266 ILE A N   1 
ATOM   589  C  CA  . ILE A 1 75  ? 5.812   -12.380 -3.151  1.00 31.76 ? 266 ILE A CA  1 
ATOM   590  C  C   . ILE A 1 75  ? 6.599   -13.666 -3.415  1.00 34.14 ? 266 ILE A C   1 
ATOM   591  O  O   . ILE A 1 75  ? 7.746   -13.606 -3.829  1.00 33.50 ? 266 ILE A O   1 
ATOM   592  C  CB  . ILE A 1 75  ? 5.871   -12.002 -1.654  1.00 31.60 ? 266 ILE A CB  1 
ATOM   593  C  CG1 . ILE A 1 75  ? 5.223   -10.625 -1.459  1.00 30.87 ? 266 ILE A CG1 1 
ATOM   594  C  CG2 . ILE A 1 75  ? 7.331   -11.986 -1.158  1.00 31.73 ? 266 ILE A CG2 1 
ATOM   595  C  CD1 . ILE A 1 75  ? 5.110   -10.199 -0.005  1.00 33.41 ? 266 ILE A CD1 1 
ATOM   596  N  N   . PRO A 1 76  ? 5.996   -14.845 -3.181  1.00 37.01 ? 267 PRO A N   1 
ATOM   597  C  CA  . PRO A 1 76  ? 6.748   -16.079 -3.446  1.00 39.02 ? 267 PRO A CA  1 
ATOM   598  C  C   . PRO A 1 76  ? 7.275   -16.132 -4.884  1.00 41.33 ? 267 PRO A C   1 
ATOM   599  O  O   . PRO A 1 76  ? 8.381   -16.610 -5.134  1.00 42.11 ? 267 PRO A O   1 
ATOM   600  C  CB  . PRO A 1 76  ? 5.719   -17.174 -3.169  1.00 38.73 ? 267 PRO A CB  1 
ATOM   601  C  CG  . PRO A 1 76  ? 4.892   -16.584 -2.056  1.00 38.15 ? 267 PRO A CG  1 
ATOM   602  C  CD  . PRO A 1 76  ? 4.719   -15.138 -2.497  1.00 37.27 ? 267 PRO A CD  1 
ATOM   603  N  N   . PHE A 1 77  ? 6.477   -15.625 -5.822  1.00 43.81 ? 268 PHE A N   1 
ATOM   604  C  CA  . PHE A 1 77  ? 6.842   -15.608 -7.239  1.00 45.93 ? 268 PHE A CA  1 
ATOM   605  C  C   . PHE A 1 77  ? 7.953   -14.631 -7.592  1.00 46.99 ? 268 PHE A C   1 
ATOM   606  O  O   . PHE A 1 77  ? 8.387   -14.580 -8.741  1.00 47.68 ? 268 PHE A O   1 
ATOM   607  C  CB  . PHE A 1 77  ? 5.620   -15.302 -8.105  1.00 46.16 ? 268 PHE A CB  1 
ATOM   608  C  CG  . PHE A 1 77  ? 4.560   -16.355 -8.040  1.00 47.64 ? 268 PHE A CG  1 
ATOM   609  C  CD1 . PHE A 1 77  ? 3.311   -16.067 -7.513  1.00 49.01 ? 268 PHE A CD1 1 
ATOM   610  C  CD2 . PHE A 1 77  ? 4.820   -17.646 -8.486  1.00 49.71 ? 268 PHE A CD2 1 
ATOM   611  C  CE1 . PHE A 1 77  ? 2.334   -17.047 -7.427  1.00 49.82 ? 268 PHE A CE1 1 
ATOM   612  C  CE2 . PHE A 1 77  ? 3.852   -18.635 -8.406  1.00 50.34 ? 268 PHE A CE2 1 
ATOM   613  C  CZ  . PHE A 1 77  ? 2.604   -18.337 -7.875  1.00 50.22 ? 268 PHE A CZ  1 
ATOM   614  N  N   . TRP A 1 78  ? 8.404   -13.845 -6.618  1.00 48.29 ? 269 TRP A N   1 
ATOM   615  C  CA  . TRP A 1 78  ? 9.488   -12.902 -6.866  1.00 49.32 ? 269 TRP A CA  1 
ATOM   616  C  C   . TRP A 1 78  ? 10.811  -13.643 -6.751  1.00 49.81 ? 269 TRP A C   1 
ATOM   617  O  O   . TRP A 1 78  ? 11.788  -13.297 -7.410  1.00 50.28 ? 269 TRP A O   1 
ATOM   618  C  CB  . TRP A 1 78  ? 9.466   -11.748 -5.858  1.00 49.59 ? 269 TRP A CB  1 
ATOM   619  C  CG  . TRP A 1 78  ? 8.259   -10.866 -5.949  1.00 50.96 ? 269 TRP A CG  1 
ATOM   620  C  CD1 . TRP A 1 78  ? 7.345   -10.823 -6.962  1.00 52.85 ? 269 TRP A CD1 1 
ATOM   621  C  CD2 . TRP A 1 78  ? 7.831   -9.898  -4.986  1.00 52.61 ? 269 TRP A CD2 1 
ATOM   622  N  NE1 . TRP A 1 78  ? 6.375   -9.896  -6.687  1.00 53.83 ? 269 TRP A NE1 1 
ATOM   623  C  CE2 . TRP A 1 78  ? 6.647   -9.310  -5.480  1.00 53.09 ? 269 TRP A CE2 1 
ATOM   624  C  CE3 . TRP A 1 78  ? 8.332   -9.469  -3.749  1.00 53.94 ? 269 TRP A CE3 1 
ATOM   625  C  CZ2 . TRP A 1 78  ? 5.954   -8.314  -4.782  1.00 53.48 ? 269 TRP A CZ2 1 
ATOM   626  C  CZ3 . TRP A 1 78  ? 7.642   -8.478  -3.054  1.00 54.71 ? 269 TRP A CZ3 1 
ATOM   627  C  CH2 . TRP A 1 78  ? 6.468   -7.914  -3.574  1.00 54.39 ? 269 TRP A CH2 1 
ATOM   628  N  N   . LYS A 1 79  ? 10.836  -14.675 -5.914  1.00 50.38 ? 270 LYS A N   1 
ATOM   629  C  CA  . LYS A 1 79  ? 12.044  -15.467 -5.703  1.00 50.92 ? 270 LYS A CA  1 
ATOM   630  C  C   . LYS A 1 79  ? 13.239  -14.615 -5.316  1.00 51.99 ? 270 LYS A C   1 
ATOM   631  O  O   . LYS A 1 79  ? 14.298  -14.689 -5.939  1.00 52.72 ? 270 LYS A O   1 
ATOM   632  C  CB  . LYS A 1 79  ? 12.392  -16.275 -6.953  1.00 50.43 ? 270 LYS A CB  1 
ATOM   633  C  CG  . LYS A 1 79  ? 11.639  -17.576 -7.066  1.00 48.42 ? 270 LYS A CG  1 
ATOM   634  C  CD  . LYS A 1 79  ? 12.449  -18.564 -7.853  1.00 44.39 ? 270 LYS A CD  1 
ATOM   635  C  CE  . LYS A 1 79  ? 11.903  -19.952 -7.681  1.00 41.39 ? 270 LYS A CE  1 
ATOM   636  N  NZ  . LYS A 1 79  ? 12.735  -20.919 -8.426  1.00 41.51 ? 270 LYS A NZ  1 
ATOM   637  N  N   . LEU A 1 80  ? 13.058  -13.802 -4.286  1.00 52.93 ? 271 LEU A N   1 
ATOM   638  C  CA  . LEU A 1 80  ? 14.125  -12.953 -3.795  1.00 53.56 ? 271 LEU A CA  1 
ATOM   639  C  C   . LEU A 1 80  ? 15.141  -13.881 -3.137  1.00 53.92 ? 271 LEU A C   1 
ATOM   640  O  O   . LEU A 1 80  ? 14.755  -14.886 -2.540  1.00 54.30 ? 271 LEU A O   1 
ATOM   641  C  CB  . LEU A 1 80  ? 13.569  -11.983 -2.746  1.00 53.85 ? 271 LEU A CB  1 
ATOM   642  C  CG  . LEU A 1 80  ? 12.299  -11.206 -3.111  1.00 54.30 ? 271 LEU A CG  1 
ATOM   643  C  CD1 . LEU A 1 80  ? 11.768  -10.488 -1.892  1.00 54.76 ? 271 LEU A CD1 1 
ATOM   644  C  CD2 . LEU A 1 80  ? 12.599  -10.228 -4.228  1.00 54.72 ? 271 LEU A CD2 1 
ATOM   645  N  N   . ASP A 1 81  ? 16.431  -13.572 -3.251  1.00 54.09 ? 272 ASP A N   1 
ATOM   646  C  CA  . ASP A 1 81  ? 17.428  -14.404 -2.593  1.00 54.12 ? 272 ASP A CA  1 
ATOM   647  C  C   . ASP A 1 81  ? 16.980  -14.404 -1.140  1.00 53.90 ? 272 ASP A C   1 
ATOM   648  O  O   . ASP A 1 81  ? 16.822  -13.348 -0.538  1.00 54.33 ? 272 ASP A O   1 
ATOM   649  C  CB  . ASP A 1 81  ? 18.828  -13.800 -2.707  1.00 54.32 ? 272 ASP A CB  1 
ATOM   650  C  CG  . ASP A 1 81  ? 19.323  -13.735 -4.143  1.00 55.24 ? 272 ASP A CG  1 
ATOM   651  O  OD1 . ASP A 1 81  ? 19.196  -14.748 -4.868  1.00 55.97 ? 272 ASP A OD1 1 
ATOM   652  O  OD2 . ASP A 1 81  ? 19.851  -12.676 -4.547  1.00 55.71 ? 272 ASP A OD2 1 
ATOM   653  N  N   . LEU A 1 82  ? 16.767  -15.590 -0.588  1.00 53.23 ? 273 LEU A N   1 
ATOM   654  C  CA  . LEU A 1 82  ? 16.291  -15.718 0.776   1.00 52.33 ? 273 LEU A CA  1 
ATOM   655  C  C   . LEU A 1 82  ? 17.228  -15.234 1.882   1.00 51.39 ? 273 LEU A C   1 
ATOM   656  O  O   . LEU A 1 82  ? 16.811  -15.090 3.028   1.00 51.44 ? 273 LEU A O   1 
ATOM   657  C  CB  . LEU A 1 82  ? 15.870  -17.169 1.030   1.00 52.46 ? 273 LEU A CB  1 
ATOM   658  C  CG  . LEU A 1 82  ? 14.778  -17.680 0.077   1.00 52.82 ? 273 LEU A CG  1 
ATOM   659  C  CD1 . LEU A 1 82  ? 14.339  -19.079 0.489   1.00 53.35 ? 273 LEU A CD1 1 
ATOM   660  C  CD2 . LEU A 1 82  ? 13.592  -16.725 0.092   1.00 53.64 ? 273 LEU A CD2 1 
ATOM   661  N  N   . ASP A 1 83  ? 18.488  -14.980 1.551   1.00 49.92 ? 274 ASP A N   1 
ATOM   662  C  CA  . ASP A 1 83  ? 19.430  -14.498 2.555   1.00 48.34 ? 274 ASP A CA  1 
ATOM   663  C  C   . ASP A 1 83  ? 19.913  -13.107 2.162   1.00 47.01 ? 274 ASP A C   1 
ATOM   664  O  O   . ASP A 1 83  ? 21.093  -12.782 2.262   1.00 46.78 ? 274 ASP A O   1 
ATOM   665  C  CB  . ASP A 1 83  ? 20.613  -15.469 2.698   1.00 48.79 ? 274 ASP A CB  1 
ATOM   666  C  CG  . ASP A 1 83  ? 21.285  -15.778 1.376   1.00 49.51 ? 274 ASP A CG  1 
ATOM   667  O  OD1 . ASP A 1 83  ? 22.376  -16.390 1.401   1.00 50.63 ? 274 ASP A OD1 1 
ATOM   668  O  OD2 . ASP A 1 83  ? 20.723  -15.415 0.318   1.00 49.69 ? 274 ASP A OD2 1 
ATOM   669  N  N   . GLN A 1 84  ? 18.809  -12.343 1.571   1.00 44.99 ? 275 GLN A N   1 
ATOM   670  C  CA  . GLN A 1 84  ? 19.212  -10.951 1.362   1.00 43.09 ? 275 GLN A CA  1 
ATOM   671  C  C   . GLN A 1 84  ? 18.191  -10.002 1.981   1.00 41.23 ? 275 GLN A C   1 
ATOM   672  O  O   . GLN A 1 84  ? 17.059  -10.402 2.271   1.00 41.24 ? 275 GLN A O   1 
ATOM   673  C  CB  . GLN A 1 84  ? 19.366  -10.660 -0.135  1.00 43.44 ? 275 GLN A CB  1 
ATOM   674  C  CG  . GLN A 1 84  ? 20.427  -9.638  -0.466  1.00 45.02 ? 275 GLN A CG  1 
ATOM   675  C  CD  . GLN A 1 84  ? 21.819  -10.102 -0.078  1.00 46.33 ? 275 GLN A CD  1 
ATOM   676  O  OE1 . GLN A 1 84  ? 22.066  -10.490 1.066   1.00 47.73 ? 275 GLN A OE1 1 
ATOM   677  N  NE2 . GLN A 1 84  ? 22.734  -10.058 -1.030  1.00 46.34 ? 275 GLN A NE2 1 
ATOM   678  N  N   . ASP A 1 85  ? 18.589  -8.748  2.177   1.00 38.49 ? 276 ASP A N   1 
ATOM   679  C  CA  . ASP A 1 85  ? 17.688  -7.749  2.738   1.00 36.33 ? 276 ASP A CA  1 
ATOM   680  C  C   . ASP A 1 85  ? 17.003  -6.943  1.631   1.00 34.92 ? 276 ASP A C   1 
ATOM   681  O  O   . ASP A 1 85  ? 17.643  -6.517  0.661   1.00 34.44 ? 276 ASP A O   1 
ATOM   682  C  CB  . ASP A 1 85  ? 18.430  -6.831  3.719   1.00 36.31 ? 276 ASP A CB  1 
ATOM   683  C  CG  . ASP A 1 85  ? 19.095  -7.596  4.864   1.00 36.44 ? 276 ASP A CG  1 
ATOM   684  O  OD1 . ASP A 1 85  ? 18.471  -8.493  5.462   1.00 35.89 ? 276 ASP A OD1 1 
ATOM   685  O  OD2 . ASP A 1 85  ? 20.262  -7.291  5.175   1.00 39.33 ? 276 ASP A OD2 1 
ATOM   686  N  N   . TYR A 1 86  ? 15.694  -6.750  1.773   1.00 33.14 ? 277 TYR A N   1 
ATOM   687  C  CA  . TYR A 1 86  ? 14.927  -6.051  0.746   1.00 31.25 ? 277 TYR A CA  1 
ATOM   688  C  C   . TYR A 1 86  ? 14.051  -4.972  1.324   1.00 30.42 ? 277 TYR A C   1 
ATOM   689  O  O   . TYR A 1 86  ? 13.528  -5.096  2.439   1.00 30.16 ? 277 TYR A O   1 
ATOM   690  C  CB  . TYR A 1 86  ? 14.037  -7.019  -0.046  1.00 30.98 ? 277 TYR A CB  1 
ATOM   691  C  CG  . TYR A 1 86  ? 14.773  -8.012  -0.905  1.00 29.85 ? 277 TYR A CG  1 
ATOM   692  C  CD1 . TYR A 1 86  ? 15.162  -9.253  -0.389  1.00 30.38 ? 277 TYR A CD1 1 
ATOM   693  C  CD2 . TYR A 1 86  ? 15.068  -7.729  -2.239  1.00 29.98 ? 277 TYR A CD2 1 
ATOM   694  C  CE1 . TYR A 1 86  ? 15.842  -10.189 -1.183  1.00 29.64 ? 277 TYR A CE1 1 
ATOM   695  C  CE2 . TYR A 1 86  ? 15.750  -8.660  -3.046  1.00 30.63 ? 277 TYR A CE2 1 
ATOM   696  C  CZ  . TYR A 1 86  ? 16.130  -9.890  -2.503  1.00 29.25 ? 277 TYR A CZ  1 
ATOM   697  O  OH  . TYR A 1 86  ? 16.798  -10.809 -3.290  1.00 29.14 ? 277 TYR A OH  1 
ATOM   698  N  N   . ARG A 1 87  ? 13.882  -3.915  0.532   1.00 29.22 ? 278 ARG A N   1 
ATOM   699  C  CA  . ARG A 1 87  ? 12.928  -2.870  0.851   1.00 28.26 ? 278 ARG A CA  1 
ATOM   700  C  C   . ARG A 1 87  ? 11.680  -3.083  0.009   1.00 26.52 ? 278 ARG A C   1 
ATOM   701  O  O   . ARG A 1 87  ? 11.744  -3.099  -1.219  1.00 25.87 ? 278 ARG A O   1 
ATOM   702  C  CB  . ARG A 1 87  ? 13.539  -1.496  0.563   1.00 28.73 ? 278 ARG A CB  1 
ATOM   703  C  CG  . ARG A 1 87  ? 12.920  -0.378  1.341   1.00 31.39 ? 278 ARG A CG  1 
ATOM   704  C  CD  . ARG A 1 87  ? 13.047  0.894   0.553   1.00 38.47 ? 278 ARG A CD  1 
ATOM   705  N  NE  . ARG A 1 87  ? 12.972  2.070   1.408   1.00 42.43 ? 278 ARG A NE  1 
ATOM   706  C  CZ  . ARG A 1 87  ? 13.099  3.324   0.973   1.00 45.13 ? 278 ARG A CZ  1 
ATOM   707  N  NH1 . ARG A 1 87  ? 13.306  3.569   -0.319  1.00 45.37 ? 278 ARG A NH1 1 
ATOM   708  N  NH2 . ARG A 1 87  ? 13.015  4.334   1.836   1.00 46.27 ? 278 ARG A NH2 1 
ATOM   709  N  N   . VAL A 1 88  ? 10.546  -3.251  0.674   1.00 25.08 ? 279 VAL A N   1 
ATOM   710  C  CA  . VAL A 1 88  ? 9.276   -3.408  -0.028  1.00 24.38 ? 279 VAL A CA  1 
ATOM   711  C  C   . VAL A 1 88  ? 8.411   -2.204  0.301   1.00 23.46 ? 279 VAL A C   1 
ATOM   712  O  O   . VAL A 1 88  ? 8.183   -1.913  1.473   1.00 22.64 ? 279 VAL A O   1 
ATOM   713  C  CB  . VAL A 1 88  ? 8.551   -4.738  0.357   1.00 24.65 ? 279 VAL A CB  1 
ATOM   714  C  CG1 . VAL A 1 88  ? 7.280   -4.902  -0.457  1.00 24.35 ? 279 VAL A CG1 1 
ATOM   715  C  CG2 . VAL A 1 88  ? 9.460   -5.944  0.106   1.00 25.02 ? 279 VAL A CG2 1 
ATOM   716  N  N   . THR A 1 89  ? 7.962   -1.492  -0.737  1.00 22.44 ? 280 THR A N   1 
ATOM   717  C  CA  . THR A 1 89  ? 7.109   -0.315  -0.556  1.00 21.92 ? 280 THR A CA  1 
ATOM   718  C  C   . THR A 1 89  ? 5.755   -0.600  -1.200  1.00 21.90 ? 280 THR A C   1 
ATOM   719  O  O   . THR A 1 89  ? 5.703   -1.134  -2.304  1.00 21.16 ? 280 THR A O   1 
ATOM   720  C  CB  . THR A 1 89  ? 7.782   0.975   -1.124  1.00 21.65 ? 280 THR A CB  1 
ATOM   721  O  OG1 . THR A 1 89  ? 9.098   1.100   -0.570  1.00 20.20 ? 280 THR A OG1 1 
ATOM   722  C  CG2 . THR A 1 89  ? 6.991   2.232   -0.760  1.00 21.76 ? 280 THR A CG2 1 
ATOM   723  N  N   . CYS A 1 90  ? 4.668   -0.294  -0.489  1.00 21.82 ? 281 CYS A N   1 
ATOM   724  C  CA  . CYS A 1 90  ? 3.315   -0.438  -1.054  1.00 22.90 ? 281 CYS A CA  1 
ATOM   725  C  C   . CYS A 1 90  ? 2.574   0.892   -1.029  1.00 22.40 ? 281 CYS A C   1 
ATOM   726  O  O   . CYS A 1 90  ? 2.613   1.606   -0.027  1.00 23.05 ? 281 CYS A O   1 
ATOM   727  C  CB  . CYS A 1 90  ? 2.491   -1.478  -0.285  1.00 22.67 ? 281 CYS A CB  1 
ATOM   728  S  SG  . CYS A 1 90  ? 3.154   -3.133  -0.329  1.00 27.05 ? 281 CYS A SG  1 
ATOM   729  N  N   . PHE A 1 91  ? 1.920   1.226   -2.143  1.00 21.88 ? 282 PHE A N   1 
ATOM   730  C  CA  . PHE A 1 91  ? 1.020   2.370   -2.215  1.00 20.53 ? 282 PHE A CA  1 
ATOM   731  C  C   . PHE A 1 91  ? -0.359  1.794   -2.397  1.00 20.21 ? 282 PHE A C   1 
ATOM   732  O  O   . PHE A 1 91  ? -0.641  1.141   -3.401  1.00 20.31 ? 282 PHE A O   1 
ATOM   733  C  CB  . PHE A 1 91  ? 1.382   3.295   -3.378  1.00 20.69 ? 282 PHE A CB  1 
ATOM   734  C  CG  . PHE A 1 91  ? 2.848   3.689   -3.408  1.00 21.53 ? 282 PHE A CG  1 
ATOM   735  C  CD1 . PHE A 1 91  ? 3.791   2.878   -4.042  1.00 21.12 ? 282 PHE A CD1 1 
ATOM   736  C  CD2 . PHE A 1 91  ? 3.283   4.870   -2.802  1.00 20.39 ? 282 PHE A CD2 1 
ATOM   737  C  CE1 . PHE A 1 91  ? 5.135   3.235   -4.061  1.00 21.89 ? 282 PHE A CE1 1 
ATOM   738  C  CE2 . PHE A 1 91  ? 4.615   5.235   -2.831  1.00 20.19 ? 282 PHE A CE2 1 
ATOM   739  C  CZ  . PHE A 1 91  ? 5.544   4.423   -3.448  1.00 20.84 ? 282 PHE A CZ  1 
ATOM   740  N  N   . THR A 1 92  ? -1.206  1.999   -1.401  1.00 19.63 ? 283 THR A N   1 
ATOM   741  C  CA  . THR A 1 92  ? -2.539  1.424   -1.394  1.00 20.00 ? 283 THR A CA  1 
ATOM   742  C  C   . THR A 1 92  ? -3.558  2.549   -1.373  1.00 19.65 ? 283 THR A C   1 
ATOM   743  O  O   . THR A 1 92  ? -3.318  3.590   -0.785  1.00 18.59 ? 283 THR A O   1 
ATOM   744  C  CB  . THR A 1 92  ? -2.744  0.531   -0.156  1.00 19.73 ? 283 THR A CB  1 
ATOM   745  O  OG1 . THR A 1 92  ? -2.560  1.321   1.028   1.00 20.53 ? 283 THR A OG1 1 
ATOM   746  C  CG2 . THR A 1 92  ? -1.729  -0.587  -0.138  1.00 20.88 ? 283 THR A CG2 1 
ATOM   747  N  N   . SER A 1 93  ? -4.702  2.332   -2.020  1.00 20.61 ? 284 SER A N   1 
ATOM   748  C  CA  . SER A 1 93  ? -5.746  3.347   -2.071  1.00 20.59 ? 284 SER A CA  1 
ATOM   749  C  C   . SER A 1 93  ? -6.487  3.426   -0.731  1.00 21.03 ? 284 SER A C   1 
ATOM   750  O  O   . SER A 1 93  ? -6.902  4.506   -0.313  1.00 21.47 ? 284 SER A O   1 
ATOM   751  C  CB  . SER A 1 93  ? -6.674  3.087   -3.258  1.00 20.61 ? 284 SER A CB  1 
ATOM   752  O  OG  . SER A 1 93  ? -7.267  1.815   -3.189  1.00 21.45 ? 284 SER A OG  1 
ATOM   753  N  N   . TRP A 1 94  ? -6.603  2.282   -0.047  1.00 21.23 ? 285 TRP A N   1 
ATOM   754  C  CA  . TRP A 1 94  ? -7.127  2.188   1.314   1.00 20.55 ? 285 TRP A CA  1 
ATOM   755  C  C   . TRP A 1 94  ? -6.075  1.489   2.184   1.00 21.03 ? 285 TRP A C   1 
ATOM   756  O  O   . TRP A 1 94  ? -5.303  0.659   1.680   1.00 20.64 ? 285 TRP A O   1 
ATOM   757  C  CB  . TRP A 1 94  ? -8.376  1.313   1.328   1.00 21.69 ? 285 TRP A CB  1 
ATOM   758  C  CG  . TRP A 1 94  ? -9.644  1.922   0.814   1.00 20.95 ? 285 TRP A CG  1 
ATOM   759  C  CD1 . TRP A 1 94  ? -10.324 1.550   -0.307  1.00 20.52 ? 285 TRP A CD1 1 
ATOM   760  C  CD2 . TRP A 1 94  ? -10.410 2.967   1.428   1.00 20.32 ? 285 TRP A CD2 1 
ATOM   761  N  NE1 . TRP A 1 94  ? -11.459 2.320   -0.448  1.00 21.74 ? 285 TRP A NE1 1 
ATOM   762  C  CE2 . TRP A 1 94  ? -11.533 3.199   0.603   1.00 22.16 ? 285 TRP A CE2 1 
ATOM   763  C  CE3 . TRP A 1 94  ? -10.246 3.745   2.581   1.00 20.50 ? 285 TRP A CE3 1 
ATOM   764  C  CZ2 . TRP A 1 94  ? -12.500 4.175   0.904   1.00 21.63 ? 285 TRP A CZ2 1 
ATOM   765  C  CZ3 . TRP A 1 94  ? -11.195 4.706   2.880   1.00 20.19 ? 285 TRP A CZ3 1 
ATOM   766  C  CH2 . TRP A 1 94  ? -12.307 4.919   2.041   1.00 20.98 ? 285 TRP A CH2 1 
ATOM   767  N  N   . SER A 1 95  ? -6.041  1.806   3.483   1.00 20.51 ? 286 SER A N   1 
ATOM   768  C  CA  . SER A 1 95  ? -5.159  1.105   4.421   1.00 20.73 ? 286 SER A CA  1 
ATOM   769  C  C   . SER A 1 95  ? -5.745  -0.302  4.690   1.00 21.83 ? 286 SER A C   1 
ATOM   770  O  O   . SER A 1 95  ? -6.947  -0.512  4.452   1.00 21.94 ? 286 SER A O   1 
ATOM   771  C  CB  . SER A 1 95  ? -4.954  1.903   5.722   1.00 20.70 ? 286 SER A CB  1 
ATOM   772  O  OG  . SER A 1 95  ? -6.174  2.107   6.423   1.00 17.13 ? 286 SER A OG  1 
ATOM   773  N  N   . PRO A 1 96  ? -4.899  -1.271  5.130   1.00 21.70 ? 287 PRO A N   1 
ATOM   774  C  CA  . PRO A 1 96  ? -5.349  -2.651  5.414   1.00 22.37 ? 287 PRO A CA  1 
ATOM   775  C  C   . PRO A 1 96  ? -6.405  -2.820  6.508   1.00 22.59 ? 287 PRO A C   1 
ATOM   776  O  O   . PRO A 1 96  ? -6.360  -2.137  7.530   1.00 21.72 ? 287 PRO A O   1 
ATOM   777  C  CB  . PRO A 1 96  ? -4.052  -3.379  5.836   1.00 22.01 ? 287 PRO A CB  1 
ATOM   778  C  CG  . PRO A 1 96  ? -3.088  -2.307  6.171   1.00 22.86 ? 287 PRO A CG  1 
ATOM   779  C  CD  . PRO A 1 96  ? -3.442  -1.126  5.320   1.00 22.18 ? 287 PRO A CD  1 
ATOM   780  N  N   . CYS A 1 97  ? -7.329  -3.754  6.302   1.00 23.44 ? 288 CYS A N   1 
ATOM   781  C  CA  . CYS A 1 97  ? -8.284  -4.125  7.362   1.00 24.04 ? 288 CYS A CA  1 
ATOM   782  C  C   . CYS A 1 97  ? -7.544  -4.859  8.493   1.00 24.48 ? 288 CYS A C   1 
ATOM   783  O  O   . CYS A 1 97  ? -6.381  -5.285  8.326   1.00 23.40 ? 288 CYS A O   1 
ATOM   784  C  CB  . CYS A 1 97  ? -9.419  -5.000  6.808   1.00 23.15 ? 288 CYS A CB  1 
ATOM   785  S  SG  . CYS A 1 97  ? -8.986  -6.760  6.743   1.00 24.70 ? 288 CYS A SG  1 
ATOM   786  N  N   . PHE A 1 98  ? -8.230  -5.014  9.624   1.00 25.24 ? 289 PHE A N   1 
ATOM   787  C  CA  . PHE A 1 98  ? -7.700  -5.683  10.812  1.00 27.09 ? 289 PHE A CA  1 
ATOM   788  C  C   . PHE A 1 98  ? -7.053  -7.037  10.485  1.00 26.99 ? 289 PHE A C   1 
ATOM   789  O  O   . PHE A 1 98  ? -5.931  -7.322  10.925  1.00 26.98 ? 289 PHE A O   1 
ATOM   790  C  CB  . PHE A 1 98  ? -8.814  -5.859  11.856  1.00 28.05 ? 289 PHE A CB  1 
ATOM   791  C  CG  . PHE A 1 98  ? -10.161 -6.172  11.252  1.00 31.83 ? 289 PHE A CG  1 
ATOM   792  C  CD1 . PHE A 1 98  ? -10.532 -7.497  10.981  1.00 34.00 ? 289 PHE A CD1 1 
ATOM   793  C  CD2 . PHE A 1 98  ? -11.050 -5.139  10.924  1.00 34.72 ? 289 PHE A CD2 1 
ATOM   794  C  CE1 . PHE A 1 98  ? -11.764 -7.792  10.403  1.00 36.02 ? 289 PHE A CE1 1 
ATOM   795  C  CE2 . PHE A 1 98  ? -12.292 -5.420  10.351  1.00 36.54 ? 289 PHE A CE2 1 
ATOM   796  C  CZ  . PHE A 1 98  ? -12.652 -6.750  10.088  1.00 37.18 ? 289 PHE A CZ  1 
ATOM   797  N  N   . SER A 1 99  ? -7.744  -7.837  9.674   1.00 26.80 ? 290 SER A N   1 
ATOM   798  C  CA  . SER A 1 99  ? -7.298  -9.179  9.330   1.00 26.89 ? 290 SER A CA  1 
ATOM   799  C  C   . SER A 1 99  ? -6.065  -9.159  8.427   1.00 26.39 ? 290 SER A C   1 
ATOM   800  O  O   . SER A 1 99  ? -5.128  -9.929  8.633   1.00 26.15 ? 290 SER A O   1 
ATOM   801  C  CB  . SER A 1 99  ? -8.445  -9.964  8.676   1.00 27.43 ? 290 SER A CB  1 
ATOM   802  O  OG  . SER A 1 99  ? -7.985  -11.222 8.222   1.00 30.28 ? 290 SER A OG  1 
ATOM   803  N  N   . CYS A 1 100 ? -6.054  -8.269  7.437   1.00 25.54 ? 291 CYS A N   1 
ATOM   804  C  CA  . CYS A 1 100 ? -4.903  -8.156  6.544   1.00 24.89 ? 291 CYS A CA  1 
ATOM   805  C  C   . CYS A 1 100 ? -3.701  -7.502  7.222   1.00 24.98 ? 291 CYS A C   1 
ATOM   806  O  O   . CYS A 1 100 ? -2.556  -7.795  6.871   1.00 26.13 ? 291 CYS A O   1 
ATOM   807  C  CB  . CYS A 1 100 ? -5.276  -7.423  5.259   1.00 24.49 ? 291 CYS A CB  1 
ATOM   808  S  SG  . CYS A 1 100 ? -6.423  -8.368  4.202   1.00 22.80 ? 291 CYS A SG  1 
ATOM   809  N  N   . ALA A 1 101 ? -3.950  -6.638  8.203   1.00 24.22 ? 292 ALA A N   1 
ATOM   810  C  CA  . ALA A 1 101 ? -2.855  -6.025  8.963   1.00 23.32 ? 292 ALA A CA  1 
ATOM   811  C  C   . ALA A 1 101 ? -2.072  -7.059  9.773   1.00 23.15 ? 292 ALA A C   1 
ATOM   812  O  O   . ALA A 1 101 ? -0.834  -7.025  9.812   1.00 22.50 ? 292 ALA A O   1 
ATOM   813  C  CB  . ALA A 1 101 ? -3.377  -4.908  9.860   1.00 23.13 ? 292 ALA A CB  1 
ATOM   814  N  N   . GLN A 1 102 ? -2.789  -7.980  10.411  1.00 23.64 ? 293 GLN A N   1 
ATOM   815  C  CA  . GLN A 1 102 ? -2.143  -9.045  11.190  1.00 24.69 ? 293 GLN A CA  1 
ATOM   816  C  C   . GLN A 1 102 ? -1.370  -9.997  10.290  1.00 23.97 ? 293 GLN A C   1 
ATOM   817  O  O   . GLN A 1 102 ? -0.286  -10.447 10.643  1.00 24.29 ? 293 GLN A O   1 
ATOM   818  C  CB  . GLN A 1 102 ? -3.135  -9.797  12.094  1.00 25.36 ? 293 GLN A CB  1 
ATOM   819  C  CG  . GLN A 1 102 ? -4.241  -10.563 11.373  1.00 28.36 ? 293 GLN A CG  1 
ATOM   820  C  CD  . GLN A 1 102 ? -5.135  -11.396 12.308  1.00 32.58 ? 293 GLN A CD  1 
ATOM   821  O  OE1 . GLN A 1 102 ? -5.935  -12.224 11.841  1.00 34.19 ? 293 GLN A OE1 1 
ATOM   822  N  NE2 . GLN A 1 102 ? -5.004  -11.179 13.623  1.00 32.72 ? 293 GLN A NE2 1 
ATOM   823  N  N   . GLU A 1 103 ? -1.934  -10.272 9.115   1.00 23.66 ? 294 GLU A N   1 
ATOM   824  C  CA  . GLU A 1 103 ? -1.295  -11.106 8.109   1.00 22.82 ? 294 GLU A CA  1 
ATOM   825  C  C   . GLU A 1 103 ? 0.005   -10.485 7.619   1.00 22.27 ? 294 GLU A C   1 
ATOM   826  O  O   . GLU A 1 103 ? 1.005   -11.185 7.504   1.00 21.94 ? 294 GLU A O   1 
ATOM   827  C  CB  . GLU A 1 103 ? -2.254  -11.331 6.951   1.00 23.10 ? 294 GLU A CB  1 
ATOM   828  C  CG  . GLU A 1 103 ? -2.127  -12.664 6.298   1.00 26.03 ? 294 GLU A CG  1 
ATOM   829  C  CD  . GLU A 1 103 ? -2.293  -13.793 7.282   1.00 28.16 ? 294 GLU A CD  1 
ATOM   830  O  OE1 . GLU A 1 103 ? -3.255  -13.771 8.077   1.00 29.61 ? 294 GLU A OE1 1 
ATOM   831  O  OE2 . GLU A 1 103 ? -1.440  -14.692 7.267   1.00 30.82 ? 294 GLU A OE2 1 
ATOM   832  N  N   . MET A 1 104 ? -0.003  -9.177  7.334   1.00 21.59 ? 295 MET A N   1 
ATOM   833  C  CA  . MET A 1 104 ? 1.230   -8.493  6.896   1.00 21.41 ? 295 MET A CA  1 
ATOM   834  C  C   . MET A 1 104 ? 2.250   -8.418  8.035   1.00 21.46 ? 295 MET A C   1 
ATOM   835  O  O   . MET A 1 104 ? 3.456   -8.605  7.821   1.00 21.55 ? 295 MET A O   1 
ATOM   836  C  CB  . MET A 1 104 ? 0.931   -7.098  6.323   1.00 21.21 ? 295 MET A CB  1 
ATOM   837  C  CG  . MET A 1 104 ? -0.076  -7.082  5.154   1.00 20.75 ? 295 MET A CG  1 
ATOM   838  S  SD  . MET A 1 104 ? -0.565  -5.412  4.624   1.00 20.45 ? 295 MET A SD  1 
ATOM   839  C  CE  . MET A 1 104 ? 0.405   -5.325  3.115   1.00 22.82 ? 295 MET A CE  1 
ATOM   840  N  N   . ALA A 1 105 ? 1.757   -8.174  9.246   1.00 22.06 ? 296 ALA A N   1 
ATOM   841  C  CA  . ALA A 1 105 ? 2.599   -8.106  10.456  1.00 23.23 ? 296 ALA A CA  1 
ATOM   842  C  C   . ALA A 1 105 ? 3.278   -9.443  10.730  1.00 24.13 ? 296 ALA A C   1 
ATOM   843  O  O   . ALA A 1 105 ? 4.442   -9.489  11.131  1.00 24.89 ? 296 ALA A O   1 
ATOM   844  C  CB  . ALA A 1 105 ? 1.762   -7.661  11.666  1.00 22.93 ? 296 ALA A CB  1 
ATOM   845  N  N   . LYS A 1 106 ? 2.541   -10.527 10.492  1.00 25.14 ? 297 LYS A N   1 
ATOM   846  C  CA  . LYS A 1 106 ? 3.074   -11.887 10.512  1.00 26.01 ? 297 LYS A CA  1 
ATOM   847  C  C   . LYS A 1 106 ? 4.229   -12.052 9.536   1.00 26.42 ? 297 LYS A C   1 
ATOM   848  O  O   . LYS A 1 106 ? 5.317   -12.496 9.915   1.00 25.90 ? 297 LYS A O   1 
ATOM   849  C  CB  . LYS A 1 106 ? 1.964   -12.861 10.133  1.00 26.64 ? 297 LYS A CB  1 
ATOM   850  C  CG  . LYS A 1 106 ? 2.259   -14.320 10.430  1.00 28.15 ? 297 LYS A CG  1 
ATOM   851  C  CD  . LYS A 1 106 ? 1.081   -15.194 10.028  1.00 29.77 ? 297 LYS A CD  1 
ATOM   852  C  CE  . LYS A 1 106 ? -0.019  -15.212 11.082  1.00 28.88 ? 297 LYS A CE  1 
ATOM   853  N  NZ  . LYS A 1 106 ? -0.554  -13.859 11.340  1.00 30.04 ? 297 LYS A NZ  1 
ATOM   854  N  N   . PHE A 1 107 ? 3.985   -11.697 8.276   1.00 26.96 ? 298 PHE A N   1 
ATOM   855  C  CA  . PHE A 1 107 ? 4.995   -11.804 7.229   1.00 27.55 ? 298 PHE A CA  1 
ATOM   856  C  C   . PHE A 1 107 ? 6.314   -11.134 7.621   1.00 28.13 ? 298 PHE A C   1 
ATOM   857  O  O   . PHE A 1 107 ? 7.364   -11.769 7.599   1.00 27.85 ? 298 PHE A O   1 
ATOM   858  C  CB  . PHE A 1 107 ? 4.457   -11.248 5.897   1.00 27.53 ? 298 PHE A CB  1 
ATOM   859  C  CG  . PHE A 1 107 ? 5.512   -11.076 4.850   1.00 29.11 ? 298 PHE A CG  1 
ATOM   860  C  CD1 . PHE A 1 107 ? 6.122   -12.185 4.266   1.00 31.22 ? 298 PHE A CD1 1 
ATOM   861  C  CD2 . PHE A 1 107 ? 5.904   -9.811  4.446   1.00 30.88 ? 298 PHE A CD2 1 
ATOM   862  C  CE1 . PHE A 1 107 ? 7.115   -12.033 3.299   1.00 31.82 ? 298 PHE A CE1 1 
ATOM   863  C  CE2 . PHE A 1 107 ? 6.896   -9.648  3.469   1.00 31.79 ? 298 PHE A CE2 1 
ATOM   864  C  CZ  . PHE A 1 107 ? 7.496   -10.761 2.898   1.00 31.70 ? 298 PHE A CZ  1 
ATOM   865  N  N   . ILE A 1 108 ? 6.260   -9.856  7.998   1.00 29.42 ? 299 ILE A N   1 
ATOM   866  C  CA  . ILE A 1 108 ? 7.487   -9.115  8.309   1.00 31.06 ? 299 ILE A CA  1 
ATOM   867  C  C   . ILE A 1 108 ? 8.179   -9.627  9.582   1.00 32.48 ? 299 ILE A C   1 
ATOM   868  O  O   . ILE A 1 108 ? 9.406   -9.582  9.676   1.00 32.76 ? 299 ILE A O   1 
ATOM   869  C  CB  . ILE A 1 108 ? 7.257   -7.577  8.369   1.00 31.12 ? 299 ILE A CB  1 
ATOM   870  C  CG1 . ILE A 1 108 ? 6.236   -7.209  9.452   1.00 31.18 ? 299 ILE A CG1 1 
ATOM   871  C  CG2 . ILE A 1 108 ? 6.829   -7.059  6.989   1.00 30.49 ? 299 ILE A CG2 1 
ATOM   872  C  CD1 . ILE A 1 108 ? 6.189   -5.727  9.816   1.00 33.23 ? 299 ILE A CD1 1 
ATOM   873  N  N   . SER A 1 109 ? 7.384   -10.130 10.530  1.00 33.90 ? 300 SER A N   1 
ATOM   874  C  CA  . SER A 1 109 ? 7.899   -10.730 11.767  1.00 35.78 ? 300 SER A CA  1 
ATOM   875  C  C   . SER A 1 109 ? 8.660   -12.032 11.541  1.00 37.27 ? 300 SER A C   1 
ATOM   876  O  O   . SER A 1 109 ? 9.639   -12.306 12.234  1.00 37.46 ? 300 SER A O   1 
ATOM   877  C  CB  . SER A 1 109 ? 6.755   -10.998 12.744  1.00 35.23 ? 300 SER A CB  1 
ATOM   878  O  OG  . SER A 1 109 ? 6.172   -9.778  13.156  1.00 35.97 ? 300 SER A OG  1 
ATOM   879  N  N   . LYS A 1 110 ? 8.200   -12.832 10.582  1.00 39.07 ? 301 LYS A N   1 
ATOM   880  C  CA  . LYS A 1 110 ? 8.802   -14.143 10.317  1.00 40.87 ? 301 LYS A CA  1 
ATOM   881  C  C   . LYS A 1 110 ? 9.889   -14.087 9.264   1.00 41.47 ? 301 LYS A C   1 
ATOM   882  O  O   . LYS A 1 110 ? 10.538  -15.096 8.994   1.00 42.23 ? 301 LYS A O   1 
ATOM   883  C  CB  . LYS A 1 110 ? 7.728   -15.171 9.926   1.00 41.16 ? 301 LYS A CB  1 
ATOM   884  C  CG  . LYS A 1 110 ? 6.663   -15.378 10.992  1.00 42.63 ? 301 LYS A CG  1 
ATOM   885  C  CD  . LYS A 1 110 ? 5.845   -16.638 10.740  1.00 45.60 ? 301 LYS A CD  1 
ATOM   886  C  CE  . LYS A 1 110 ? 4.691   -16.719 11.764  1.00 46.59 ? 301 LYS A CE  1 
ATOM   887  N  NZ  . LYS A 1 110 ? 4.020   -18.091 11.694  1.00 48.12 ? 301 LYS A NZ  1 
ATOM   888  N  N   . ASN A 1 111 ? 10.093  -12.912 8.672   1.00 42.41 ? 302 ASN A N   1 
ATOM   889  C  CA  . ASN A 1 111 ? 11.059  -12.763 7.595   1.00 43.22 ? 302 ASN A CA  1 
ATOM   890  C  C   . ASN A 1 111 ? 12.330  -11.985 7.932   1.00 43.48 ? 302 ASN A C   1 
ATOM   891  O  O   . ASN A 1 111 ? 13.420  -12.403 7.548   1.00 44.49 ? 302 ASN A O   1 
ATOM   892  C  CB  . ASN A 1 111 ? 10.390  -12.197 6.345   1.00 43.70 ? 302 ASN A CB  1 
ATOM   893  C  CG  . ASN A 1 111 ? 9.660   -13.262 5.549   1.00 45.20 ? 302 ASN A CG  1 
ATOM   894  O  OD1 . ASN A 1 111 ? 8.666   -13.838 6.011   1.00 46.49 ? 302 ASN A OD1 1 
ATOM   895  N  ND2 . ASN A 1 111 ? 10.152  -13.531 4.339   1.00 46.94 ? 302 ASN A ND2 1 
ATOM   896  N  N   . LYS A 1 112 ? 12.198  -10.859 8.628   1.00 43.30 ? 303 LYS A N   1 
ATOM   897  C  CA  . LYS A 1 112 ? 13.358  -10.071 9.079   1.00 43.02 ? 303 LYS A CA  1 
ATOM   898  C  C   . LYS A 1 112 ? 14.172  -9.444  7.935   1.00 42.20 ? 303 LYS A C   1 
ATOM   899  O  O   . LYS A 1 112 ? 14.686  -8.317  8.067   1.00 42.32 ? 303 LYS A O   1 
ATOM   900  C  CB  . LYS A 1 112 ? 14.264  -10.909 9.992   1.00 43.58 ? 303 LYS A CB  1 
ATOM   901  C  CG  . LYS A 1 112 ? 15.260  -10.109 10.828  1.00 45.41 ? 303 LYS A CG  1 
ATOM   902  C  CD  . LYS A 1 112 ? 16.206  -11.030 11.608  1.00 48.04 ? 303 LYS A CD  1 
ATOM   903  C  CE  . LYS A 1 112 ? 15.459  -11.869 12.660  1.00 49.73 ? 303 LYS A CE  1 
ATOM   904  N  NZ  . LYS A 1 112 ? 16.401  -12.726 13.456  1.00 50.42 ? 303 LYS A NZ  1 
ATOM   905  N  N   . HIS A 1 113 ? 14.274  -10.173 6.818   1.00 40.85 ? 304 HIS A N   1 
ATOM   906  C  CA  . HIS A 1 113 ? 14.986  -9.702  5.635   1.00 39.67 ? 304 HIS A CA  1 
ATOM   907  C  C   . HIS A 1 113 ? 14.118  -8.871  4.697   1.00 38.17 ? 304 HIS A C   1 
ATOM   908  O  O   . HIS A 1 113 ? 14.471  -8.688  3.533   1.00 38.84 ? 304 HIS A O   1 
ATOM   909  C  CB  . HIS A 1 113 ? 15.586  -10.883 4.860   1.00 40.17 ? 304 HIS A CB  1 
ATOM   910  C  CG  . HIS A 1 113 ? 16.636  -11.635 5.617   1.00 41.30 ? 304 HIS A CG  1 
ATOM   911  N  ND1 . HIS A 1 113 ? 17.688  -11.012 6.255   1.00 42.36 ? 304 HIS A ND1 1 
ATOM   912  C  CD2 . HIS A 1 113 ? 16.802  -12.964 5.826   1.00 42.27 ? 304 HIS A CD2 1 
ATOM   913  C  CE1 . HIS A 1 113 ? 18.447  -11.923 6.839   1.00 43.14 ? 304 HIS A CE1 1 
ATOM   914  N  NE2 . HIS A 1 113 ? 17.933  -13.114 6.592   1.00 43.35 ? 304 HIS A NE2 1 
ATOM   915  N  N   . VAL A 1 114 ? 12.997  -8.366  5.205   1.00 36.12 ? 305 VAL A N   1 
ATOM   916  C  CA  . VAL A 1 114 ? 12.083  -7.525  4.427   1.00 33.86 ? 305 VAL A CA  1 
ATOM   917  C  C   . VAL A 1 114 ? 11.680  -6.287  5.246   1.00 32.44 ? 305 VAL A C   1 
ATOM   918  O  O   . VAL A 1 114 ? 11.046  -6.417  6.302   1.00 32.00 ? 305 VAL A O   1 
ATOM   919  C  CB  . VAL A 1 114 ? 10.780  -8.295  4.001   1.00 33.98 ? 305 VAL A CB  1 
ATOM   920  C  CG1 . VAL A 1 114 ? 9.772   -7.338  3.368   1.00 33.35 ? 305 VAL A CG1 1 
ATOM   921  C  CG2 . VAL A 1 114 ? 11.090  -9.447  3.030   1.00 33.69 ? 305 VAL A CG2 1 
ATOM   922  N  N   . SER A 1 115 ? 12.069  -5.112  4.747   1.00 30.06 ? 306 SER A N   1 
ATOM   923  C  CA  . SER A 1 115 ? 11.622  -3.825  5.256   1.00 28.70 ? 306 SER A CA  1 
ATOM   924  C  C   . SER A 1 115 ? 10.369  -3.392  4.499   1.00 26.91 ? 306 SER A C   1 
ATOM   925  O  O   . SER A 1 115 ? 10.461  -3.013  3.344   1.00 26.76 ? 306 SER A O   1 
ATOM   926  C  CB  . SER A 1 115 ? 12.689  -2.740  5.020   1.00 28.98 ? 306 SER A CB  1 
ATOM   927  O  OG  . SER A 1 115 ? 13.963  -3.109  5.513   1.00 31.59 ? 306 SER A OG  1 
ATOM   928  N  N   . LEU A 1 116 ? 9.223   -3.400  5.170   1.00 25.32 ? 307 LEU A N   1 
ATOM   929  C  CA  . LEU A 1 116 ? 7.949   -3.001  4.580   1.00 23.73 ? 307 LEU A CA  1 
ATOM   930  C  C   . LEU A 1 116 ? 7.557   -1.553  4.909   1.00 23.10 ? 307 LEU A C   1 
ATOM   931  O  O   . LEU A 1 116 ? 7.496   -1.164  6.078   1.00 22.47 ? 307 LEU A O   1 
ATOM   932  C  CB  . LEU A 1 116 ? 6.844   -3.953  5.051   1.00 23.47 ? 307 LEU A CB  1 
ATOM   933  C  CG  . LEU A 1 116 ? 5.430   -3.760  4.494   1.00 23.16 ? 307 LEU A CG  1 
ATOM   934  C  CD1 . LEU A 1 116 ? 5.377   -3.952  2.967   1.00 21.33 ? 307 LEU A CD1 1 
ATOM   935  C  CD2 . LEU A 1 116 ? 4.447   -4.695  5.221   1.00 21.61 ? 307 LEU A CD2 1 
ATOM   936  N  N   . CYS A 1 117 ? 7.326   -0.765  3.869   1.00 22.00 ? 308 CYS A N   1 
ATOM   937  C  CA  . CYS A 1 117 ? 6.816   0.589   3.999   1.00 23.79 ? 308 CYS A CA  1 
ATOM   938  C  C   . CYS A 1 117 ? 5.489   0.665   3.251   1.00 22.49 ? 308 CYS A C   1 
ATOM   939  O  O   . CYS A 1 117 ? 5.430   0.409   2.049   1.00 22.52 ? 308 CYS A O   1 
ATOM   940  C  CB  . CYS A 1 117 ? 7.804   1.621   3.428   1.00 23.68 ? 308 CYS A CB  1 
ATOM   941  S  SG  . CYS A 1 117 ? 9.493   1.474   4.108   1.00 31.74 ? 308 CYS A SG  1 
ATOM   942  N  N   . ILE A 1 118 ? 4.426   0.975   3.980   1.00 21.98 ? 309 ILE A N   1 
ATOM   943  C  CA  . ILE A 1 118 ? 3.079   1.067   3.406   1.00 21.96 ? 309 ILE A CA  1 
ATOM   944  C  C   . ILE A 1 118 ? 2.650   2.524   3.395   1.00 21.60 ? 309 ILE A C   1 
ATOM   945  O  O   . ILE A 1 118 ? 2.559   3.149   4.446   1.00 21.95 ? 309 ILE A O   1 
ATOM   946  C  CB  . ILE A 1 118 ? 2.054   0.262   4.232   1.00 22.24 ? 309 ILE A CB  1 
ATOM   947  C  CG1 . ILE A 1 118 ? 2.457   -1.215  4.312   1.00 23.38 ? 309 ILE A CG1 1 
ATOM   948  C  CG2 . ILE A 1 118 ? 0.653   0.383   3.634   1.00 22.85 ? 309 ILE A CG2 1 
ATOM   949  C  CD1 . ILE A 1 118 ? 2.584   -1.994  2.974   1.00 33.23 ? 309 ILE A CD1 1 
ATOM   950  N  N   . PHE A 1 119 ? 2.404   3.054   2.197   1.00 21.03 ? 310 PHE A N   1 
ATOM   951  C  CA  . PHE A 1 119 ? 1.869   4.394   2.022   1.00 20.46 ? 310 PHE A CA  1 
ATOM   952  C  C   . PHE A 1 119 ? 0.434   4.224   1.557   1.00 20.24 ? 310 PHE A C   1 
ATOM   953  O  O   . PHE A 1 119 ? 0.200   3.541   0.571   1.00 19.29 ? 310 PHE A O   1 
ATOM   954  C  CB  . PHE A 1 119 ? 2.663   5.174   0.968   1.00 20.57 ? 310 PHE A CB  1 
ATOM   955  C  CG  . PHE A 1 119 ? 4.047   5.555   1.398   1.00 20.66 ? 310 PHE A CG  1 
ATOM   956  C  CD1 . PHE A 1 119 ? 5.128   4.712   1.135   1.00 20.73 ? 310 PHE A CD1 1 
ATOM   957  C  CD2 . PHE A 1 119 ? 4.278   6.769   2.045   1.00 20.57 ? 310 PHE A CD2 1 
ATOM   958  C  CE1 . PHE A 1 119 ? 6.421   5.064   1.525   1.00 21.86 ? 310 PHE A CE1 1 
ATOM   959  C  CE2 . PHE A 1 119 ? 5.567   7.137   2.440   1.00 22.62 ? 310 PHE A CE2 1 
ATOM   960  C  CZ  . PHE A 1 119 ? 6.647   6.280   2.180   1.00 21.69 ? 310 PHE A CZ  1 
ATOM   961  N  N   . THR A 1 120 ? -0.514  4.833   2.267   1.00 19.66 ? 311 THR A N   1 
ATOM   962  C  CA  . THR A 1 120 ? -1.931  4.690   1.948   1.00 19.92 ? 311 THR A CA  1 
ATOM   963  C  C   . THR A 1 120 ? -2.563  6.029   1.615   1.00 20.53 ? 311 THR A C   1 
ATOM   964  O  O   . THR A 1 120 ? -2.172  7.070   2.158   1.00 19.93 ? 311 THR A O   1 
ATOM   965  C  CB  . THR A 1 120 ? -2.731  4.028   3.095   1.00 20.23 ? 311 THR A CB  1 
ATOM   966  O  OG1 . THR A 1 120 ? -4.100  3.841   2.683   1.00 21.04 ? 311 THR A OG1 1 
ATOM   967  C  CG2 . THR A 1 120 ? -2.688  4.891   4.373   1.00 18.77 ? 311 THR A CG2 1 
ATOM   968  N  N   . ALA A 1 121 ? -3.552  5.999   0.730   1.00 20.83 ? 312 ALA A N   1 
ATOM   969  C  CA  . ALA A 1 121 ? -4.205  7.242   0.304   1.00 22.02 ? 312 ALA A CA  1 
ATOM   970  C  C   . ALA A 1 121 ? -5.287  7.737   1.282   1.00 22.37 ? 312 ALA A C   1 
ATOM   971  O  O   . ALA A 1 121 ? -5.401  8.954   1.488   1.00 22.14 ? 312 ALA A O   1 
ATOM   972  C  CB  . ALA A 1 121 ? -4.751  7.118   -1.140  1.00 20.88 ? 312 ALA A CB  1 
ATOM   973  N  N   . ARG A 1 122 ? -6.025  6.819   1.928   1.00 23.70 ? 313 ARG A N   1 
ATOM   974  C  CA  . ARG A 1 122 ? -7.228  7.209   2.691   1.00 25.26 ? 313 ARG A CA  1 
ATOM   975  C  C   . ARG A 1 122 ? -6.935  6.103   3.719   1.00 27.21 ? 313 ARG A C   1 
ATOM   976  O  O   . ARG A 1 122 ? -6.036  5.272   3.479   1.00 29.13 ? 313 ARG A O   1 
ATOM   977  C  CB  . ARG A 1 122 ? -8.483  6.961   1.857   1.00 25.08 ? 313 ARG A CB  1 
ATOM   978  C  CG  . ARG A 1 122 ? -8.754  7.991   0.791   1.00 23.80 ? 313 ARG A CG  1 
ATOM   979  C  CD  . ARG A 1 122 ? -10.102 7.680   0.206   1.00 22.09 ? 313 ARG A CD  1 
ATOM   980  N  NE  . ARG A 1 122 ? -10.204 6.301   -0.264  1.00 18.27 ? 313 ARG A NE  1 
ATOM   981  C  CZ  . ARG A 1 122 ? -9.725  5.885   -1.427  1.00 18.92 ? 313 ARG A CZ  1 
ATOM   982  N  NH1 . ARG A 1 122 ? -9.101  6.729   -2.226  1.00 16.90 ? 313 ARG A NH1 1 
ATOM   983  N  NH2 . ARG A 1 122 ? -9.855  4.619   -1.787  1.00 21.12 ? 313 ARG A NH2 1 
ATOM   984  N  N   . ILE A 1 123 ? -7.589  6.077   4.862   1.00 28.43 ? 314 ILE A N   1 
ATOM   985  C  CA  . ILE A 1 123 ? -7.239  5.027   5.853   1.00 30.42 ? 314 ILE A CA  1 
ATOM   986  C  C   . ILE A 1 123 ? -8.620  4.367   5.871   1.00 31.65 ? 314 ILE A C   1 
ATOM   987  O  O   . ILE A 1 123 ? -9.659  5.050   5.938   1.00 30.74 ? 314 ILE A O   1 
ATOM   988  C  CB  . ILE A 1 123 ? -7.187  6.067   7.037   1.00 29.75 ? 314 ILE A CB  1 
ATOM   989  C  CG1 . ILE A 1 123 ? -5.793  6.651   7.227   1.00 30.11 ? 314 ILE A CG1 1 
ATOM   990  C  CG2 . ILE A 1 123 ? -7.626  5.405   8.367   1.00 30.18 ? 314 ILE A CG2 1 
ATOM   991  C  CD1 . ILE A 1 123 ? -5.677  7.971   8.037   1.00 33.23 ? 314 ILE A CD1 1 
ATOM   992  N  N   . TYR A 1 124 ? -8.610  3.038   5.835   1.00 33.80 ? 315 TYR A N   1 
ATOM   993  C  CA  . TYR A 1 124 ? -9.826  2.258   5.884   1.00 36.84 ? 315 TYR A CA  1 
ATOM   994  C  C   . TYR A 1 124 ? -9.725  2.099   7.405   1.00 38.52 ? 315 TYR A C   1 
ATOM   995  O  O   . TYR A 1 124 ? -8.749  1.523   7.893   1.00 39.62 ? 315 TYR A O   1 
ATOM   996  C  CB  . TYR A 1 124 ? -9.544  0.750   5.672   1.00 36.96 ? 315 TYR A CB  1 
ATOM   997  C  CG  . TYR A 1 124 ? -10.770 -0.133  5.823   1.00 38.80 ? 315 TYR A CG  1 
ATOM   998  C  CD1 . TYR A 1 124 ? -10.681 -1.393  6.410   1.00 39.87 ? 315 TYR A CD1 1 
ATOM   999  C  CD2 . TYR A 1 124 ? -12.021 0.298   5.384   1.00 40.92 ? 315 TYR A CD2 1 
ATOM   1000 C  CE1 . TYR A 1 124 ? -11.807 -2.205  6.553   1.00 41.27 ? 315 TYR A CE1 1 
ATOM   1001 C  CE2 . TYR A 1 124 ? -13.150 -0.500  5.525   1.00 42.63 ? 315 TYR A CE2 1 
ATOM   1002 C  CZ  . TYR A 1 124 ? -13.039 -1.745  6.110   1.00 42.33 ? 315 TYR A CZ  1 
ATOM   1003 O  OH  . TYR A 1 124 ? -14.169 -2.521  6.238   1.00 43.33 ? 315 TYR A OH  1 
ATOM   1004 N  N   . ASP A 1 125 ? -10.719 2.574   8.149   1.00 40.13 ? 316 ASP A N   1 
ATOM   1005 C  CA  . ASP A 1 125 ? -10.703 2.417   9.616   1.00 42.36 ? 316 ASP A CA  1 
ATOM   1006 C  C   . ASP A 1 125 ? -12.192 2.039   9.651   1.00 43.31 ? 316 ASP A C   1 
ATOM   1007 O  O   . ASP A 1 125 ? -13.059 2.872   9.361   1.00 43.36 ? 316 ASP A O   1 
ATOM   1008 C  CB  . ASP A 1 125 ? -10.549 3.895   10.019  1.00 42.31 ? 316 ASP A CB  1 
ATOM   1009 C  CG  . ASP A 1 125 ? -10.868 4.140   11.488  1.00 44.05 ? 316 ASP A CG  1 
ATOM   1010 O  OD1 . ASP A 1 125 ? -10.950 5.327   11.892  1.00 46.03 ? 316 ASP A OD1 1 
ATOM   1011 O  OD2 . ASP A 1 125 ? -11.028 3.156   12.244  1.00 44.65 ? 316 ASP A OD2 1 
ATOM   1012 N  N   . ASP A 1 126 ? -12.481 0.791   10.030  1.00 44.47 ? 317 ASP A N   1 
ATOM   1013 C  CA  . ASP A 1 126 ? -13.870 0.358   10.247  1.00 45.36 ? 317 ASP A CA  1 
ATOM   1014 C  C   . ASP A 1 126 ? -14.390 0.806   11.619  1.00 45.64 ? 317 ASP A C   1 
ATOM   1015 O  O   . ASP A 1 126 ? -15.464 0.373   12.059  1.00 45.82 ? 317 ASP A O   1 
ATOM   1016 C  CB  . ASP A 1 126 ? -13.980 -1.165  10.104  1.00 45.54 ? 317 ASP A CB  1 
ATOM   1017 C  CG  . ASP A 1 126 ? -13.443 -1.906  11.327  1.00 45.98 ? 317 ASP A CG  1 
ATOM   1018 O  OD1 . ASP A 1 126 ? -12.538 -1.384  12.016  1.00 44.92 ? 317 ASP A OD1 1 
ATOM   1019 O  OD2 . ASP A 1 126 ? -13.938 -3.023  11.593  1.00 48.46 ? 317 ASP A OD2 1 
ATOM   1020 N  N   . GLN A 1 127 ? -13.600 1.652   12.293  1.00 46.16 ? 318 GLN A N   1 
ATOM   1021 C  CA  . GLN A 1 127 ? -13.917 2.185   13.628  1.00 46.51 ? 318 GLN A CA  1 
ATOM   1022 C  C   . GLN A 1 127 ? -13.844 1.114   14.723  1.00 46.39 ? 318 GLN A C   1 
ATOM   1023 O  O   . GLN A 1 127 ? -13.974 1.410   15.918  1.00 46.94 ? 318 GLN A O   1 
ATOM   1024 C  CB  . GLN A 1 127 ? -15.280 2.896   13.627  1.00 46.82 ? 318 GLN A CB  1 
ATOM   1025 C  CG  . GLN A 1 127 ? -15.349 4.099   12.682  1.00 48.02 ? 318 GLN A CG  1 
ATOM   1026 C  CD  . GLN A 1 127 ? -16.777 4.516   12.345  1.00 50.15 ? 318 GLN A CD  1 
ATOM   1027 O  OE1 . GLN A 1 127 ? -17.000 5.507   11.641  1.00 51.61 ? 318 GLN A OE1 1 
ATOM   1028 N  NE2 . GLN A 1 127 ? -17.751 3.760   12.838  1.00 50.64 ? 318 GLN A NE2 1 
ATOM   1029 N  N   . GLY A 1 128 ? -13.609 -0.127  14.307  1.00 45.87 ? 319 GLY A N   1 
ATOM   1030 C  CA  . GLY A 1 128 ? -13.506 -1.240  15.229  1.00 44.41 ? 319 GLY A CA  1 
ATOM   1031 C  C   . GLY A 1 128 ? -12.086 -1.685  15.538  1.00 43.52 ? 319 GLY A C   1 
ATOM   1032 O  O   . GLY A 1 128 ? -11.407 -1.093  16.388  1.00 43.47 ? 319 GLY A O   1 
ATOM   1033 N  N   . ARG A 1 129 ? -11.645 -2.733  14.844  1.00 42.12 ? 320 ARG A N   1 
ATOM   1034 C  CA  . ARG A 1 129 ? -10.341 -3.333  15.082  1.00 40.60 ? 320 ARG A CA  1 
ATOM   1035 C  C   . ARG A 1 129 ? -9.262  -2.854  14.105  1.00 39.01 ? 320 ARG A C   1 
ATOM   1036 O  O   . ARG A 1 129 ? -8.093  -3.213  14.255  1.00 38.87 ? 320 ARG A O   1 
ATOM   1037 C  CB  . ARG A 1 129 ? -10.467 -4.856  15.024  1.00 41.11 ? 320 ARG A CB  1 
ATOM   1038 C  CG  . ARG A 1 129 ? -9.814  -5.569  16.177  1.00 43.10 ? 320 ARG A CG  1 
ATOM   1039 C  CD  . ARG A 1 129 ? -10.326 -6.998  16.286  1.00 46.35 ? 320 ARG A CD  1 
ATOM   1040 N  NE  . ARG A 1 129 ? -9.735  -7.711  17.420  1.00 49.49 ? 320 ARG A NE  1 
ATOM   1041 C  CZ  . ARG A 1 129 ? -8.485  -8.198  17.444  1.00 51.17 ? 320 ARG A CZ  1 
ATOM   1042 N  NH1 . ARG A 1 129 ? -7.662  -8.039  16.398  1.00 53.08 ? 320 ARG A NH1 1 
ATOM   1043 N  NH2 . ARG A 1 129 ? -8.049  -8.835  18.526  1.00 49.88 ? 320 ARG A NH2 1 
ATOM   1044 N  N   . CYS A 1 130 ? -9.649  -2.057  13.108  1.00 37.12 ? 321 CYS A N   1 
ATOM   1045 C  CA  . CYS A 1 130 ? -8.698  -1.519  12.112  1.00 35.33 ? 321 CYS A CA  1 
ATOM   1046 C  C   . CYS A 1 130 ? -7.586  -0.700  12.739  1.00 33.61 ? 321 CYS A C   1 
ATOM   1047 O  O   . CYS A 1 130 ? -6.409  -0.887  12.406  1.00 33.33 ? 321 CYS A O   1 
ATOM   1048 C  CB  . CYS A 1 130 ? -9.408  -0.695  11.037  1.00 34.88 ? 321 CYS A CB  1 
ATOM   1049 S  SG  . CYS A 1 130 ? -10.344 -1.675  9.827   1.00 37.03 ? 321 CYS A SG  1 
ATOM   1050 N  N   . GLN A 1 131 ? -7.963  0.194   13.654  1.00 32.14 ? 322 GLN A N   1 
ATOM   1051 C  CA  . GLN A 1 131 ? -7.015  1.034   14.393  1.00 30.95 ? 322 GLN A CA  1 
ATOM   1052 C  C   . GLN A 1 131 ? -5.987  0.185   15.121  1.00 29.99 ? 322 GLN A C   1 
ATOM   1053 O  O   . GLN A 1 131 ? -4.789  0.479   15.082  1.00 29.52 ? 322 GLN A O   1 
ATOM   1054 C  CB  . GLN A 1 131 ? -7.753  1.923   15.391  1.00 31.46 ? 322 GLN A CB  1 
ATOM   1055 C  CG  . GLN A 1 131 ? -8.627  2.990   14.731  1.00 32.30 ? 322 GLN A CG  1 
ATOM   1056 C  CD  . GLN A 1 131 ? -8.991  4.126   15.667  1.00 32.38 ? 322 GLN A CD  1 
ATOM   1057 O  OE1 . GLN A 1 131 ? -8.288  4.400   16.634  1.00 32.97 ? 322 GLN A OE1 1 
ATOM   1058 N  NE2 . GLN A 1 131 ? -10.099 4.802   15.376  1.00 33.48 ? 322 GLN A NE2 1 
ATOM   1059 N  N   . GLU A 1 132 ? -6.466  -0.881  15.758  1.00 28.73 ? 323 GLU A N   1 
ATOM   1060 C  CA  . GLU A 1 132 ? -5.613  -1.832  16.449  1.00 28.36 ? 323 GLU A CA  1 
ATOM   1061 C  C   . GLU A 1 132 ? -4.687  -2.563  15.474  1.00 27.36 ? 323 GLU A C   1 
ATOM   1062 O  O   . GLU A 1 132 ? -3.519  -2.791  15.787  1.00 27.11 ? 323 GLU A O   1 
ATOM   1063 C  CB  . GLU A 1 132 ? -6.473  -2.817  17.235  1.00 29.11 ? 323 GLU A CB  1 
ATOM   1064 C  CG  . GLU A 1 132 ? -5.683  -3.827  18.054  1.00 31.82 ? 323 GLU A CG  1 
ATOM   1065 C  CD  . GLU A 1 132 ? -6.554  -4.954  18.579  1.00 35.58 ? 323 GLU A CD  1 
ATOM   1066 O  OE1 . GLU A 1 132 ? -5.990  -6.052  18.851  1.00 38.13 ? 323 GLU A OE1 1 
ATOM   1067 O  OE2 . GLU A 1 132 ? -7.784  -4.742  18.729  1.00 35.59 ? 323 GLU A OE2 1 
ATOM   1068 N  N   . GLY A 1 133 ? -5.213  -2.903  14.294  1.00 26.25 ? 324 GLY A N   1 
ATOM   1069 C  CA  . GLY A 1 133 ? -4.446  -3.534  13.226  1.00 24.58 ? 324 GLY A CA  1 
ATOM   1070 C  C   . GLY A 1 133 ? -3.273  -2.699  12.745  1.00 24.11 ? 324 GLY A C   1 
ATOM   1071 O  O   . GLY A 1 133 ? -2.166  -3.211  12.584  1.00 23.96 ? 324 GLY A O   1 
ATOM   1072 N  N   . LEU A 1 134 ? -3.508  -1.404  12.526  1.00 23.45 ? 325 LEU A N   1 
ATOM   1073 C  CA  . LEU A 1 134 ? -2.428  -0.472  12.175  1.00 22.75 ? 325 LEU A CA  1 
ATOM   1074 C  C   . LEU A 1 134 ? -1.365  -0.362  13.275  1.00 22.60 ? 325 LEU A C   1 
ATOM   1075 O  O   . LEU A 1 134 ? -0.176  -0.323  12.980  1.00 22.70 ? 325 LEU A O   1 
ATOM   1076 C  CB  . LEU A 1 134 ? -2.982  0.916   11.802  1.00 22.84 ? 325 LEU A CB  1 
ATOM   1077 C  CG  . LEU A 1 134 ? -4.029  1.018   10.672  1.00 23.06 ? 325 LEU A CG  1 
ATOM   1078 C  CD1 . LEU A 1 134 ? -4.380  2.465   10.373  1.00 22.37 ? 325 LEU A CD1 1 
ATOM   1079 C  CD2 . LEU A 1 134 ? -3.594  0.321   9.392   1.00 21.96 ? 325 LEU A CD2 1 
ATOM   1080 N  N   . ARG A 1 135 ? -1.784  -0.305  14.541  1.00 22.64 ? 326 ARG A N   1 
ATOM   1081 C  CA  . ARG A 1 135 ? -0.835  -0.331  15.656  1.00 22.78 ? 326 ARG A CA  1 
ATOM   1082 C  C   . ARG A 1 135 ? -0.018  -1.622  15.711  1.00 22.73 ? 326 ARG A C   1 
ATOM   1083 O  O   . ARG A 1 135 ? 1.162   -1.586  16.078  1.00 22.25 ? 326 ARG A O   1 
ATOM   1084 C  CB  . ARG A 1 135 ? -1.550  -0.112  16.987  1.00 22.89 ? 326 ARG A CB  1 
ATOM   1085 C  CG  . ARG A 1 135 ? -2.095  1.294   17.144  1.00 23.66 ? 326 ARG A CG  1 
ATOM   1086 C  CD  . ARG A 1 135 ? -2.499  1.564   18.568  1.00 24.40 ? 326 ARG A CD  1 
ATOM   1087 N  NE  . ARG A 1 135 ? -3.713  0.829   18.925  1.00 26.60 ? 326 ARG A NE  1 
ATOM   1088 C  CZ  . ARG A 1 135 ? -4.943  1.308   18.771  1.00 28.26 ? 326 ARG A CZ  1 
ATOM   1089 N  NH1 . ARG A 1 135 ? -5.137  2.525   18.264  1.00 30.41 ? 326 ARG A NH1 1 
ATOM   1090 N  NH2 . ARG A 1 135 ? -5.984  0.568   19.127  1.00 30.67 ? 326 ARG A NH2 1 
ATOM   1091 N  N   . THR A 1 136 ? -0.648  -2.742  15.346  1.00 22.65 ? 327 THR A N   1 
ATOM   1092 C  CA  . THR A 1 136 ? 0.016   -4.058  15.273  1.00 23.15 ? 327 THR A CA  1 
ATOM   1093 C  C   . THR A 1 136 ? 1.057   -4.137  14.166  1.00 22.95 ? 327 THR A C   1 
ATOM   1094 O  O   . THR A 1 136 ? 2.145   -4.688  14.357  1.00 23.00 ? 327 THR A O   1 
ATOM   1095 C  CB  . THR A 1 136 ? -1.008  -5.203  15.078  1.00 23.31 ? 327 THR A CB  1 
ATOM   1096 O  OG1 . THR A 1 136 ? -1.950  -5.173  16.156  1.00 25.02 ? 327 THR A OG1 1 
ATOM   1097 C  CG2 . THR A 1 136 ? -0.309  -6.568  15.060  1.00 23.27 ? 327 THR A CG2 1 
ATOM   1098 N  N   . LEU A 1 137 ? 0.726   -3.575  13.012  1.00 22.76 ? 328 LEU A N   1 
ATOM   1099 C  CA  . LEU A 1 137 ? 1.654   -3.538  11.899  1.00 22.69 ? 328 LEU A CA  1 
ATOM   1100 C  C   . LEU A 1 137 ? 2.881   -2.684  12.235  1.00 22.50 ? 328 LEU A C   1 
ATOM   1101 O  O   . LEU A 1 137 ? 4.009   -3.071  11.924  1.00 22.27 ? 328 LEU A O   1 
ATOM   1102 C  CB  . LEU A 1 137 ? 0.946   -2.992  10.646  1.00 23.20 ? 328 LEU A CB  1 
ATOM   1103 C  CG  . LEU A 1 137 ? 0.916   -3.846  9.385   1.00 23.36 ? 328 LEU A CG  1 
ATOM   1104 C  CD1 . LEU A 1 137 ? 0.346   -3.031  8.238   1.00 23.81 ? 328 LEU A CD1 1 
ATOM   1105 C  CD2 . LEU A 1 137 ? 2.296   -4.416  9.026   1.00 23.52 ? 328 LEU A CD2 1 
ATOM   1106 N  N   . ALA A 1 138 ? 2.663   -1.524  12.864  1.00 21.75 ? 329 ALA A N   1 
ATOM   1107 C  CA  . ALA A 1 138 ? 3.769   -0.669  13.281  1.00 21.60 ? 329 ALA A CA  1 
ATOM   1108 C  C   . ALA A 1 138 ? 4.590   -1.345  14.365  1.00 21.80 ? 329 ALA A C   1 
ATOM   1109 O  O   . ALA A 1 138 ? 5.825   -1.237  14.386  1.00 21.27 ? 329 ALA A O   1 
ATOM   1110 C  CB  . ALA A 1 138 ? 3.265   0.664   13.775  1.00 21.55 ? 329 ALA A CB  1 
ATOM   1111 N  N   . GLU A 1 139 ? 3.903   -2.041  15.267  1.00 21.73 ? 330 GLU A N   1 
ATOM   1112 C  CA  . GLU A 1 139 ? 4.586   -2.758  16.332  1.00 22.61 ? 330 GLU A CA  1 
ATOM   1113 C  C   . GLU A 1 139 ? 5.506   -3.798  15.708  1.00 21.64 ? 330 GLU A C   1 
ATOM   1114 O  O   . GLU A 1 139 ? 6.615   -4.019  16.179  1.00 21.02 ? 330 GLU A O   1 
ATOM   1115 C  CB  . GLU A 1 139 ? 3.577   -3.424  17.258  1.00 23.13 ? 330 GLU A CB  1 
ATOM   1116 C  CG  . GLU A 1 139 ? 4.191   -4.011  18.518  1.00 27.41 ? 330 GLU A CG  1 
ATOM   1117 C  CD  . GLU A 1 139 ? 3.161   -4.227  19.609  1.00 30.34 ? 330 GLU A CD  1 
ATOM   1118 O  OE1 . GLU A 1 139 ? 2.237   -3.394  19.729  1.00 32.87 ? 330 GLU A OE1 1 
ATOM   1119 O  OE2 . GLU A 1 139 ? 3.267   -5.232  20.334  1.00 31.48 ? 330 GLU A OE2 1 
ATOM   1120 N  N   . ALA A 1 140 ? 5.036   -4.388  14.609  1.00 21.29 ? 331 ALA A N   1 
ATOM   1121 C  CA  . ALA A 1 140 ? 5.779   -5.397  13.872  1.00 20.70 ? 331 ALA A CA  1 
ATOM   1122 C  C   . ALA A 1 140 ? 6.961   -4.814  13.105  1.00 20.80 ? 331 ALA A C   1 
ATOM   1123 O  O   . ALA A 1 140 ? 7.780   -5.562  12.582  1.00 20.41 ? 331 ALA A O   1 
ATOM   1124 C  CB  . ALA A 1 140 ? 4.854   -6.158  12.955  1.00 19.66 ? 331 ALA A CB  1 
ATOM   1125 N  N   . GLY A 1 141 ? 7.061   -3.485  13.062  1.00 21.19 ? 332 GLY A N   1 
ATOM   1126 C  CA  . GLY A 1 141 ? 8.182   -2.830  12.394  1.00 21.82 ? 332 GLY A CA  1 
ATOM   1127 C  C   . GLY A 1 141 ? 7.900   -2.236  11.017  1.00 22.35 ? 332 GLY A C   1 
ATOM   1128 O  O   . GLY A 1 141 ? 8.775   -1.581  10.439  1.00 23.05 ? 332 GLY A O   1 
ATOM   1129 N  N   . ALA A 1 142 ? 6.704   -2.452  10.476  1.00 22.17 ? 333 ALA A N   1 
ATOM   1130 C  CA  . ALA A 1 142 ? 6.325   -1.807  9.209   1.00 22.24 ? 333 ALA A CA  1 
ATOM   1131 C  C   . ALA A 1 142 ? 6.221   -0.286  9.353   1.00 22.50 ? 333 ALA A C   1 
ATOM   1132 O  O   . ALA A 1 142 ? 5.719   0.220   10.361  1.00 23.18 ? 333 ALA A O   1 
ATOM   1133 C  CB  . ALA A 1 142 ? 5.019   -2.361  8.690   1.00 22.02 ? 333 ALA A CB  1 
ATOM   1134 N  N   . LYS A 1 143 ? 6.700   0.443   8.350   1.00 22.40 ? 334 LYS A N   1 
ATOM   1135 C  CA  . LYS A 1 143 ? 6.436   1.875   8.299   1.00 21.90 ? 334 LYS A CA  1 
ATOM   1136 C  C   . LYS A 1 143 ? 5.096   2.087   7.622   1.00 21.55 ? 334 LYS A C   1 
ATOM   1137 O  O   . LYS A 1 143 ? 4.903   1.701   6.461   1.00 20.62 ? 334 LYS A O   1 
ATOM   1138 C  CB  . LYS A 1 143 ? 7.530   2.637   7.562   1.00 21.90 ? 334 LYS A CB  1 
ATOM   1139 C  CG  . LYS A 1 143 ? 7.313   4.158   7.615   1.00 22.33 ? 334 LYS A CG  1 
ATOM   1140 C  CD  . LYS A 1 143 ? 8.315   4.884   6.753   1.00 23.15 ? 334 LYS A CD  1 
ATOM   1141 C  CE  . LYS A 1 143 ? 8.186   6.387   6.918   1.00 22.75 ? 334 LYS A CE  1 
ATOM   1142 N  NZ  . LYS A 1 143 ? 9.309   7.086   6.212   1.00 21.48 ? 334 LYS A NZ  1 
ATOM   1143 N  N   . ILE A 1 144 ? 4.164   2.665   8.373   1.00 21.67 ? 335 ILE A N   1 
ATOM   1144 C  CA  . ILE A 1 144 ? 2.852   3.016   7.844   1.00 21.84 ? 335 ILE A CA  1 
ATOM   1145 C  C   . ILE A 1 144 ? 2.733   4.532   7.795   1.00 21.81 ? 335 ILE A C   1 
ATOM   1146 O  O   . ILE A 1 144 ? 2.872   5.217   8.811   1.00 21.78 ? 335 ILE A O   1 
ATOM   1147 C  CB  . ILE A 1 144 ? 1.695   2.450   8.683   1.00 21.95 ? 335 ILE A CB  1 
ATOM   1148 C  CG1 . ILE A 1 144 ? 1.892   0.953   8.954   1.00 22.34 ? 335 ILE A CG1 1 
ATOM   1149 C  CG2 . ILE A 1 144 ? 0.339   2.743   7.979   1.00 21.90 ? 335 ILE A CG2 1 
ATOM   1150 C  CD1 . ILE A 1 144 ? 0.975   0.369   10.024  1.00 33.23 ? 335 ILE A CD1 1 
ATOM   1151 N  N   . SER A 1 145 ? 2.472   5.047   6.601   1.00 21.73 ? 336 SER A N   1 
ATOM   1152 C  CA  . SER A 1 145 ? 2.385   6.482   6.403   1.00 21.69 ? 336 SER A CA  1 
ATOM   1153 C  C   . SER A 1 145 ? 1.273   6.848   5.408   1.00 20.70 ? 336 SER A C   1 
ATOM   1154 O  O   . SER A 1 145 ? 0.756   5.990   4.689   1.00 21.23 ? 336 SER A O   1 
ATOM   1155 C  CB  . SER A 1 145 ? 3.749   7.004   5.954   1.00 21.19 ? 336 SER A CB  1 
ATOM   1156 O  OG  . SER A 1 145 ? 3.613   8.271   5.359   1.00 25.55 ? 336 SER A OG  1 
ATOM   1157 N  N   . ILE A 1 146 ? 0.912   8.125   5.393   1.00 19.00 ? 337 ILE A N   1 
ATOM   1158 C  CA  . ILE A 1 146 ? -0.108  8.649   4.492   1.00 17.59 ? 337 ILE A CA  1 
ATOM   1159 C  C   . ILE A 1 146 ? 0.572   9.224   3.258   1.00 16.62 ? 337 ILE A C   1 
ATOM   1160 O  O   . ILE A 1 146 ? 1.608   9.906   3.375   1.00 15.64 ? 337 ILE A O   1 
ATOM   1161 C  CB  . ILE A 1 146 ? -0.912  9.756   5.185   1.00 17.77 ? 337 ILE A CB  1 
ATOM   1162 C  CG1 . ILE A 1 146 ? -1.523  9.238   6.507   1.00 16.91 ? 337 ILE A CG1 1 
ATOM   1163 C  CG2 . ILE A 1 146 ? -1.969  10.313  4.259   1.00 17.92 ? 337 ILE A CG2 1 
ATOM   1164 C  CD1 . ILE A 1 146 ? -2.533  8.067   6.405   1.00 33.23 ? 337 ILE A CD1 1 
ATOM   1165 N  N   . MET A 1 147 ? -0.015  8.943   2.092   1.00 15.55 ? 338 MET A N   1 
ATOM   1166 C  CA  . MET A 1 147 ? 0.457   9.443   0.799   1.00 15.34 ? 338 MET A CA  1 
ATOM   1167 C  C   . MET A 1 147 ? 0.289   10.962  0.727   1.00 16.40 ? 338 MET A C   1 
ATOM   1168 O  O   . MET A 1 147 ? -0.757  11.493  1.114   1.00 15.96 ? 338 MET A O   1 
ATOM   1169 C  CB  . MET A 1 147 ? -0.320  8.780   -0.357  1.00 14.46 ? 338 MET A CB  1 
ATOM   1170 C  CG  . MET A 1 147 ? 0.001   7.268   -0.607  1.00 11.93 ? 338 MET A CG  1 
ATOM   1171 S  SD  . MET A 1 147 ? -0.925  6.518   -1.998  1.00 5.71  ? 338 MET A SD  1 
ATOM   1172 C  CE  . MET A 1 147 ? -0.023  7.141   -3.414  1.00 12.08 ? 338 MET A CE  1 
ATOM   1173 N  N   . THR A 1 148 ? 1.335   11.642  0.259   1.00 17.43 ? 339 THR A N   1 
ATOM   1174 C  CA  . THR A 1 148 ? 1.307   13.091  0.026   1.00 18.48 ? 339 THR A CA  1 
ATOM   1175 C  C   . THR A 1 148 ? 1.521   13.329  -1.456  1.00 18.74 ? 339 THR A C   1 
ATOM   1176 O  O   . THR A 1 148 ? 1.533   12.378  -2.251  1.00 19.50 ? 339 THR A O   1 
ATOM   1177 C  CB  . THR A 1 148 ? 2.416   13.835  0.802   1.00 18.50 ? 339 THR A CB  1 
ATOM   1178 O  OG1 . THR A 1 148 ? 3.669   13.186  0.572   1.00 20.19 ? 339 THR A OG1 1 
ATOM   1179 C  CG2 . THR A 1 148 ? 2.123   13.842  2.286   1.00 19.74 ? 339 THR A CG2 1 
ATOM   1180 N  N   . TYR A 1 149 ? 1.672   14.594  -1.833  1.00 19.09 ? 340 TYR A N   1 
ATOM   1181 C  CA  . TYR A 1 149 ? 1.933   14.961  -3.211  1.00 18.75 ? 340 TYR A CA  1 
ATOM   1182 C  C   . TYR A 1 149 ? 3.031   14.089  -3.826  1.00 18.37 ? 340 TYR A C   1 
ATOM   1183 O  O   . TYR A 1 149 ? 2.910   13.639  -4.959  1.00 18.21 ? 340 TYR A O   1 
ATOM   1184 C  CB  . TYR A 1 149 ? 2.335   16.445  -3.318  1.00 19.56 ? 340 TYR A CB  1 
ATOM   1185 C  CG  . TYR A 1 149 ? 2.754   16.798  -4.729  1.00 20.19 ? 340 TYR A CG  1 
ATOM   1186 C  CD1 . TYR A 1 149 ? 1.807   17.027  -5.710  1.00 20.17 ? 340 TYR A CD1 1 
ATOM   1187 C  CD2 . TYR A 1 149 ? 4.108   16.834  -5.091  1.00 21.71 ? 340 TYR A CD2 1 
ATOM   1188 C  CE1 . TYR A 1 149 ? 2.186   17.318  -7.010  1.00 22.81 ? 340 TYR A CE1 1 
ATOM   1189 C  CE2 . TYR A 1 149 ? 4.494   17.126  -6.384  1.00 22.97 ? 340 TYR A CE2 1 
ATOM   1190 C  CZ  . TYR A 1 149 ? 3.525   17.363  -7.335  1.00 23.29 ? 340 TYR A CZ  1 
ATOM   1191 O  OH  . TYR A 1 149 ? 3.894   17.651  -8.631  1.00 27.39 ? 340 TYR A OH  1 
ATOM   1192 N  N   . SER A 1 150 ? 4.100   13.857  -3.071  1.00 18.48 ? 341 SER A N   1 
ATOM   1193 C  CA  . SER A 1 150 ? 5.238   13.064  -3.548  1.00 18.94 ? 341 SER A CA  1 
ATOM   1194 C  C   . SER A 1 150 ? 4.917   11.611  -3.897  1.00 18.15 ? 341 SER A C   1 
ATOM   1195 O  O   . SER A 1 150 ? 5.338   11.110  -4.933  1.00 18.39 ? 341 SER A O   1 
ATOM   1196 C  CB  . SER A 1 150 ? 6.365   13.108  -2.532  1.00 18.84 ? 341 SER A CB  1 
ATOM   1197 O  OG  . SER A 1 150 ? 6.883   14.405  -2.529  1.00 21.82 ? 341 SER A OG  1 
ATOM   1198 N  N   . GLU A 1 151 ? 4.178   10.938  -3.028  1.00 18.03 ? 342 GLU A N   1 
ATOM   1199 C  CA  . GLU A 1 151 ? 3.812   9.553   -3.274  1.00 17.24 ? 342 GLU A CA  1 
ATOM   1200 C  C   . GLU A 1 151 ? 2.809   9.448   -4.422  1.00 17.43 ? 342 GLU A C   1 
ATOM   1201 O  O   . GLU A 1 151 ? 2.921   8.557   -5.246  1.00 16.80 ? 342 GLU A O   1 
ATOM   1202 C  CB  . GLU A 1 151 ? 3.242   8.924   -2.006  1.00 17.72 ? 342 GLU A CB  1 
ATOM   1203 C  CG  . GLU A 1 151 ? 4.303   8.633   -0.921  1.00 17.36 ? 342 GLU A CG  1 
ATOM   1204 C  CD  . GLU A 1 151 ? 4.808   9.887   -0.247  1.00 17.92 ? 342 GLU A CD  1 
ATOM   1205 O  OE1 . GLU A 1 151 ? 3.983   10.741  0.135   1.00 16.98 ? 342 GLU A OE1 1 
ATOM   1206 O  OE2 . GLU A 1 151 ? 6.040   10.039  -0.132  1.00 19.26 ? 342 GLU A OE2 1 
ATOM   1207 N  N   . PHE A 1 152 ? 1.841   10.373  -4.482  1.00 17.75 ? 343 PHE A N   1 
ATOM   1208 C  CA  . PHE A 1 152 ? 0.850   10.394  -5.571  1.00 17.35 ? 343 PHE A CA  1 
ATOM   1209 C  C   . PHE A 1 152 ? 1.507   10.587  -6.940  1.00 17.08 ? 343 PHE A C   1 
ATOM   1210 O  O   . PHE A 1 152 ? 1.206   9.862   -7.896  1.00 16.49 ? 343 PHE A O   1 
ATOM   1211 C  CB  . PHE A 1 152 ? -0.183  11.482  -5.343  1.00 17.55 ? 343 PHE A CB  1 
ATOM   1212 C  CG  . PHE A 1 152 ? -1.134  11.209  -4.199  1.00 18.31 ? 343 PHE A CG  1 
ATOM   1213 C  CD1 . PHE A 1 152 ? -1.236  12.100  -3.142  1.00 16.96 ? 343 PHE A CD1 1 
ATOM   1214 C  CD2 . PHE A 1 152 ? -1.945  10.074  -4.196  1.00 19.44 ? 343 PHE A CD2 1 
ATOM   1215 C  CE1 . PHE A 1 152 ? -2.134  11.871  -2.101  1.00 18.03 ? 343 PHE A CE1 1 
ATOM   1216 C  CE2 . PHE A 1 152 ? -2.849  9.839   -3.159  1.00 18.92 ? 343 PHE A CE2 1 
ATOM   1217 C  CZ  . PHE A 1 152 ? -2.939  10.736  -2.105  1.00 18.09 ? 343 PHE A CZ  1 
ATOM   1218 N  N   . LYS A 1 153 ? 2.418   11.554  -7.019  1.00 17.25 ? 344 LYS A N   1 
ATOM   1219 C  CA  . LYS A 1 153 ? 3.161   11.833  -8.251  1.00 18.10 ? 344 LYS A CA  1 
ATOM   1220 C  C   . LYS A 1 153 ? 4.044   10.648  -8.660  1.00 18.64 ? 344 LYS A C   1 
ATOM   1221 O  O   . LYS A 1 153 ? 4.087   10.275  -9.833  1.00 18.98 ? 344 LYS A O   1 
ATOM   1222 C  CB  . LYS A 1 153 ? 4.002   13.111  -8.094  1.00 17.68 ? 344 LYS A CB  1 
ATOM   1223 C  CG  . LYS A 1 153 ? 4.851   13.469  -9.313  1.00 19.94 ? 344 LYS A CG  1 
ATOM   1224 C  CD  . LYS A 1 153 ? 5.858   14.575  -8.993  1.00 25.20 ? 344 LYS A CD  1 
ATOM   1225 C  CE  . LYS A 1 153 ? 6.543   15.097  -10.253 1.00 28.35 ? 344 LYS A CE  1 
ATOM   1226 N  NZ  . LYS A 1 153 ? 7.770   14.313  -10.612 1.00 31.21 ? 344 LYS A NZ  1 
ATOM   1227 N  N   . HIS A 1 154 ? 4.768   10.082  -7.699  1.00 19.43 ? 345 HIS A N   1 
ATOM   1228 C  CA  . HIS A 1 154 ? 5.550   8.870   -7.937  1.00 20.28 ? 345 HIS A CA  1 
ATOM   1229 C  C   . HIS A 1 154 ? 4.717   7.760   -8.575  1.00 20.32 ? 345 HIS A C   1 
ATOM   1230 O  O   . HIS A 1 154 ? 5.085   7.217   -9.626  1.00 19.80 ? 345 HIS A O   1 
ATOM   1231 C  CB  . HIS A 1 154 ? 6.188   8.357   -6.635  1.00 20.33 ? 345 HIS A CB  1 
ATOM   1232 C  CG  . HIS A 1 154 ? 7.016   7.132   -6.840  1.00 21.56 ? 345 HIS A CG  1 
ATOM   1233 N  ND1 . HIS A 1 154 ? 8.292   7.180   -7.358  1.00 22.16 ? 345 HIS A ND1 1 
ATOM   1234 C  CD2 . HIS A 1 154 ? 6.731   5.819   -6.660  1.00 21.73 ? 345 HIS A CD2 1 
ATOM   1235 C  CE1 . HIS A 1 154 ? 8.764   5.952   -7.475  1.00 23.14 ? 345 HIS A CE1 1 
ATOM   1236 N  NE2 . HIS A 1 154 ? 7.837   5.109   -7.056  1.00 23.51 ? 345 HIS A NE2 1 
ATOM   1237 N  N   . CYS A 1 155 ? 3.591   7.427   -7.945  1.00 20.70 ? 346 CYS A N   1 
ATOM   1238 C  CA  . CYS A 1 155 ? 2.705   6.392   -8.475  1.00 21.54 ? 346 CYS A CA  1 
ATOM   1239 C  C   . CYS A 1 155 ? 2.195   6.727   -9.861  1.00 21.01 ? 346 CYS A C   1 
ATOM   1240 O  O   . CYS A 1 155 ? 2.121   5.845   -10.723 1.00 20.21 ? 346 CYS A O   1 
ATOM   1241 C  CB  . CYS A 1 155 ? 1.528   6.142   -7.543  1.00 21.35 ? 346 CYS A CB  1 
ATOM   1242 S  SG  . CYS A 1 155 ? 2.035   5.447   -5.983  1.00 30.21 ? 346 CYS A SG  1 
ATOM   1243 N  N   . TRP A 1 156 ? 1.814   7.989   -10.075 1.00 21.42 ? 347 TRP A N   1 
ATOM   1244 C  CA  . TRP A 1 156 ? 1.369   8.438   -11.407 1.00 21.72 ? 347 TRP A CA  1 
ATOM   1245 C  C   . TRP A 1 156 ? 2.452   8.160   -12.453 1.00 22.10 ? 347 TRP A C   1 
ATOM   1246 O  O   . TRP A 1 156 ? 2.172   7.595   -13.517 1.00 22.25 ? 347 TRP A O   1 
ATOM   1247 C  CB  . TRP A 1 156 ? 0.988   9.927   -11.392 1.00 21.51 ? 347 TRP A CB  1 
ATOM   1248 C  CG  . TRP A 1 156 ? 0.635   10.484  -12.740 1.00 21.37 ? 347 TRP A CG  1 
ATOM   1249 C  CD1 . TRP A 1 156 ? 1.499   11.025  -13.660 1.00 21.59 ? 347 TRP A CD1 1 
ATOM   1250 C  CD2 . TRP A 1 156 ? -0.668  10.564  -13.320 1.00 21.82 ? 347 TRP A CD2 1 
ATOM   1251 N  NE1 . TRP A 1 156 ? 0.814   11.422  -14.780 1.00 22.42 ? 347 TRP A NE1 1 
ATOM   1252 C  CE2 . TRP A 1 156 ? -0.520  11.152  -14.600 1.00 23.80 ? 347 TRP A CE2 1 
ATOM   1253 C  CE3 . TRP A 1 156 ? -1.945  10.174  -12.897 1.00 22.81 ? 347 TRP A CE3 1 
ATOM   1254 C  CZ2 . TRP A 1 156 ? -1.614  11.383  -15.454 1.00 23.72 ? 347 TRP A CZ2 1 
ATOM   1255 C  CZ3 . TRP A 1 156 ? -3.034  10.402  -13.747 1.00 24.60 ? 347 TRP A CZ3 1 
ATOM   1256 C  CH2 . TRP A 1 156 ? -2.856  11.001  -15.013 1.00 23.53 ? 347 TRP A CH2 1 
ATOM   1257 N  N   . ASP A 1 157 ? 3.686   8.554   -12.145 1.00 22.34 ? 348 ASP A N   1 
ATOM   1258 C  CA  . ASP A 1 157 ? 4.803   8.437   -13.089 1.00 22.77 ? 348 ASP A CA  1 
ATOM   1259 C  C   . ASP A 1 157 ? 5.259   6.999   -13.277 1.00 23.40 ? 348 ASP A C   1 
ATOM   1260 O  O   . ASP A 1 157 ? 5.835   6.665   -14.301 1.00 24.18 ? 348 ASP A O   1 
ATOM   1261 C  CB  . ASP A 1 157 ? 5.995   9.277   -12.620 1.00 22.87 ? 348 ASP A CB  1 
ATOM   1262 C  CG  . ASP A 1 157 ? 5.686   10.768  -12.575 1.00 22.69 ? 348 ASP A CG  1 
ATOM   1263 O  OD1 . ASP A 1 157 ? 4.677   11.204  -13.161 1.00 22.96 ? 348 ASP A OD1 1 
ATOM   1264 O  OD2 . ASP A 1 157 ? 6.464   11.508  -11.956 1.00 21.70 ? 348 ASP A OD2 1 
ATOM   1265 N  N   . THR A 1 158 ? 4.990   6.148   -12.291 1.00 23.53 ? 349 THR A N   1 
ATOM   1266 C  CA  . THR A 1 158 ? 5.511   4.791   -12.306 1.00 23.45 ? 349 THR A CA  1 
ATOM   1267 C  C   . THR A 1 158 ? 4.494   3.733   -12.703 1.00 23.50 ? 349 THR A C   1 
ATOM   1268 O  O   . THR A 1 158 ? 4.845   2.787   -13.407 1.00 23.63 ? 349 THR A O   1 
ATOM   1269 C  CB  . THR A 1 158 ? 6.208   4.434   -10.973 1.00 23.57 ? 349 THR A CB  1 
ATOM   1270 O  OG1 . THR A 1 158 ? 7.160   5.460   -10.659 1.00 23.08 ? 349 THR A OG1 1 
ATOM   1271 C  CG2 . THR A 1 158 ? 6.921   3.104   -11.083 1.00 23.61 ? 349 THR A CG2 1 
ATOM   1272 N  N   . PHE A 1 159 ? 3.250   3.901   -12.263 1.00 23.19 ? 350 PHE A N   1 
ATOM   1273 C  CA  . PHE A 1 159 ? 2.222   2.880   -12.422 1.00 23.44 ? 350 PHE A CA  1 
ATOM   1274 C  C   . PHE A 1 159 ? 1.036   3.255   -13.311 1.00 24.09 ? 350 PHE A C   1 
ATOM   1275 O  O   . PHE A 1 159 ? 0.134   2.424   -13.487 1.00 24.73 ? 350 PHE A O   1 
ATOM   1276 C  CB  . PHE A 1 159 ? 1.696   2.446   -11.049 1.00 23.38 ? 350 PHE A CB  1 
ATOM   1277 C  CG  . PHE A 1 159 ? 2.740   1.821   -10.178 1.00 22.15 ? 350 PHE A CG  1 
ATOM   1278 C  CD1 . PHE A 1 159 ? 3.347   2.559   -9.163  1.00 21.60 ? 350 PHE A CD1 1 
ATOM   1279 C  CD2 . PHE A 1 159 ? 3.150   0.512   -10.397 1.00 20.47 ? 350 PHE A CD2 1 
ATOM   1280 C  CE1 . PHE A 1 159 ? 4.343   1.988   -8.355  1.00 20.71 ? 350 PHE A CE1 1 
ATOM   1281 C  CE2 . PHE A 1 159 ? 4.140   -0.062  -9.604  1.00 21.96 ? 350 PHE A CE2 1 
ATOM   1282 C  CZ  . PHE A 1 159 ? 4.735   0.682   -8.586  1.00 21.75 ? 350 PHE A CZ  1 
ATOM   1283 N  N   . VAL A 1 160 ? 1.020   4.478   -13.859 1.00 23.58 ? 351 VAL A N   1 
ATOM   1284 C  CA  . VAL A 1 160 ? -0.117  4.936   -14.679 1.00 23.38 ? 351 VAL A CA  1 
ATOM   1285 C  C   . VAL A 1 160 ? 0.281   5.121   -16.154 1.00 23.61 ? 351 VAL A C   1 
ATOM   1286 O  O   . VAL A 1 160 ? 1.396   5.562   -16.463 1.00 22.83 ? 351 VAL A O   1 
ATOM   1287 C  CB  . VAL A 1 160 ? -0.790  6.210   -14.091 1.00 23.77 ? 351 VAL A CB  1 
ATOM   1288 C  CG1 . VAL A 1 160 ? -2.002  6.660   -14.918 1.00 22.54 ? 351 VAL A CG1 1 
ATOM   1289 C  CG2 . VAL A 1 160 ? -1.212  5.992   -12.633 1.00 23.49 ? 351 VAL A CG2 1 
ATOM   1290 N  N   . ASP A 1 161 ? -0.626  4.732   -17.056 1.00 23.73 ? 352 ASP A N   1 
ATOM   1291 C  CA  . ASP A 1 161 ? -0.448  4.938   -18.499 1.00 23.48 ? 352 ASP A CA  1 
ATOM   1292 C  C   . ASP A 1 161 ? -0.787  6.388   -18.794 1.00 21.89 ? 352 ASP A C   1 
ATOM   1293 O  O   . ASP A 1 161 ? -1.779  6.673   -19.438 1.00 21.69 ? 352 ASP A O   1 
ATOM   1294 C  CB  . ASP A 1 161 ? -1.376  3.993   -19.269 1.00 24.57 ? 352 ASP A CB  1 
ATOM   1295 C  CG  . ASP A 1 161 ? -1.045  3.897   -20.770 1.00 27.90 ? 352 ASP A CG  1 
ATOM   1296 O  OD1 . ASP A 1 161 ? -1.530  2.939   -21.401 1.00 29.49 ? 352 ASP A OD1 1 
ATOM   1297 O  OD2 . ASP A 1 161 ? -0.328  4.766   -21.333 1.00 34.56 ? 352 ASP A OD2 1 
ATOM   1298 N  N   . HIS A 1 162 ? 0.044   7.303   -18.298 1.00 21.14 ? 353 HIS A N   1 
ATOM   1299 C  CA  . HIS A 1 162 ? -0.193  8.746   -18.419 1.00 19.82 ? 353 HIS A CA  1 
ATOM   1300 C  C   . HIS A 1 162 ? -0.024  9.248   -19.858 1.00 19.49 ? 353 HIS A C   1 
ATOM   1301 O  O   . HIS A 1 162 ? -0.410  10.368  -20.183 1.00 20.39 ? 353 HIS A O   1 
ATOM   1302 C  CB  . HIS A 1 162 ? 0.742   9.525   -17.478 1.00 19.03 ? 353 HIS A CB  1 
ATOM   1303 C  CG  . HIS A 1 162 ? 2.187   9.163   -17.619 1.00 17.96 ? 353 HIS A CG  1 
ATOM   1304 N  ND1 . HIS A 1 162 ? 2.892   8.512   -16.627 1.00 18.76 ? 353 HIS A ND1 1 
ATOM   1305 C  CD2 . HIS A 1 162 ? 3.061   9.352   -18.634 1.00 16.96 ? 353 HIS A CD2 1 
ATOM   1306 C  CE1 . HIS A 1 162 ? 4.134   8.299   -17.033 1.00 16.88 ? 353 HIS A CE1 1 
ATOM   1307 N  NE2 . HIS A 1 162 ? 4.262   8.801   -18.248 1.00 19.61 ? 353 HIS A NE2 1 
ATOM   1308 N  N   . GLN A 1 163 ? 0.589   8.428   -20.702 1.00 18.73 ? 354 GLN A N   1 
ATOM   1309 C  CA  . GLN A 1 163 ? 0.783   8.754   -22.107 1.00 18.73 ? 354 GLN A CA  1 
ATOM   1310 C  C   . GLN A 1 163 ? 1.518   10.088  -22.254 1.00 19.13 ? 354 GLN A C   1 
ATOM   1311 O  O   . GLN A 1 163 ? 1.340   10.798  -23.226 1.00 17.73 ? 354 GLN A O   1 
ATOM   1312 C  CB  . GLN A 1 163 ? -0.566  8.793   -22.843 1.00 18.25 ? 354 GLN A CB  1 
ATOM   1313 C  CG  . GLN A 1 163 ? -1.352  7.514   -22.764 1.00 17.07 ? 354 GLN A CG  1 
ATOM   1314 C  CD  . GLN A 1 163 ? -2.587  7.578   -23.626 1.00 20.13 ? 354 GLN A CD  1 
ATOM   1315 O  OE1 . GLN A 1 163 ? -2.560  8.111   -24.755 1.00 22.01 ? 354 GLN A OE1 1 
ATOM   1316 N  NE2 . GLN A 1 163 ? -3.684  7.031   -23.115 1.00 19.06 ? 354 GLN A NE2 1 
ATOM   1317 N  N   . GLY A 1 164 ? 2.354   10.404  -21.269 1.00 20.04 ? 355 GLY A N   1 
ATOM   1318 C  CA  . GLY A 1 164 ? 3.218   11.574  -21.339 1.00 20.99 ? 355 GLY A CA  1 
ATOM   1319 C  C   . GLY A 1 164 ? 2.699   12.740  -20.532 1.00 21.71 ? 355 GLY A C   1 
ATOM   1320 O  O   . GLY A 1 164 ? 3.425   13.703  -20.321 1.00 22.74 ? 355 GLY A O   1 
ATOM   1321 N  N   . CYS A 1 165 ? 1.455   12.651  -20.067 1.00 22.32 ? 356 CYS A N   1 
ATOM   1322 C  CA  . CYS A 1 165 ? 0.861   13.720  -19.275 1.00 23.84 ? 356 CYS A CA  1 
ATOM   1323 C  C   . CYS A 1 165 ? 1.433   13.764  -17.871 1.00 23.53 ? 356 CYS A C   1 
ATOM   1324 O  O   . CYS A 1 165 ? 1.370   12.777  -17.144 1.00 23.14 ? 356 CYS A O   1 
ATOM   1325 C  CB  . CYS A 1 165 ? -0.667  13.617  -19.215 1.00 24.20 ? 356 CYS A CB  1 
ATOM   1326 S  SG  . CYS A 1 165 ? -1.486  13.854  -20.813 1.00 28.70 ? 356 CYS A SG  1 
ATOM   1327 N  N   . PRO A 1 166 ? 2.030   14.910  -17.498 1.00 23.82 ? 357 PRO A N   1 
ATOM   1328 C  CA  . PRO A 1 166 ? 2.521   15.068  -16.132 1.00 24.02 ? 357 PRO A CA  1 
ATOM   1329 C  C   . PRO A 1 166 ? 1.389   14.986  -15.112 1.00 24.50 ? 357 PRO A C   1 
ATOM   1330 O  O   . PRO A 1 166 ? 0.206   15.093  -15.477 1.00 24.53 ? 357 PRO A O   1 
ATOM   1331 C  CB  . PRO A 1 166 ? 3.166   16.456  -16.146 1.00 24.41 ? 357 PRO A CB  1 
ATOM   1332 C  CG  . PRO A 1 166 ? 3.501   16.720  -17.605 1.00 23.39 ? 357 PRO A CG  1 
ATOM   1333 C  CD  . PRO A 1 166 ? 2.340   16.088  -18.337 1.00 24.04 ? 357 PRO A CD  1 
ATOM   1334 N  N   . PHE A 1 167 ? 1.755   14.750  -13.853 1.00 24.47 ? 358 PHE A N   1 
ATOM   1335 C  CA  . PHE A 1 167 ? 0.789   14.574  -12.789 1.00 25.36 ? 358 PHE A CA  1 
ATOM   1336 C  C   . PHE A 1 167 ? 0.156   15.911  -12.436 1.00 25.79 ? 358 PHE A C   1 
ATOM   1337 O  O   . PHE A 1 167 ? 0.855   16.904  -12.264 1.00 26.25 ? 358 PHE A O   1 
ATOM   1338 C  CB  . PHE A 1 167 ? 1.459   13.944  -11.556 1.00 25.24 ? 358 PHE A CB  1 
ATOM   1339 C  CG  . PHE A 1 167 ? 0.579   13.897  -10.361 1.00 25.32 ? 358 PHE A CG  1 
ATOM   1340 C  CD1 . PHE A 1 167 ? -0.597  13.143  -10.376 1.00 24.91 ? 358 PHE A CD1 1 
ATOM   1341 C  CD2 . PHE A 1 167 ? 0.906   14.619  -9.215  1.00 23.43 ? 358 PHE A CD2 1 
ATOM   1342 C  CE1 . PHE A 1 167 ? -1.421  13.109  -9.262  1.00 23.06 ? 358 PHE A CE1 1 
ATOM   1343 C  CE2 . PHE A 1 167 ? 0.088   14.586  -8.108  1.00 21.83 ? 358 PHE A CE2 1 
ATOM   1344 C  CZ  . PHE A 1 167 ? -1.075  13.830  -8.130  1.00 21.99 ? 358 PHE A CZ  1 
ATOM   1345 N  N   . GLN A 1 168 ? -1.165  15.922  -12.332 1.00 26.74 ? 359 GLN A N   1 
ATOM   1346 C  CA  . GLN A 1 168 ? -1.916  17.130  -12.022 1.00 27.69 ? 359 GLN A CA  1 
ATOM   1347 C  C   . GLN A 1 168 ? -2.721  16.903  -10.749 1.00 27.49 ? 359 GLN A C   1 
ATOM   1348 O  O   . GLN A 1 168 ? -3.740  16.221  -10.769 1.00 27.63 ? 359 GLN A O   1 
ATOM   1349 C  CB  . GLN A 1 168 ? -2.849  17.492  -13.186 1.00 28.71 ? 359 GLN A CB  1 
ATOM   1350 C  CG  . GLN A 1 168 ? -2.148  18.035  -14.432 1.00 31.61 ? 359 GLN A CG  1 
ATOM   1351 C  CD  . GLN A 1 168 ? -3.015  17.938  -15.690 1.00 35.91 ? 359 GLN A CD  1 
ATOM   1352 O  OE1 . GLN A 1 168 ? -4.219  18.265  -15.677 1.00 37.88 ? 359 GLN A OE1 1 
ATOM   1353 N  NE2 . GLN A 1 168 ? -2.393  17.501  -16.791 1.00 37.74 ? 359 GLN A NE2 1 
ATOM   1354 N  N   . PRO A 1 169 ? -2.266  17.483  -9.633  1.00 27.48 ? 360 PRO A N   1 
ATOM   1355 C  CA  . PRO A 1 169 ? -2.930  17.336  -8.347  1.00 27.03 ? 360 PRO A CA  1 
ATOM   1356 C  C   . PRO A 1 169 ? -4.337  17.950  -8.338  1.00 26.96 ? 360 PRO A C   1 
ATOM   1357 O  O   . PRO A 1 169 ? -4.531  19.089  -8.795  1.00 26.72 ? 360 PRO A O   1 
ATOM   1358 C  CB  . PRO A 1 169 ? -2.028  18.123  -7.396  1.00 27.21 ? 360 PRO A CB  1 
ATOM   1359 C  CG  . PRO A 1 169 ? -0.744  18.268  -8.120  1.00 28.35 ? 360 PRO A CG  1 
ATOM   1360 C  CD  . PRO A 1 169 ? -1.087  18.355  -9.541  1.00 27.11 ? 360 PRO A CD  1 
ATOM   1361 N  N   . TRP A 1 170 ? -5.289  17.182  -7.815  1.00 26.41 ? 361 TRP A N   1 
ATOM   1362 C  CA  . TRP A 1 170 ? -6.640  17.635  -7.573  1.00 25.99 ? 361 TRP A CA  1 
ATOM   1363 C  C   . TRP A 1 170 ? -6.626  18.632  -6.421  1.00 26.13 ? 361 TRP A C   1 
ATOM   1364 O  O   . TRP A 1 170 ? -5.758  18.580  -5.541  1.00 25.46 ? 361 TRP A O   1 
ATOM   1365 C  CB  . TRP A 1 170 ? -7.553  16.446  -7.250  1.00 25.79 ? 361 TRP A CB  1 
ATOM   1366 C  CG  . TRP A 1 170 ? -6.999  15.480  -6.226  1.00 25.34 ? 361 TRP A CG  1 
ATOM   1367 C  CD1 . TRP A 1 170 ? -7.090  15.579  -4.867  1.00 25.19 ? 361 TRP A CD1 1 
ATOM   1368 C  CD2 . TRP A 1 170 ? -6.285  14.260  -6.491  1.00 24.53 ? 361 TRP A CD2 1 
ATOM   1369 N  NE1 . TRP A 1 170 ? -6.477  14.500  -4.265  1.00 22.91 ? 361 TRP A NE1 1 
ATOM   1370 C  CE2 . TRP A 1 170 ? -5.970  13.678  -5.241  1.00 24.22 ? 361 TRP A CE2 1 
ATOM   1371 C  CE3 . TRP A 1 170 ? -5.880  13.604  -7.663  1.00 23.16 ? 361 TRP A CE3 1 
ATOM   1372 C  CZ2 . TRP A 1 170 ? -5.257  12.463  -5.132  1.00 23.62 ? 361 TRP A CZ2 1 
ATOM   1373 C  CZ3 . TRP A 1 170 ? -5.177  12.394  -7.549  1.00 21.87 ? 361 TRP A CZ3 1 
ATOM   1374 C  CH2 . TRP A 1 170 ? -4.877  11.842  -6.297  1.00 20.65 ? 361 TRP A CH2 1 
ATOM   1375 N  N   . ASP A 1 171 ? -7.580  19.553  -6.434  1.00 26.18 ? 362 ASP A N   1 
ATOM   1376 C  CA  . ASP A 1 171 ? -7.652  20.578  -5.395  1.00 26.39 ? 362 ASP A CA  1 
ATOM   1377 C  C   . ASP A 1 171 ? -7.874  19.932  -4.025  1.00 26.25 ? 362 ASP A C   1 
ATOM   1378 O  O   . ASP A 1 171 ? -8.611  18.960  -3.900  1.00 25.96 ? 362 ASP A O   1 
ATOM   1379 C  CB  . ASP A 1 171 ? -8.752  21.589  -5.722  1.00 26.66 ? 362 ASP A CB  1 
ATOM   1380 C  CG  . ASP A 1 171 ? -8.420  22.435  -6.938  1.00 26.88 ? 362 ASP A CG  1 
ATOM   1381 O  OD1 . ASP A 1 171 ? -9.122  22.335  -7.953  1.00 28.55 ? 362 ASP A OD1 1 
ATOM   1382 O  OD2 . ASP A 1 171 ? -7.439  23.188  -6.891  1.00 28.95 ? 362 ASP A OD2 1 
ATOM   1383 N  N   . GLY A 1 172 ? -7.205  20.474  -3.016  1.00 26.48 ? 363 GLY A N   1 
ATOM   1384 C  CA  . GLY A 1 172 ? -7.326  19.989  -1.654  1.00 27.02 ? 363 GLY A CA  1 
ATOM   1385 C  C   . GLY A 1 172 ? -6.445  18.786  -1.346  1.00 27.38 ? 363 GLY A C   1 
ATOM   1386 O  O   . GLY A 1 172 ? -6.425  18.330  -0.202  1.00 28.17 ? 363 GLY A O   1 
ATOM   1387 N  N   . LEU A 1 173 ? -5.719  18.268  -2.345  1.00 26.72 ? 364 LEU A N   1 
ATOM   1388 C  CA  . LEU A 1 173 ? -4.881  17.070  -2.140  1.00 26.63 ? 364 LEU A CA  1 
ATOM   1389 C  C   . LEU A 1 173 ? -4.036  17.229  -0.881  1.00 26.65 ? 364 LEU A C   1 
ATOM   1390 O  O   . LEU A 1 173 ? -4.016  16.344  -0.015  1.00 25.60 ? 364 LEU A O   1 
ATOM   1391 C  CB  . LEU A 1 173 ? -3.982  16.751  -3.359  1.00 25.47 ? 364 LEU A CB  1 
ATOM   1392 C  CG  . LEU A 1 173 ? -3.030  15.532  -3.262  1.00 25.95 ? 364 LEU A CG  1 
ATOM   1393 C  CD1 . LEU A 1 173 ? -2.534  15.101  -4.638  1.00 23.12 ? 364 LEU A CD1 1 
ATOM   1394 C  CD2 . LEU A 1 173 ? -1.828  15.777  -2.327  1.00 23.88 ? 364 LEU A CD2 1 
ATOM   1395 N  N   . ASP A 1 174 ? -3.355  18.364  -0.786  1.00 27.01 ? 365 ASP A N   1 
ATOM   1396 C  CA  . ASP A 1 174 ? -2.458  18.632  0.336   1.00 28.04 ? 365 ASP A CA  1 
ATOM   1397 C  C   . ASP A 1 174 ? -3.227  18.701  1.654   1.00 28.17 ? 365 ASP A C   1 
ATOM   1398 O  O   . ASP A 1 174 ? -2.767  18.209  2.685   1.00 28.72 ? 365 ASP A O   1 
ATOM   1399 C  CB  . ASP A 1 174 ? -1.676  19.925  0.080   1.00 28.70 ? 365 ASP A CB  1 
ATOM   1400 C  CG  . ASP A 1 174 ? -0.456  19.709  -0.792  1.00 29.85 ? 365 ASP A CG  1 
ATOM   1401 O  OD1 . ASP A 1 174 ? -0.490  18.842  -1.687  1.00 30.40 ? 365 ASP A OD1 1 
ATOM   1402 O  OD2 . ASP A 1 174 ? 0.559   20.408  -0.572  1.00 34.13 ? 365 ASP A OD2 1 
ATOM   1403 N  N   . GLU A 1 175 ? -4.414  19.291  1.596   1.00 28.03 ? 366 GLU A N   1 
ATOM   1404 C  CA  . GLU A 1 175 ? -5.258  19.506  2.765   1.00 28.23 ? 366 GLU A CA  1 
ATOM   1405 C  C   . GLU A 1 175 ? -5.717  18.181  3.370   1.00 26.87 ? 366 GLU A C   1 
ATOM   1406 O  O   . GLU A 1 175 ? -5.583  17.977  4.569   1.00 26.27 ? 366 GLU A O   1 
ATOM   1407 C  CB  . GLU A 1 175 ? -6.466  20.380  2.381   1.00 28.41 ? 366 GLU A CB  1 
ATOM   1408 C  CG  . GLU A 1 175 ? -7.434  20.666  3.519   1.00 33.12 ? 366 GLU A CG  1 
ATOM   1409 C  CD  . GLU A 1 175 ? -8.405  21.816  3.212   1.00 39.18 ? 366 GLU A CD  1 
ATOM   1410 O  OE1 . GLU A 1 175 ? -9.064  22.299  4.163   1.00 41.69 ? 366 GLU A OE1 1 
ATOM   1411 O  OE2 . GLU A 1 175 ? -8.514  22.237  2.032   1.00 41.44 ? 366 GLU A OE2 1 
ATOM   1412 N  N   . HIS A 1 176 ? -6.273  17.312  2.527   1.00 25.92 ? 367 HIS A N   1 
ATOM   1413 C  CA  . HIS A 1 176 ? -6.756  16.001  2.931   1.00 25.46 ? 367 HIS A CA  1 
ATOM   1414 C  C   . HIS A 1 176 ? -5.566  15.158  3.385   1.00 25.25 ? 367 HIS A C   1 
ATOM   1415 O  O   . HIS A 1 176 ? -5.637  14.442  4.381   1.00 24.37 ? 367 HIS A O   1 
ATOM   1416 C  CB  . HIS A 1 176 ? -7.426  15.276  1.754   1.00 25.94 ? 367 HIS A CB  1 
ATOM   1417 C  CG  . HIS A 1 176 ? -8.601  15.993  1.157   1.00 26.24 ? 367 HIS A CG  1 
ATOM   1418 N  ND1 . HIS A 1 176 ? -9.526  16.684  1.911   1.00 26.92 ? 367 HIS A ND1 1 
ATOM   1419 C  CD2 . HIS A 1 176 ? -9.034  16.066  -0.124  1.00 25.61 ? 367 HIS A CD2 1 
ATOM   1420 C  CE1 . HIS A 1 176 ? -10.465 17.169  1.120   1.00 24.31 ? 367 HIS A CE1 1 
ATOM   1421 N  NE2 . HIS A 1 176 ? -10.191 16.805  -0.119  1.00 25.96 ? 367 HIS A NE2 1 
ATOM   1422 N  N   . SER A 1 177 ? -4.466  15.247  2.642   1.00 24.91 ? 368 SER A N   1 
ATOM   1423 C  CA  . SER A 1 177 ? -3.233  14.567  3.022   1.00 25.38 ? 368 SER A CA  1 
ATOM   1424 C  C   . SER A 1 177 ? -2.782  14.960  4.448   1.00 25.13 ? 368 SER A C   1 
ATOM   1425 O  O   . SER A 1 177 ? -2.410  14.081  5.247   1.00 25.31 ? 368 SER A O   1 
ATOM   1426 C  CB  . SER A 1 177 ? -2.155  14.809  1.962   1.00 25.06 ? 368 SER A CB  1 
ATOM   1427 O  OG  . SER A 1 177 ? -0.925  14.270  2.356   1.00 27.50 ? 368 SER A OG  1 
ATOM   1428 N  N   . GLN A 1 178 ? -2.861  16.256  4.778   1.00 24.95 ? 369 GLN A N   1 
ATOM   1429 C  CA  . GLN A 1 178 ? -2.510  16.752  6.129   1.00 25.03 ? 369 GLN A CA  1 
ATOM   1430 C  C   . GLN A 1 178 ? -3.445  16.236  7.213   1.00 24.90 ? 369 GLN A C   1 
ATOM   1431 O  O   . GLN A 1 178 ? -2.988  15.829  8.282   1.00 25.01 ? 369 GLN A O   1 
ATOM   1432 C  CB  . GLN A 1 178 ? -2.483  18.286  6.201   1.00 24.80 ? 369 GLN A CB  1 
ATOM   1433 C  CG  . GLN A 1 178 ? -2.154  18.814  7.618   1.00 26.67 ? 369 GLN A CG  1 
ATOM   1434 C  CD  . GLN A 1 178 ? -2.127  20.331  7.715   1.00 30.90 ? 369 GLN A CD  1 
ATOM   1435 O  OE1 . GLN A 1 178 ? -3.101  21.017  7.359   1.00 31.89 ? 369 GLN A OE1 1 
ATOM   1436 N  NE2 . GLN A 1 178 ? -1.006  20.867  8.197   1.00 30.33 ? 369 GLN A NE2 1 
ATOM   1437 N  N   . ASP A 1 179 ? -4.748  16.311  6.952   1.00 24.62 ? 370 ASP A N   1 
ATOM   1438 C  CA  . ASP A 1 179 ? -5.757  15.852  7.890   1.00 25.20 ? 370 ASP A CA  1 
ATOM   1439 C  C   . ASP A 1 179 ? -5.596  14.350  8.160   1.00 24.14 ? 370 ASP A C   1 
ATOM   1440 O  O   . ASP A 1 179 ? -5.564  13.914  9.311   1.00 24.21 ? 370 ASP A O   1 
ATOM   1441 C  CB  . ASP A 1 179 ? -7.156  16.134  7.336   1.00 26.10 ? 370 ASP A CB  1 
ATOM   1442 C  CG  . ASP A 1 179 ? -8.246  15.680  8.277   1.00 30.25 ? 370 ASP A CG  1 
ATOM   1443 O  OD1 . ASP A 1 179 ? -8.402  16.299  9.361   1.00 33.59 ? 370 ASP A OD1 1 
ATOM   1444 O  OD2 . ASP A 1 179 ? -8.942  14.693  7.936   1.00 35.35 ? 370 ASP A OD2 1 
ATOM   1445 N  N   . LEU A 1 180 ? -5.476  13.560  7.096   1.00 22.43 ? 371 LEU A N   1 
ATOM   1446 C  CA  . LEU A 1 180 ? -5.295  12.116  7.255   1.00 21.65 ? 371 LEU A CA  1 
ATOM   1447 C  C   . LEU A 1 180 ? -4.056  11.759  8.071   1.00 21.80 ? 371 LEU A C   1 
ATOM   1448 O  O   . LEU A 1 180 ? -4.099  10.821  8.863   1.00 20.96 ? 371 LEU A O   1 
ATOM   1449 C  CB  . LEU A 1 180 ? -5.260  11.420  5.908   1.00 21.70 ? 371 LEU A CB  1 
ATOM   1450 C  CG  . LEU A 1 180 ? -6.612  11.265  5.216   1.00 20.30 ? 371 LEU A CG  1 
ATOM   1451 C  CD1 . LEU A 1 180 ? -6.365  10.864  3.781   1.00 18.26 ? 371 LEU A CD1 1 
ATOM   1452 C  CD2 . LEU A 1 180 ? -7.477  10.235  5.955   1.00 21.56 ? 371 LEU A CD2 1 
ATOM   1453 N  N   . SER A 1 181 ? -2.973  12.524  7.873   1.00 21.42 ? 372 SER A N   1 
ATOM   1454 C  CA  . SER A 1 181 ? -1.751  12.379  8.642   1.00 21.59 ? 372 SER A CA  1 
ATOM   1455 C  C   . SER A 1 181 ? -1.975  12.593  10.135  1.00 22.49 ? 372 SER A C   1 
ATOM   1456 O  O   . SER A 1 181 ? -1.401  11.882  10.950  1.00 21.23 ? 372 SER A O   1 
ATOM   1457 C  CB  . SER A 1 181 ? -0.690  13.360  8.128   1.00 21.23 ? 372 SER A CB  1 
ATOM   1458 O  OG  . SER A 1 181 ? -0.369  13.030  6.791   1.00 20.37 ? 372 SER A OG  1 
ATOM   1459 N  N   . GLY A 1 182 ? -2.797  13.593  10.482  1.00 23.83 ? 373 GLY A N   1 
ATOM   1460 C  CA  . GLY A 1 182 ? -3.133  13.876  11.886  1.00 24.46 ? 373 GLY A CA  1 
ATOM   1461 C  C   . GLY A 1 182 ? -3.923  12.740  12.515  1.00 25.15 ? 373 GLY A C   1 
ATOM   1462 O  O   . GLY A 1 182 ? -3.728  12.406  13.687  1.00 25.62 ? 373 GLY A O   1 
ATOM   1463 N  N   . ARG A 1 183 ? -4.817  12.150  11.732  1.00 25.82 ? 374 ARG A N   1 
ATOM   1464 C  CA  . ARG A 1 183 ? -5.641  11.040  12.208  1.00 26.97 ? 374 ARG A CA  1 
ATOM   1465 C  C   . ARG A 1 183 ? -4.825  9.775   12.418  1.00 26.90 ? 374 ARG A C   1 
ATOM   1466 O  O   . ARG A 1 183 ? -5.051  9.056   13.395  1.00 27.85 ? 374 ARG A O   1 
ATOM   1467 C  CB  . ARG A 1 183 ? -6.803  10.748  11.244  1.00 27.69 ? 374 ARG A CB  1 
ATOM   1468 C  CG  . ARG A 1 183 ? -7.756  11.915  11.024  1.00 29.71 ? 374 ARG A CG  1 
ATOM   1469 C  CD  . ARG A 1 183 ? -8.924  11.507  10.117  1.00 35.04 ? 374 ARG A CD  1 
ATOM   1470 N  NE  . ARG A 1 183 ? -9.706  12.669  9.689   1.00 38.48 ? 374 ARG A NE  1 
ATOM   1471 C  CZ  . ARG A 1 183 ? -10.849 12.613  9.006   1.00 42.02 ? 374 ARG A CZ  1 
ATOM   1472 N  NH1 . ARG A 1 183 ? -11.379 11.441  8.657   1.00 42.95 ? 374 ARG A NH1 1 
ATOM   1473 N  NH2 . ARG A 1 183 ? -11.471 13.745  8.669   1.00 43.53 ? 374 ARG A NH2 1 
ATOM   1474 N  N   . LEU A 1 184 ? -3.889  9.502   11.509  1.00 26.25 ? 375 LEU A N   1 
ATOM   1475 C  CA  . LEU A 1 184 ? -3.065  8.311   11.592  1.00 26.18 ? 375 LEU A CA  1 
ATOM   1476 C  C   . LEU A 1 184 ? -2.124  8.397   12.794  1.00 26.90 ? 375 LEU A C   1 
ATOM   1477 O  O   . LEU A 1 184 ? -1.971  7.423   13.531  1.00 26.77 ? 375 LEU A O   1 
ATOM   1478 C  CB  . LEU A 1 184 ? -2.268  8.078   10.301  1.00 24.68 ? 375 LEU A CB  1 
ATOM   1479 C  CG  . LEU A 1 184 ? -1.256  6.917   10.316  1.00 22.67 ? 375 LEU A CG  1 
ATOM   1480 C  CD1 . LEU A 1 184 ? -1.878  5.584   10.715  1.00 22.46 ? 375 LEU A CD1 1 
ATOM   1481 C  CD2 . LEU A 1 184 ? -0.610  6.752   8.975   1.00 19.12 ? 375 LEU A CD2 1 
ATOM   1482 N  N   . ARG A 1 185 ? -1.503  9.559   12.975  1.00 27.67 ? 376 ARG A N   1 
ATOM   1483 C  CA  . ARG A 1 185 ? -0.602  9.786   14.096  1.00 29.12 ? 376 ARG A CA  1 
ATOM   1484 C  C   . ARG A 1 185 ? -1.323  9.601   15.438  1.00 29.06 ? 376 ARG A C   1 
ATOM   1485 O  O   . ARG A 1 185 ? -0.735  9.114   16.395  1.00 29.15 ? 376 ARG A O   1 
ATOM   1486 C  CB  . ARG A 1 185 ? 0.018   11.178  14.016  1.00 29.62 ? 376 ARG A CB  1 
ATOM   1487 C  CG  . ARG A 1 185 ? 1.129   11.413  15.044  1.00 31.94 ? 376 ARG A CG  1 
ATOM   1488 C  CD  . ARG A 1 185 ? 0.879   12.729  15.751  1.00 37.26 ? 376 ARG A CD  1 
ATOM   1489 N  NE  . ARG A 1 185 ? 1.505   12.791  17.074  1.00 42.02 ? 376 ARG A NE  1 
ATOM   1490 C  CZ  . ARG A 1 185 ? 1.156   12.051  18.132  1.00 43.91 ? 376 ARG A CZ  1 
ATOM   1491 N  NH1 . ARG A 1 185 ? 0.186   11.150  18.055  1.00 46.07 ? 376 ARG A NH1 1 
ATOM   1492 N  NH2 . ARG A 1 185 ? 1.794   12.207  19.281  1.00 45.14 ? 376 ARG A NH2 1 
ATOM   1493 N  N   . ALA A 1 186 ? -2.595  9.983   15.485  1.00 29.25 ? 377 ALA A N   1 
ATOM   1494 C  CA  . ALA A 1 186 ? -3.419  9.809   16.670  1.00 29.68 ? 377 ALA A CA  1 
ATOM   1495 C  C   . ALA A 1 186 ? -3.830  8.342   16.861  1.00 29.95 ? 377 ALA A C   1 
ATOM   1496 O  O   . ALA A 1 186 ? -3.945  7.857   17.988  1.00 29.86 ? 377 ALA A O   1 
ATOM   1497 C  CB  . ALA A 1 186 ? -4.662  10.705  16.586  1.00 29.32 ? 377 ALA A CB  1 
ATOM   1498 N  N   . ILE A 1 187 ? -4.085  7.651   15.759  1.00 30.21 ? 378 ILE A N   1 
ATOM   1499 C  CA  . ILE A 1 187 ? -4.441  6.238   15.809  1.00 30.58 ? 378 ILE A CA  1 
ATOM   1500 C  C   . ILE A 1 187 ? -3.286  5.419   16.374  1.00 31.66 ? 378 ILE A C   1 
ATOM   1501 O  O   . ILE A 1 187 ? -3.488  4.579   17.256  1.00 31.97 ? 378 ILE A O   1 
ATOM   1502 C  CB  . ILE A 1 187 ? -4.868  5.704   14.416  1.00 29.97 ? 378 ILE A CB  1 
ATOM   1503 C  CG1 . ILE A 1 187 ? -6.237  6.256   14.030  1.00 27.28 ? 378 ILE A CG1 1 
ATOM   1504 C  CG2 . ILE A 1 187 ? -4.884  4.173   14.391  1.00 29.53 ? 378 ILE A CG2 1 
ATOM   1505 C  CD1 . ILE A 1 187 ? -6.593  6.122   12.550  1.00 33.23 ? 378 ILE A CD1 1 
ATOM   1506 N  N   . LEU A 1 188 ? -2.084  5.680   15.869  1.00 32.81 ? 379 LEU A N   1 
ATOM   1507 C  CA  . LEU A 1 188 ? -0.889  4.963   16.296  1.00 34.47 ? 379 LEU A CA  1 
ATOM   1508 C  C   . LEU A 1 188 ? -0.544  5.320   17.745  1.00 36.05 ? 379 LEU A C   1 
ATOM   1509 O  O   . LEU A 1 188 ? -0.301  4.425   18.562  1.00 36.63 ? 379 LEU A O   1 
ATOM   1510 C  CB  . LEU A 1 188 ? 0.281   5.256   15.343  1.00 34.06 ? 379 LEU A CB  1 
ATOM   1511 C  CG  . LEU A 1 188 ? 0.543   4.397   14.076  1.00 34.22 ? 379 LEU A CG  1 
ATOM   1512 C  CD1 . LEU A 1 188 ? -0.672  3.647   13.531  1.00 33.64 ? 379 LEU A CD1 1 
ATOM   1513 C  CD2 . LEU A 1 188 ? 1.145   5.248   12.969  1.00 32.83 ? 379 LEU A CD2 1 
ATOM   1514 N  N   . GLN A 1 189 ? -0.564  6.621   18.051  1.00 37.43 ? 380 GLN A N   1 
ATOM   1515 C  CA  . GLN A 1 189 ? -0.243  7.153   19.377  1.00 39.02 ? 380 GLN A CA  1 
ATOM   1516 C  C   . GLN A 1 189 ? -1.172  8.320   19.785  1.00 39.98 ? 380 GLN A C   1 
ATOM   1517 O  O   . GLN A 1 189 ? -0.692  9.475   19.796  1.00 33.23 ? 380 GLN A O   1 
ATOM   1518 C  CB  . GLN A 1 189 ? 1.230   7.591   19.439  1.00 39.06 ? 380 GLN A CB  1 
ATOM   1519 C  CG  . GLN A 1 189 ? 2.213   6.418   19.391  1.00 39.38 ? 380 GLN A CG  1 
ATOM   1520 C  CD  . GLN A 1 189 ? 3.666   6.850   19.454  1.00 39.24 ? 380 GLN A CD  1 
ATOM   1521 O  OE1 . GLN A 1 189 ? 4.009   7.883   20.047  1.00 39.18 ? 380 GLN A OE1 1 
ATOM   1522 N  NE2 . GLN A 1 189 ? 4.538   6.038   18.862  1.00 37.33 ? 380 GLN A NE2 1 
ATOM   1523 O  OXT . GLN A 1 189 ? -2.357  8.119   20.091  1.00 40.56 ? 380 GLN A OXT 1 
HETATM 1524 ZN ZN  . ZN  B 2 .   ? -8.359  -7.169  4.501   1.00 31.77 ? 400 ZN  A ZN  1 
HETATM 1525 O  O   . HOH C 3 .   ? -8.350  -2.580  1.981   1.00 26.07 ? 401 HOH A O   1 
HETATM 1526 O  O   . HOH C 3 .   ? 8.234   9.475   5.497   1.00 34.64 ? 402 HOH A O   1 
HETATM 1527 O  O   . HOH C 3 .   ? -3.244  20.554  -2.769  1.00 26.59 ? 403 HOH A O   1 
HETATM 1528 O  O   . HOH C 3 .   ? -3.630  11.172  1.266   1.00 23.31 ? 405 HOH A O   1 
HETATM 1529 O  O   . HOH C 3 .   ? -5.738  5.750   -24.406 1.00 31.08 ? 406 HOH A O   1 
HETATM 1530 O  O   . HOH C 3 .   ? -9.940  2.518   -3.919  1.00 24.77 ? 407 HOH A O   1 
HETATM 1531 O  O   . HOH C 3 .   ? -3.648  -1.676  2.340   1.00 30.38 ? 408 HOH A O   1 
HETATM 1532 O  O   . HOH C 3 .   ? -3.659  10.369  20.454  1.00 32.14 ? 409 HOH A O   1 
HETATM 1533 O  O   . HOH C 3 .   ? 25.205  -10.010 -2.380  1.00 39.96 ? 410 HOH A O   1 
HETATM 1534 O  O   . HOH C 3 .   ? 10.678  6.394   3.839   1.00 48.54 ? 411 HOH A O   1 
HETATM 1535 O  O   . HOH C 3 .   ? 16.274  -3.521  7.318   1.00 33.26 ? 412 HOH A O   1 
HETATM 1536 O  O   . HOH C 3 .   ? -5.410  -9.495  -7.511  1.00 33.99 ? 414 HOH A O   1 
HETATM 1537 O  O   . HOH C 3 .   ? -8.778  -5.136  -0.102  1.00 23.07 ? 415 HOH A O   1 
HETATM 1538 O  O   . HOH C 3 .   ? 2.135   18.851  -10.106 1.00 39.11 ? 417 HOH A O   1 
HETATM 1539 O  O   . HOH C 3 .   ? 9.349   -3.806  8.351   1.00 29.24 ? 418 HOH A O   1 
HETATM 1540 O  O   . HOH C 3 .   ? -5.007  21.447  -7.768  1.00 36.14 ? 419 HOH A O   1 
HETATM 1541 O  O   . HOH C 3 .   ? 10.804  -0.353  -2.120  1.00 30.30 ? 421 HOH A O   1 
HETATM 1542 O  O   . HOH C 3 .   ? 11.849  3.814   -5.614  1.00 44.39 ? 422 HOH A O   1 
HETATM 1543 O  O   . HOH C 3 .   ? 6.255   9.613   20.145  1.00 35.92 ? 423 HOH A O   1 
HETATM 1544 O  O   . HOH C 3 .   ? -7.823  -4.833  3.734   1.00 25.36 ? 426 HOH A O   1 
HETATM 1545 O  O   . HOH C 3 .   ? 20.754  -6.749  0.225   1.00 36.21 ? 427 HOH A O   1 
HETATM 1546 O  O   . HOH C 3 .   ? -10.556 -3.764  2.867   1.00 41.99 ? 428 HOH A O   1 
HETATM 1547 O  O   . HOH C 3 .   ? 19.416  -18.521 -1.370  1.00 42.88 ? 429 HOH A O   1 
HETATM 1548 O  O   . HOH C 3 .   ? -9.084  19.772  -9.658  1.00 39.35 ? 430 HOH A O   1 
HETATM 1549 O  O   . HOH C 3 .   ? -4.091  -13.558 10.523  1.00 43.98 ? 434 HOH A O   1 
HETATM 1550 O  O   . HOH C 3 .   ? 8.718   9.612   2.833   1.00 44.99 ? 436 HOH A O   1 
HETATM 1551 O  O   . HOH C 3 .   ? 3.507   -10.283 14.465  1.00 25.30 ? 437 HOH A O   1 
HETATM 1552 O  O   . HOH C 3 .   ? 4.864   15.527  -1.002  1.00 35.54 ? 438 HOH A O   1 
# 
